data_7Y23
#
_entry.id   7Y23
#
_cell.length_a   1.00
_cell.length_b   1.00
_cell.length_c   1.00
_cell.angle_alpha   90.00
_cell.angle_beta   90.00
_cell.angle_gamma   90.00
#
_symmetry.space_group_name_H-M   'P 1'
#
_entity_poly.entity_id   1
_entity_poly.type   'polypeptide(L)'
_entity_poly.pdbx_seq_one_letter_code
;MANMQGGQRLGTNQGKGQSAADKLALFLKVFGGEVLTAFARTSVTTNRHMQRQISSGKSAQFPVIGRTKAAYLQPGESLD
DKRKDIKHTEKTINIDGLLTADVLIYDIEDAMNHYDVRSEYTSQIGESLAMAADGAVLAELAGLVNLADSVNENIAGLGK
PSLLEVGLKADLTDPVKLGQAVIAQLTIARAALTKNYVPANDRTFYTTPDVYSAILAALMPNAANYAALIDPERGSIRNV
MGFEVVEVPHLTAGGAGDDRPDEGAEATNQKHAFPAAGGKVNKENVVGLFQHRSAVGTVKLKDLALERARRTEYQADQIV
AKYAMGHGGLRPESAGALVFTAASA
;
_entity_poly.pdbx_strand_id   G,A,B,C,D,E,F
#
# COMPACT_ATOMS: atom_id res chain seq x y z
N ALA A 2 47.37 -57.85 -108.30
CA ALA A 2 46.91 -59.09 -107.71
C ALA A 2 46.07 -58.83 -106.46
N ASN A 3 45.03 -58.02 -106.62
CA ASN A 3 44.14 -57.72 -105.50
C ASN A 3 43.37 -58.95 -105.07
N MET A 4 43.26 -59.14 -103.76
CA MET A 4 42.55 -60.29 -103.22
C MET A 4 41.04 -60.08 -103.35
N GLN A 5 40.31 -61.19 -103.43
CA GLN A 5 38.85 -61.17 -103.53
C GLN A 5 38.25 -61.88 -102.34
N GLY A 6 37.07 -61.42 -101.91
CA GLY A 6 36.43 -62.00 -100.75
C GLY A 6 37.22 -61.82 -99.48
N GLY A 7 37.72 -60.62 -99.22
CA GLY A 7 38.64 -60.39 -98.13
C GLY A 7 38.01 -59.93 -96.84
N GLN A 8 36.78 -60.35 -96.57
CA GLN A 8 36.13 -60.14 -95.27
C GLN A 8 36.11 -58.67 -94.88
N ARG A 9 35.36 -57.87 -95.64
CA ARG A 9 35.24 -56.45 -95.35
C ARG A 9 34.21 -56.25 -94.25
N LEU A 10 34.68 -55.94 -93.04
CA LEU A 10 33.78 -55.77 -91.91
C LEU A 10 33.10 -54.40 -91.95
N GLY A 11 33.78 -53.40 -92.52
CA GLY A 11 33.21 -52.06 -92.52
C GLY A 11 31.98 -51.93 -93.39
N THR A 12 31.97 -52.61 -94.53
CA THR A 12 30.86 -52.48 -95.47
C THR A 12 29.55 -52.95 -94.85
N ASN A 13 28.48 -52.22 -95.14
CA ASN A 13 27.20 -52.48 -94.49
C ASN A 13 26.62 -53.83 -94.92
N GLN A 14 26.76 -54.18 -96.19
CA GLN A 14 26.16 -55.40 -96.78
C GLN A 14 24.65 -55.31 -96.54
N GLY A 15 24.03 -56.25 -95.84
CA GLY A 15 22.62 -56.17 -95.52
C GLY A 15 21.74 -56.48 -96.71
N LYS A 16 20.42 -56.39 -96.45
CA LYS A 16 19.45 -56.69 -97.50
C LYS A 16 19.15 -55.44 -98.33
N GLY A 17 18.65 -54.39 -97.69
CA GLY A 17 18.31 -53.17 -98.38
C GLY A 17 19.24 -52.02 -98.06
N GLN A 18 20.32 -52.31 -97.35
CA GLN A 18 21.26 -51.25 -96.96
C GLN A 18 21.99 -50.71 -98.17
N SER A 19 22.36 -49.43 -98.09
CA SER A 19 22.99 -48.76 -99.23
C SER A 19 24.40 -49.31 -99.49
N ALA A 20 25.11 -49.73 -98.45
CA ALA A 20 26.51 -50.13 -98.53
C ALA A 20 27.28 -48.93 -99.09
N ALA A 21 28.21 -49.12 -100.04
CA ALA A 21 28.93 -48.03 -100.70
C ALA A 21 29.84 -47.28 -99.74
N ASP A 22 29.85 -47.69 -98.47
CA ASP A 22 30.74 -47.09 -97.49
C ASP A 22 31.70 -48.16 -96.96
N LYS A 23 33.00 -47.90 -97.12
CA LYS A 23 33.99 -48.93 -96.83
C LYS A 23 34.07 -49.22 -95.33
N LEU A 24 33.77 -48.23 -94.48
CA LEU A 24 33.96 -48.35 -93.04
C LEU A 24 32.74 -47.80 -92.30
N ALA A 25 31.56 -48.16 -92.78
CA ALA A 25 30.32 -47.66 -92.18
C ALA A 25 30.05 -48.31 -90.83
N LEU A 26 30.26 -49.63 -90.72
CA LEU A 26 29.92 -50.32 -89.48
C LEU A 26 30.83 -49.93 -88.33
N PHE A 27 32.04 -49.45 -88.65
CA PHE A 27 32.92 -48.93 -87.60
C PHE A 27 32.33 -47.66 -87.02
N LEU A 28 32.42 -47.52 -85.70
CA LEU A 28 31.78 -46.43 -84.98
C LEU A 28 32.82 -45.49 -84.41
N LYS A 29 32.52 -44.20 -84.47
CA LYS A 29 33.43 -43.17 -83.97
C LYS A 29 33.54 -43.25 -82.45
N VAL A 30 34.75 -43.06 -81.94
CA VAL A 30 35.03 -43.14 -80.52
C VAL A 30 35.48 -41.77 -80.02
N PHE A 31 35.50 -41.63 -78.69
CA PHE A 31 35.93 -40.39 -78.06
C PHE A 31 37.42 -40.16 -78.31
N GLY A 32 37.78 -38.91 -78.58
CA GLY A 32 39.17 -38.57 -78.76
C GLY A 32 39.95 -38.63 -77.46
N GLY A 33 41.23 -38.26 -77.56
CA GLY A 33 42.10 -38.31 -76.39
C GLY A 33 41.68 -37.35 -75.30
N GLU A 34 41.39 -36.12 -75.66
CA GLU A 34 41.13 -35.06 -74.69
C GLU A 34 40.01 -34.15 -75.19
N VAL A 35 39.38 -33.45 -74.24
CA VAL A 35 38.35 -32.48 -74.59
C VAL A 35 39.01 -31.16 -74.98
N LEU A 36 38.57 -30.62 -76.12
CA LEU A 36 39.13 -29.36 -76.61
C LEU A 36 38.30 -28.19 -76.10
N THR A 37 38.94 -27.32 -75.32
CA THR A 37 38.27 -26.22 -74.65
C THR A 37 38.84 -24.89 -75.11
N ALA A 38 38.05 -23.83 -74.96
CA ALA A 38 38.46 -22.50 -75.37
C ALA A 38 39.63 -22.01 -74.52
N PHE A 39 40.46 -21.16 -75.11
CA PHE A 39 41.61 -20.63 -74.39
C PHE A 39 41.16 -19.74 -73.23
N ALA A 40 41.83 -19.89 -72.10
CA ALA A 40 41.52 -19.09 -70.92
C ALA A 40 42.05 -17.67 -71.09
N ARG A 41 41.17 -16.70 -70.80
CA ARG A 41 41.56 -15.29 -70.79
C ARG A 41 42.36 -15.05 -69.51
N THR A 42 43.67 -15.29 -69.58
CA THR A 42 44.51 -15.23 -68.39
C THR A 42 44.53 -13.82 -67.81
N SER A 43 44.60 -13.76 -66.48
CA SER A 43 44.59 -12.50 -65.75
C SER A 43 46.04 -12.04 -65.53
N VAL A 44 46.40 -10.92 -66.15
CA VAL A 44 47.77 -10.42 -66.04
C VAL A 44 48.05 -9.90 -64.64
N THR A 45 47.05 -9.29 -64.03
CA THR A 45 47.18 -8.61 -62.75
C THR A 45 47.12 -9.42 -61.46
N THR A 46 47.03 -10.73 -61.55
CA THR A 46 46.94 -11.54 -60.34
C THR A 46 48.15 -11.35 -59.42
N ASN A 47 49.34 -11.28 -60.00
CA ASN A 47 50.57 -11.11 -59.23
C ASN A 47 51.13 -9.69 -59.30
N ARG A 48 50.31 -8.75 -59.75
CA ARG A 48 50.76 -7.38 -59.94
C ARG A 48 49.93 -6.36 -59.15
N HIS A 49 49.26 -6.80 -58.09
CA HIS A 49 48.62 -5.89 -57.17
C HIS A 49 48.53 -6.54 -55.79
N MET A 50 47.84 -5.86 -54.87
CA MET A 50 48.10 -6.07 -53.45
C MET A 50 47.44 -7.35 -52.92
N GLN A 51 46.16 -7.57 -53.22
CA GLN A 51 45.44 -8.78 -52.81
C GLN A 51 45.41 -8.95 -51.28
N ARG A 52 44.73 -8.05 -50.59
CA ARG A 52 44.51 -8.24 -49.17
C ARG A 52 43.18 -8.96 -48.92
N GLN A 53 43.07 -9.56 -47.73
CA GLN A 53 41.89 -10.33 -47.35
C GLN A 53 41.33 -9.80 -46.04
N ILE A 54 40.00 -9.67 -45.98
CA ILE A 54 39.30 -9.25 -44.78
C ILE A 54 38.16 -10.23 -44.52
N SER A 55 37.64 -10.20 -43.30
CA SER A 55 36.51 -11.04 -42.91
C SER A 55 35.48 -10.18 -42.20
N SER A 56 34.20 -10.38 -42.56
CA SER A 56 33.08 -9.69 -41.95
C SER A 56 33.24 -8.17 -42.00
N GLY A 57 33.33 -7.61 -43.20
CA GLY A 57 33.45 -6.17 -43.34
C GLY A 57 32.80 -5.63 -44.58
N LYS A 58 32.08 -4.51 -44.45
CA LYS A 58 31.52 -3.85 -45.62
C LYS A 58 32.62 -3.26 -46.50
N SER A 59 33.66 -2.71 -45.88
CA SER A 59 34.75 -2.07 -46.61
C SER A 59 36.04 -2.27 -45.86
N ALA A 60 37.16 -1.93 -46.51
CA ALA A 60 38.49 -2.04 -45.93
C ALA A 60 39.17 -0.68 -45.95
N GLN A 61 39.95 -0.40 -44.92
CA GLN A 61 40.64 0.88 -44.76
C GLN A 61 42.14 0.66 -44.78
N PHE A 62 42.85 1.47 -45.57
CA PHE A 62 44.30 1.44 -45.61
C PHE A 62 44.85 2.81 -45.23
N PRO A 63 45.38 2.99 -44.03
CA PRO A 63 45.99 4.28 -43.69
C PRO A 63 47.38 4.40 -44.32
N VAL A 64 47.74 5.64 -44.66
CA VAL A 64 49.04 5.94 -45.25
C VAL A 64 49.70 7.05 -44.43
N ILE A 65 51.02 7.11 -44.50
CA ILE A 65 51.84 7.97 -43.67
C ILE A 65 52.70 8.85 -44.57
N GLY A 66 53.06 10.02 -44.07
CA GLY A 66 53.57 11.08 -44.93
C GLY A 66 54.95 11.66 -44.67
N ARG A 67 55.91 10.81 -44.31
CA ARG A 67 57.32 11.19 -44.23
C ARG A 67 57.62 12.21 -43.12
N THR A 68 58.90 12.52 -42.95
CA THR A 68 59.34 13.50 -41.97
C THR A 68 60.74 13.97 -42.36
N LYS A 69 61.18 15.05 -41.71
CA LYS A 69 62.47 15.67 -41.99
C LYS A 69 63.29 15.71 -40.71
N ALA A 70 64.57 15.37 -40.81
CA ALA A 70 65.46 15.41 -39.66
C ALA A 70 66.10 16.78 -39.53
N ALA A 71 66.45 17.15 -38.30
CA ALA A 71 67.06 18.44 -38.01
C ALA A 71 68.15 18.26 -36.95
N TYR A 72 69.15 19.12 -36.97
CA TYR A 72 70.22 19.05 -36.00
C TYR A 72 69.78 19.66 -34.67
N LEU A 73 70.08 18.95 -33.58
CA LEU A 73 69.76 19.41 -32.24
C LEU A 73 71.04 19.83 -31.54
N GLN A 74 71.34 21.13 -31.59
CA GLN A 74 72.48 21.65 -30.88
C GLN A 74 72.26 21.53 -29.38
N PRO A 75 73.34 21.39 -28.60
CA PRO A 75 73.17 21.26 -27.14
C PRO A 75 72.50 22.49 -26.55
N GLY A 76 71.62 22.25 -25.59
CA GLY A 76 70.85 23.32 -24.99
C GLY A 76 69.63 23.71 -25.79
N GLU A 77 69.07 22.77 -26.54
CA GLU A 77 67.87 22.99 -27.32
C GLU A 77 66.84 21.90 -26.99
N SER A 78 65.59 22.17 -27.36
CA SER A 78 64.47 21.31 -27.04
C SER A 78 63.86 20.74 -28.30
N LEU A 79 63.60 19.43 -28.30
CA LEU A 79 62.95 18.78 -29.43
C LEU A 79 61.52 19.26 -29.64
N ASP A 80 60.83 19.68 -28.58
CA ASP A 80 59.47 20.16 -28.72
C ASP A 80 59.39 21.47 -29.51
N ASP A 81 60.45 22.28 -29.50
CA ASP A 81 60.43 23.53 -30.23
C ASP A 81 60.50 23.29 -31.73
N LYS A 82 61.22 22.26 -32.16
CA LYS A 82 61.35 21.91 -33.57
C LYS A 82 60.65 20.57 -33.80
N ARG A 83 59.40 20.64 -34.23
CA ARG A 83 58.59 19.45 -34.47
C ARG A 83 57.46 19.81 -35.41
N LYS A 84 57.34 19.08 -36.52
CA LYS A 84 56.36 19.37 -37.54
C LYS A 84 55.14 18.47 -37.49
N ASP A 85 55.35 17.19 -37.18
CA ASP A 85 54.43 16.04 -37.17
C ASP A 85 54.39 15.40 -38.55
N ILE A 86 53.77 14.23 -38.66
CA ILE A 86 53.69 13.48 -39.91
C ILE A 86 52.23 13.38 -40.31
N LYS A 87 51.93 13.76 -41.56
CA LYS A 87 50.56 13.80 -42.02
C LYS A 87 49.99 12.41 -42.24
N HIS A 88 48.73 12.23 -41.86
CA HIS A 88 47.99 10.99 -42.08
C HIS A 88 46.80 11.28 -42.98
N THR A 89 46.51 10.37 -43.90
CA THR A 89 45.27 10.40 -44.65
C THR A 89 44.81 8.97 -44.91
N GLU A 90 43.64 8.83 -45.52
CA GLU A 90 42.94 7.55 -45.59
C GLU A 90 42.59 7.20 -47.02
N LYS A 91 42.75 5.93 -47.36
CA LYS A 91 42.24 5.34 -48.59
C LYS A 91 41.39 4.13 -48.24
N THR A 92 40.09 4.22 -48.48
CA THR A 92 39.15 3.16 -48.19
C THR A 92 38.54 2.66 -49.49
N ILE A 93 38.46 1.34 -49.63
CA ILE A 93 37.87 0.71 -50.81
C ILE A 93 36.89 -0.36 -50.35
N ASN A 94 35.72 -0.38 -50.96
CA ASN A 94 34.59 -1.18 -50.50
C ASN A 94 34.33 -2.32 -51.48
N ILE A 95 33.93 -3.47 -50.94
CA ILE A 95 33.68 -4.64 -51.78
C ILE A 95 32.36 -4.46 -52.51
N ASP A 96 32.28 -4.99 -53.73
CA ASP A 96 31.05 -4.97 -54.49
C ASP A 96 30.17 -6.14 -54.09
N GLY A 97 29.04 -6.30 -54.76
CA GLY A 97 28.15 -7.40 -54.45
C GLY A 97 28.75 -8.73 -54.85
N LEU A 98 28.06 -9.81 -54.50
CA LEU A 98 28.50 -11.16 -54.85
C LEU A 98 28.56 -11.31 -56.37
N LEU A 99 29.65 -11.84 -56.89
CA LEU A 99 29.82 -12.07 -58.32
C LEU A 99 29.83 -13.58 -58.56
N THR A 100 28.91 -14.05 -59.40
CA THR A 100 28.66 -15.48 -59.56
C THR A 100 28.68 -15.85 -61.04
N ALA A 101 29.00 -17.12 -61.28
CA ALA A 101 28.87 -17.74 -62.59
C ALA A 101 28.46 -19.19 -62.38
N ASP A 102 27.50 -19.67 -63.18
CA ASP A 102 26.93 -20.99 -62.95
C ASP A 102 26.54 -21.64 -64.27
N VAL A 103 26.39 -22.97 -64.22
CA VAL A 103 25.89 -23.76 -65.33
C VAL A 103 24.87 -24.75 -64.80
N LEU A 104 24.00 -25.24 -65.68
CA LEU A 104 23.00 -26.24 -65.34
C LEU A 104 23.22 -27.46 -66.22
N ILE A 105 23.32 -28.63 -65.59
CA ILE A 105 23.61 -29.89 -66.27
C ILE A 105 22.43 -30.83 -66.04
N TYR A 106 21.82 -31.29 -67.13
CA TYR A 106 20.68 -32.19 -67.01
C TYR A 106 21.17 -33.63 -66.85
N ASP A 107 20.40 -34.43 -66.10
CA ASP A 107 20.80 -35.80 -65.81
C ASP A 107 20.84 -36.66 -67.06
N ILE A 108 19.85 -36.48 -67.95
CA ILE A 108 19.76 -37.33 -69.13
C ILE A 108 20.91 -37.01 -70.09
N GLU A 109 21.25 -35.74 -70.23
CA GLU A 109 22.34 -35.35 -71.14
C GLU A 109 23.69 -35.70 -70.55
N ASP A 110 23.82 -35.67 -69.23
CA ASP A 110 25.08 -36.05 -68.59
C ASP A 110 25.32 -37.55 -68.75
N ALA A 111 24.26 -38.36 -68.67
CA ALA A 111 24.42 -39.80 -68.82
C ALA A 111 24.81 -40.16 -70.26
N MET A 112 24.20 -39.50 -71.24
CA MET A 112 24.53 -39.76 -72.64
C MET A 112 25.93 -39.30 -72.98
N ASN A 113 26.51 -38.41 -72.18
CA ASN A 113 27.81 -37.84 -72.50
C ASN A 113 28.90 -38.89 -72.40
N HIS A 114 29.90 -38.79 -73.29
CA HIS A 114 30.98 -39.75 -73.36
C HIS A 114 32.26 -39.28 -72.66
N TYR A 115 32.24 -38.10 -72.05
CA TYR A 115 33.41 -37.57 -71.37
C TYR A 115 32.98 -36.79 -70.13
N ASP A 116 33.93 -36.61 -69.21
CA ASP A 116 33.65 -35.84 -68.00
C ASP A 116 33.60 -34.35 -68.33
N VAL A 117 32.41 -33.76 -68.20
CA VAL A 117 32.21 -32.36 -68.53
C VAL A 117 32.06 -31.47 -67.30
N ARG A 118 31.69 -32.03 -66.15
CA ARG A 118 31.52 -31.21 -64.96
C ARG A 118 32.85 -30.58 -64.53
N SER A 119 33.93 -31.36 -64.59
CA SER A 119 35.23 -30.83 -64.19
C SER A 119 35.70 -29.73 -65.15
N GLU A 120 35.31 -29.81 -66.41
CA GLU A 120 35.72 -28.80 -67.37
C GLU A 120 34.87 -27.53 -67.23
N TYR A 121 33.64 -27.67 -66.74
CA TYR A 121 32.80 -26.50 -66.54
C TYR A 121 33.31 -25.63 -65.40
N THR A 122 33.76 -26.25 -64.31
CA THR A 122 34.29 -25.48 -63.19
C THR A 122 35.52 -24.67 -63.62
N SER A 123 36.35 -25.25 -64.48
CA SER A 123 37.48 -24.50 -65.01
C SER A 123 37.03 -23.30 -65.84
N GLN A 124 36.00 -23.50 -66.68
CA GLN A 124 35.48 -22.41 -67.48
C GLN A 124 34.76 -21.38 -66.61
N ILE A 125 34.03 -21.84 -65.59
CA ILE A 125 33.32 -20.93 -64.71
C ILE A 125 34.32 -20.10 -63.89
N GLY A 126 35.31 -20.76 -63.31
CA GLY A 126 36.31 -20.04 -62.53
C GLY A 126 37.11 -19.06 -63.38
N GLU A 127 37.41 -19.45 -64.63
CA GLU A 127 38.12 -18.54 -65.53
C GLU A 127 37.27 -17.33 -65.88
N SER A 128 35.95 -17.50 -65.94
CA SER A 128 35.07 -16.37 -66.24
C SER A 128 35.11 -15.34 -65.12
N LEU A 129 35.25 -15.80 -63.89
CA LEU A 129 35.31 -14.87 -62.76
C LEU A 129 36.61 -14.07 -62.76
N ALA A 130 37.72 -14.71 -63.10
CA ALA A 130 39.02 -14.03 -63.05
C ALA A 130 39.10 -12.91 -64.07
N MET A 131 38.48 -13.08 -65.24
CA MET A 131 38.52 -12.04 -66.26
C MET A 131 37.80 -10.78 -65.79
N ALA A 132 36.69 -10.95 -65.06
CA ALA A 132 35.99 -9.80 -64.51
C ALA A 132 36.85 -9.03 -63.52
N ALA A 133 37.55 -9.76 -62.65
CA ALA A 133 38.47 -9.11 -61.72
C ALA A 133 39.63 -8.46 -62.45
N ASP A 134 40.15 -9.12 -63.49
CA ASP A 134 41.27 -8.57 -64.24
C ASP A 134 40.90 -7.26 -64.91
N GLY A 135 39.72 -7.21 -65.53
CA GLY A 135 39.29 -5.98 -66.18
C GLY A 135 38.99 -4.87 -65.20
N ALA A 136 38.45 -5.23 -64.03
CA ALA A 136 38.11 -4.21 -63.02
C ALA A 136 39.36 -3.55 -62.47
N VAL A 137 40.44 -4.32 -62.29
CA VAL A 137 41.69 -3.74 -61.79
C VAL A 137 42.23 -2.70 -62.77
N LEU A 138 42.17 -3.01 -64.07
CA LEU A 138 42.58 -2.03 -65.08
C LEU A 138 41.69 -0.79 -65.04
N ALA A 139 40.41 -0.98 -64.74
CA ALA A 139 39.49 0.16 -64.68
C ALA A 139 39.85 1.10 -63.54
N GLU A 140 40.26 0.55 -62.39
CA GLU A 140 40.64 1.39 -61.26
C GLU A 140 41.96 2.10 -61.52
N LEU A 141 42.85 1.46 -62.29
CA LEU A 141 44.13 2.08 -62.60
C LEU A 141 43.94 3.35 -63.44
N ALA A 142 43.04 3.31 -64.43
CA ALA A 142 42.75 4.51 -65.18
C ALA A 142 41.97 5.51 -64.34
N GLY A 143 41.26 5.02 -63.32
CA GLY A 143 40.58 5.92 -62.40
C GLY A 143 41.55 6.79 -61.63
N LEU A 144 42.75 6.29 -61.38
CA LEU A 144 43.77 7.08 -60.69
C LEU A 144 44.25 8.24 -61.54
N VAL A 145 44.40 8.01 -62.84
CA VAL A 145 44.99 9.03 -63.70
C VAL A 145 44.04 10.21 -63.88
N ASN A 146 42.74 9.94 -64.01
CA ASN A 146 41.77 10.99 -64.26
C ASN A 146 41.11 11.49 -62.98
N LEU A 147 41.83 11.47 -61.86
CA LEU A 147 41.34 12.09 -60.64
C LEU A 147 41.29 13.61 -60.81
N ALA A 148 40.49 14.24 -59.97
CA ALA A 148 40.41 15.70 -59.99
C ALA A 148 41.76 16.31 -59.63
N ASP A 149 42.02 17.49 -60.19
CA ASP A 149 43.32 18.14 -59.99
C ASP A 149 43.52 18.57 -58.54
N SER A 150 42.45 18.54 -57.74
CA SER A 150 42.57 18.95 -56.34
C SER A 150 42.65 17.74 -55.42
N VAL A 151 42.39 16.54 -55.94
CA VAL A 151 42.32 15.34 -55.12
C VAL A 151 43.29 14.26 -55.63
N ASN A 152 44.15 14.61 -56.59
CA ASN A 152 44.97 13.59 -57.26
C ASN A 152 45.96 12.95 -56.30
N GLU A 153 46.58 13.75 -55.42
CA GLU A 153 47.61 13.23 -54.53
C GLU A 153 46.99 12.71 -53.24
N ASN A 154 47.66 11.74 -52.60
CA ASN A 154 47.27 11.37 -51.25
C ASN A 154 47.56 12.50 -50.28
N ILE A 155 48.78 13.03 -50.30
CA ILE A 155 49.20 14.14 -49.46
C ILE A 155 49.89 15.14 -50.38
N ALA A 156 49.84 16.42 -50.04
CA ALA A 156 50.41 17.48 -50.86
C ALA A 156 51.89 17.20 -51.09
N GLY A 157 52.32 17.33 -52.34
CA GLY A 157 53.71 17.09 -52.68
C GLY A 157 54.19 15.66 -52.48
N LEU A 158 53.42 14.68 -52.95
CA LEU A 158 53.78 13.28 -52.78
C LEU A 158 53.83 12.51 -54.10
N GLY A 159 53.28 13.05 -55.18
CA GLY A 159 53.36 12.43 -56.49
C GLY A 159 52.05 12.47 -57.24
N LYS A 160 52.17 12.52 -58.56
CA LYS A 160 51.06 12.74 -59.47
C LYS A 160 51.04 11.67 -60.56
N PRO A 161 49.86 11.42 -61.15
CA PRO A 161 49.76 10.31 -62.12
C PRO A 161 50.53 10.51 -63.42
N SER A 162 50.88 11.73 -63.79
CA SER A 162 51.71 11.98 -64.98
C SER A 162 51.06 11.47 -66.28
N LEU A 163 49.97 12.10 -66.70
CA LEU A 163 49.20 11.70 -67.88
C LEU A 163 50.03 11.51 -69.15
N LEU A 164 50.95 12.43 -69.47
CA LEU A 164 51.77 12.38 -70.68
C LEU A 164 50.93 12.45 -71.95
N GLU A 165 51.59 12.27 -73.10
CA GLU A 165 50.97 12.40 -74.42
C GLU A 165 51.72 11.50 -75.39
N VAL A 166 51.14 11.32 -76.58
CA VAL A 166 51.72 10.46 -77.60
C VAL A 166 51.85 11.23 -78.92
N GLY A 167 51.11 12.32 -79.06
CA GLY A 167 51.17 13.11 -80.28
C GLY A 167 50.30 12.59 -81.41
N LEU A 168 48.99 12.56 -81.20
CA LEU A 168 47.99 12.16 -82.18
C LEU A 168 48.20 10.74 -82.68
N LYS A 169 47.37 10.32 -83.64
CA LYS A 169 47.46 8.97 -84.19
C LYS A 169 47.38 9.00 -85.71
N ALA A 170 46.80 10.05 -86.27
CA ALA A 170 46.65 10.15 -87.72
C ALA A 170 48.01 10.25 -88.40
N ASP A 171 48.93 11.04 -87.82
CA ASP A 171 50.24 11.22 -88.43
C ASP A 171 51.13 10.00 -88.26
N LEU A 172 50.85 9.16 -87.26
CA LEU A 172 51.73 8.02 -86.99
C LEU A 172 51.66 6.99 -88.11
N THR A 173 50.44 6.61 -88.52
CA THR A 173 50.20 5.72 -89.66
C THR A 173 50.91 4.39 -89.42
N ASP A 174 52.10 4.15 -89.98
CA ASP A 174 52.71 2.84 -89.94
C ASP A 174 53.07 2.45 -88.51
N PRO A 175 52.97 1.16 -88.17
CA PRO A 175 53.25 0.74 -86.78
C PRO A 175 54.69 0.97 -86.35
N VAL A 176 55.64 0.94 -87.29
CA VAL A 176 57.04 1.08 -86.91
C VAL A 176 57.31 2.47 -86.35
N LYS A 177 56.66 3.49 -86.90
CA LYS A 177 56.83 4.83 -86.37
C LYS A 177 56.05 5.03 -85.08
N LEU A 178 55.04 4.21 -84.83
CA LEU A 178 54.33 4.25 -83.55
C LEU A 178 55.23 3.80 -82.41
N GLY A 179 56.06 2.79 -82.64
CA GLY A 179 56.94 2.31 -81.59
C GLY A 179 57.93 3.37 -81.13
N GLN A 180 58.40 4.21 -82.06
CA GLN A 180 59.32 5.28 -81.68
C GLN A 180 58.65 6.26 -80.73
N ALA A 181 57.40 6.65 -81.02
CA ALA A 181 56.70 7.60 -80.15
C ALA A 181 56.46 7.02 -78.76
N VAL A 182 56.06 5.75 -78.70
CA VAL A 182 55.74 5.13 -77.41
C VAL A 182 57.00 4.96 -76.58
N ILE A 183 58.07 4.45 -77.19
CA ILE A 183 59.31 4.19 -76.44
C ILE A 183 59.95 5.51 -76.01
N ALA A 184 59.96 6.50 -76.90
CA ALA A 184 60.51 7.81 -76.54
C ALA A 184 59.71 8.45 -75.40
N GLN A 185 58.41 8.15 -75.32
CA GLN A 185 57.60 8.67 -74.24
C GLN A 185 57.82 7.90 -72.95
N LEU A 186 58.26 6.64 -73.05
CA LEU A 186 58.54 5.87 -71.84
C LEU A 186 59.79 6.38 -71.16
N THR A 187 60.58 7.22 -71.84
CA THR A 187 61.69 7.88 -71.18
C THR A 187 61.19 8.81 -70.07
N ILE A 188 60.19 9.64 -70.37
CA ILE A 188 59.65 10.54 -69.36
C ILE A 188 58.88 9.75 -68.31
N ALA A 189 58.17 8.70 -68.73
CA ALA A 189 57.35 7.93 -67.80
C ALA A 189 58.18 7.30 -66.70
N ARG A 190 59.33 6.72 -67.06
CA ARG A 190 60.24 6.18 -66.03
C ARG A 190 60.81 7.31 -65.18
N ALA A 191 61.21 8.41 -65.82
CA ALA A 191 61.77 9.53 -65.07
C ALA A 191 60.75 10.13 -64.12
N ALA A 192 59.51 10.34 -64.60
CA ALA A 192 58.48 10.93 -63.75
C ALA A 192 58.13 10.01 -62.58
N LEU A 193 58.09 8.70 -62.82
CA LEU A 193 57.77 7.76 -61.75
C LEU A 193 58.89 7.71 -60.72
N THR A 194 60.14 7.85 -61.16
CA THR A 194 61.26 7.83 -60.22
C THR A 194 61.28 9.09 -59.36
N LYS A 195 60.90 10.24 -59.92
CA LYS A 195 60.88 11.48 -59.17
C LYS A 195 59.97 11.41 -57.95
N ASN A 196 58.99 10.52 -57.95
CA ASN A 196 58.11 10.31 -56.81
C ASN A 196 58.63 9.23 -55.87
N TYR A 197 59.90 8.83 -56.03
CA TYR A 197 60.54 7.83 -55.17
C TYR A 197 59.85 6.47 -55.28
N VAL A 198 59.19 6.22 -56.41
CA VAL A 198 58.65 4.87 -56.65
C VAL A 198 59.81 3.91 -56.89
N PRO A 199 59.91 2.80 -56.17
CA PRO A 199 61.08 1.93 -56.31
C PRO A 199 61.20 1.35 -57.71
N ALA A 200 62.45 1.21 -58.16
CA ALA A 200 62.71 0.56 -59.43
C ALA A 200 62.37 -0.92 -59.35
N ASN A 201 62.02 -1.50 -60.49
CA ASN A 201 61.53 -2.86 -60.72
C ASN A 201 60.07 -2.96 -60.31
N ASP A 202 59.43 -4.09 -60.64
CA ASP A 202 58.00 -4.29 -60.37
C ASP A 202 57.15 -3.23 -61.07
N ARG A 203 57.68 -2.68 -62.16
CA ARG A 203 56.98 -1.73 -62.99
C ARG A 203 56.54 -2.42 -64.27
N THR A 204 55.27 -2.27 -64.63
CA THR A 204 54.72 -2.94 -65.80
C THR A 204 53.91 -1.97 -66.62
N PHE A 205 53.81 -2.25 -67.91
CA PHE A 205 53.08 -1.42 -68.86
C PHE A 205 52.02 -2.28 -69.56
N TYR A 206 50.77 -1.89 -69.41
CA TYR A 206 49.64 -2.59 -70.02
C TYR A 206 49.22 -1.85 -71.27
N THR A 207 49.13 -2.56 -72.39
CA THR A 207 48.76 -1.94 -73.65
C THR A 207 48.12 -2.98 -74.56
N THR A 208 47.45 -2.48 -75.60
CA THR A 208 46.79 -3.34 -76.57
C THR A 208 47.84 -4.11 -77.39
N PRO A 209 47.46 -5.29 -77.91
CA PRO A 209 48.43 -6.05 -78.73
C PRO A 209 48.94 -5.29 -79.94
N ASP A 210 48.14 -4.39 -80.50
CA ASP A 210 48.60 -3.60 -81.64
C ASP A 210 49.79 -2.73 -81.28
N VAL A 211 49.72 -2.06 -80.13
CA VAL A 211 50.85 -1.24 -79.68
C VAL A 211 52.01 -2.13 -79.28
N TYR A 212 51.72 -3.27 -78.62
CA TYR A 212 52.75 -4.24 -78.30
C TYR A 212 53.51 -4.68 -79.55
N SER A 213 52.80 -4.94 -80.65
CA SER A 213 53.48 -5.26 -81.89
C SER A 213 54.25 -4.07 -82.43
N ALA A 214 53.69 -2.86 -82.28
CA ALA A 214 54.38 -1.66 -82.73
C ALA A 214 55.68 -1.44 -81.95
N ILE A 215 55.66 -1.71 -80.64
CA ILE A 215 56.86 -1.55 -79.84
C ILE A 215 57.95 -2.51 -80.30
N LEU A 216 57.58 -3.76 -80.57
CA LEU A 216 58.57 -4.73 -81.02
C LEU A 216 59.17 -4.35 -82.36
N ALA A 217 58.41 -3.60 -83.18
CA ALA A 217 58.93 -3.16 -84.47
C ALA A 217 60.13 -2.24 -84.30
N ALA A 218 60.08 -1.33 -83.34
CA ALA A 218 61.18 -0.40 -83.13
C ALA A 218 62.42 -1.10 -82.59
N LEU A 219 62.22 -2.16 -81.78
CA LEU A 219 63.36 -2.88 -81.22
C LEU A 219 64.18 -3.56 -82.32
N MET A 220 63.51 -4.11 -83.32
CA MET A 220 64.21 -4.76 -84.43
C MET A 220 65.01 -3.75 -85.25
N GLY A 235 54.73 -14.28 -71.10
CA GLY A 235 55.05 -13.97 -72.48
C GLY A 235 55.07 -12.48 -72.76
N SER A 236 55.61 -11.71 -71.82
CA SER A 236 55.69 -10.27 -71.92
C SER A 236 57.14 -9.83 -72.15
N ILE A 237 57.29 -8.71 -72.84
CA ILE A 237 58.64 -8.17 -73.07
C ILE A 237 59.22 -7.73 -71.74
N ARG A 238 60.40 -8.25 -71.42
CA ARG A 238 61.04 -7.98 -70.14
C ARG A 238 62.00 -6.81 -70.27
N ASN A 239 61.87 -5.86 -69.35
CA ASN A 239 62.86 -4.79 -69.15
C ASN A 239 62.98 -3.88 -70.37
N VAL A 240 61.87 -3.35 -70.85
CA VAL A 240 61.93 -2.18 -71.73
C VAL A 240 61.97 -0.95 -70.84
N MET A 241 63.18 -0.40 -70.67
CA MET A 241 63.40 0.68 -69.71
C MET A 241 62.94 0.21 -68.33
N GLY A 242 62.38 1.12 -67.53
CA GLY A 242 61.91 0.74 -66.21
C GLY A 242 60.78 -0.29 -66.26
N PHE A 243 59.92 -0.18 -67.26
CA PHE A 243 58.67 -0.92 -67.25
C PHE A 243 58.81 -2.29 -67.94
N GLU A 244 57.78 -3.11 -67.75
CA GLU A 244 57.64 -4.40 -68.41
C GLU A 244 56.40 -4.36 -69.28
N VAL A 245 56.59 -4.44 -70.60
CA VAL A 245 55.48 -4.28 -71.52
C VAL A 245 54.63 -5.54 -71.54
N VAL A 246 53.34 -5.39 -71.27
CA VAL A 246 52.39 -6.50 -71.18
C VAL A 246 51.24 -6.21 -72.12
N GLU A 247 50.88 -7.20 -72.95
CA GLU A 247 49.78 -7.08 -73.89
C GLU A 247 48.53 -7.72 -73.27
N VAL A 248 47.43 -7.00 -73.31
CA VAL A 248 46.13 -7.51 -72.89
C VAL A 248 45.12 -7.23 -74.00
N PRO A 249 44.45 -8.25 -74.55
CA PRO A 249 43.41 -7.98 -75.54
C PRO A 249 42.26 -7.16 -74.98
N HIS A 250 41.99 -7.26 -73.69
CA HIS A 250 40.85 -6.59 -73.07
C HIS A 250 41.32 -5.38 -72.27
N LEU A 251 41.50 -4.25 -72.97
CA LEU A 251 41.50 -2.94 -72.35
C LEU A 251 40.17 -2.28 -72.64
N THR A 252 39.92 -1.16 -71.97
CA THR A 252 38.67 -0.41 -72.13
C THR A 252 37.45 -1.27 -71.81
N ALA A 253 37.64 -2.25 -70.93
CA ALA A 253 36.58 -3.14 -70.50
C ALA A 253 36.93 -3.69 -69.13
N GLY A 254 35.90 -4.16 -68.42
CA GLY A 254 36.08 -4.75 -67.12
C GLY A 254 34.85 -4.53 -66.27
N GLY A 255 34.90 -5.07 -65.05
CA GLY A 255 33.82 -4.88 -64.10
C GLY A 255 32.49 -5.45 -64.56
N ALA A 256 32.42 -6.77 -64.67
CA ALA A 256 31.18 -7.41 -65.12
C ALA A 256 30.02 -7.03 -64.21
N GLY A 257 28.96 -6.51 -64.82
CA GLY A 257 27.81 -6.03 -64.06
C GLY A 257 26.67 -7.02 -64.04
N ASP A 258 25.49 -6.51 -63.67
CA ASP A 258 24.29 -7.34 -63.62
C ASP A 258 23.94 -7.86 -65.00
N ASP A 259 23.67 -9.16 -65.08
CA ASP A 259 23.30 -9.99 -66.22
C ASP A 259 24.53 -10.34 -67.05
N ARG A 260 24.37 -11.24 -68.02
CA ARG A 260 25.43 -11.60 -68.94
C ARG A 260 25.15 -10.98 -70.30
N PRO A 261 26.00 -10.08 -70.78
CA PRO A 261 25.72 -9.41 -72.05
C PRO A 261 25.63 -10.40 -73.19
N ASP A 262 24.72 -10.12 -74.14
CA ASP A 262 24.47 -11.06 -75.23
C ASP A 262 25.69 -11.22 -76.12
N GLU A 263 26.18 -10.12 -76.69
CA GLU A 263 27.33 -10.16 -77.59
C GLU A 263 28.09 -8.84 -77.51
N GLY A 264 27.86 -7.95 -78.48
CA GLY A 264 28.51 -6.66 -78.50
C GLY A 264 27.74 -5.61 -77.71
N ALA A 265 27.46 -5.89 -76.45
CA ALA A 265 26.71 -4.98 -75.59
C ALA A 265 27.34 -4.95 -74.21
N GLU A 266 27.09 -3.87 -73.48
CA GLU A 266 27.60 -3.73 -72.12
C GLU A 266 26.58 -4.25 -71.11
N ALA A 267 27.07 -4.52 -69.91
CA ALA A 267 26.20 -4.95 -68.82
C ALA A 267 25.28 -3.80 -68.39
N THR A 268 24.14 -4.17 -67.81
CA THR A 268 23.15 -3.17 -67.43
C THR A 268 23.70 -2.21 -66.37
N ASN A 269 24.37 -2.75 -65.34
CA ASN A 269 24.96 -1.94 -64.28
C ASN A 269 26.42 -2.35 -64.12
N GLN A 270 27.29 -1.78 -64.93
CA GLN A 270 28.70 -2.14 -64.90
C GLN A 270 29.38 -1.57 -63.67
N LYS A 271 30.15 -2.40 -62.98
CA LYS A 271 30.78 -1.98 -61.74
C LYS A 271 31.94 -1.03 -62.01
N HIS A 272 32.96 -1.49 -62.72
CA HIS A 272 34.14 -0.68 -63.03
C HIS A 272 34.36 -0.68 -64.53
N ALA A 273 34.43 0.52 -65.12
CA ALA A 273 34.63 0.66 -66.56
C ALA A 273 35.40 1.94 -66.85
N PHE A 274 36.10 1.94 -67.98
CA PHE A 274 36.72 3.17 -68.44
C PHE A 274 35.66 4.17 -68.84
N PRO A 275 35.91 5.47 -68.67
CA PRO A 275 35.01 6.47 -69.26
C PRO A 275 35.07 6.42 -70.77
N ALA A 276 33.89 6.33 -71.40
CA ALA A 276 33.84 6.32 -72.85
C ALA A 276 34.37 7.62 -73.44
N ALA A 277 33.99 8.75 -72.86
CA ALA A 277 34.55 10.04 -73.23
C ALA A 277 34.59 10.95 -72.01
N GLY A 278 35.72 10.96 -71.31
CA GLY A 278 35.87 11.73 -70.09
C GLY A 278 36.96 12.77 -70.19
N GLY A 279 37.48 13.16 -69.04
CA GLY A 279 38.56 14.14 -68.99
C GLY A 279 39.83 13.64 -69.63
N LYS A 280 40.38 12.54 -69.12
CA LYS A 280 41.60 11.96 -69.64
C LYS A 280 41.55 10.44 -69.48
N VAL A 281 42.31 9.77 -70.35
CA VAL A 281 42.40 8.31 -70.40
C VAL A 281 41.00 7.76 -70.71
N ASN A 282 40.29 8.44 -71.61
CA ASN A 282 39.03 7.90 -72.09
C ASN A 282 39.27 6.92 -73.23
N LYS A 283 38.24 6.10 -73.51
CA LYS A 283 38.41 4.94 -74.36
C LYS A 283 38.84 5.32 -75.78
N GLU A 284 38.46 6.52 -76.24
CA GLU A 284 38.76 6.91 -77.61
C GLU A 284 40.26 7.07 -77.82
N ASN A 285 40.98 7.55 -76.82
CA ASN A 285 42.43 7.74 -76.91
C ASN A 285 43.14 7.11 -75.72
N VAL A 286 43.48 5.83 -75.84
CA VAL A 286 44.30 5.13 -74.85
C VAL A 286 45.36 4.33 -75.57
N VAL A 287 46.61 4.55 -75.20
CA VAL A 287 47.73 3.81 -75.77
C VAL A 287 48.18 2.75 -74.77
N GLY A 288 48.30 3.12 -73.50
CA GLY A 288 48.67 2.17 -72.48
C GLY A 288 48.62 2.77 -71.10
N LEU A 289 48.64 1.88 -70.11
CA LEU A 289 48.65 2.27 -68.70
C LEU A 289 49.86 1.65 -68.04
N PHE A 290 50.68 2.45 -67.37
CA PHE A 290 51.84 1.96 -66.65
C PHE A 290 51.64 2.21 -65.16
N GLN A 291 52.05 1.24 -64.35
CA GLN A 291 51.90 1.31 -62.91
C GLN A 291 52.96 0.44 -62.25
N HIS A 292 53.20 0.70 -60.97
CA HIS A 292 54.16 -0.07 -60.19
C HIS A 292 53.41 -0.90 -59.14
N ARG A 293 53.63 -2.21 -59.18
CA ARG A 293 53.23 -3.20 -58.17
C ARG A 293 52.11 -2.72 -57.24
N SER A 294 52.43 -1.77 -56.37
CA SER A 294 51.49 -1.27 -55.37
C SER A 294 50.85 0.03 -55.87
N ALA A 295 50.03 -0.13 -56.92
CA ALA A 295 49.23 0.97 -57.45
C ALA A 295 47.73 0.70 -57.42
N VAL A 296 47.31 -0.56 -57.38
CA VAL A 296 45.91 -0.94 -57.31
C VAL A 296 45.79 -2.02 -56.24
N GLY A 297 44.67 -2.02 -55.52
CA GLY A 297 44.49 -2.98 -54.46
C GLY A 297 43.19 -3.77 -54.59
N THR A 298 43.23 -5.03 -54.17
CA THR A 298 42.06 -5.90 -54.19
C THR A 298 41.82 -6.43 -52.79
N VAL A 299 40.60 -6.24 -52.29
CA VAL A 299 40.18 -6.76 -50.99
C VAL A 299 39.23 -7.91 -51.23
N LYS A 300 39.57 -9.08 -50.73
CA LYS A 300 38.81 -10.30 -50.98
C LYS A 300 38.09 -10.74 -49.71
N LEU A 301 36.81 -11.05 -49.85
CA LEU A 301 36.00 -11.61 -48.77
C LEU A 301 35.46 -12.95 -49.24
N LYS A 302 35.62 -13.98 -48.40
CA LYS A 302 35.22 -15.36 -48.65
C LYS A 302 36.08 -16.05 -49.72
N ASP A 303 37.01 -15.32 -50.33
CA ASP A 303 37.88 -15.86 -51.39
C ASP A 303 36.99 -16.39 -52.52
N LEU A 304 37.38 -17.47 -53.19
CA LEU A 304 36.58 -18.06 -54.25
C LEU A 304 36.18 -19.46 -53.84
N ALA A 305 34.90 -19.78 -53.98
CA ALA A 305 34.37 -21.09 -53.67
C ALA A 305 33.26 -21.45 -54.64
N LEU A 306 33.00 -22.74 -54.79
CA LEU A 306 31.94 -23.22 -55.67
C LEU A 306 31.18 -24.34 -54.98
N GLU A 307 29.87 -24.38 -55.21
CA GLU A 307 28.99 -25.36 -54.59
C GLU A 307 28.12 -26.01 -55.65
N ARG A 308 27.66 -27.22 -55.34
CA ARG A 308 26.83 -28.01 -56.24
C ARG A 308 25.48 -28.24 -55.61
N ALA A 309 24.41 -28.03 -56.37
CA ALA A 309 23.05 -28.13 -55.87
C ALA A 309 22.24 -29.04 -56.79
N ARG A 310 21.27 -29.75 -56.22
CA ARG A 310 20.42 -30.64 -56.96
C ARG A 310 19.08 -29.96 -57.27
N ARG A 311 18.72 -29.93 -58.55
CA ARG A 311 17.45 -29.35 -58.98
C ARG A 311 16.53 -30.50 -59.39
N THR A 312 15.81 -31.05 -58.40
CA THR A 312 15.00 -32.25 -58.65
C THR A 312 13.86 -31.97 -59.62
N GLU A 313 13.24 -30.79 -59.51
CA GLU A 313 12.08 -30.49 -60.34
C GLU A 313 12.47 -30.45 -61.82
N TYR A 314 13.71 -30.10 -62.13
CA TYR A 314 14.21 -30.11 -63.49
C TYR A 314 15.08 -31.31 -63.80
N GLN A 315 15.27 -32.22 -62.84
CA GLN A 315 16.12 -33.40 -63.01
C GLN A 315 17.52 -33.00 -63.47
N ALA A 316 18.08 -31.97 -62.85
CA ALA A 316 19.36 -31.41 -63.26
C ALA A 316 20.24 -31.15 -62.04
N ASP A 317 21.52 -30.91 -62.31
CA ASP A 317 22.49 -30.51 -61.30
C ASP A 317 23.03 -29.14 -61.67
N GLN A 318 23.20 -28.28 -60.67
CA GLN A 318 23.67 -26.92 -60.88
C GLN A 318 24.99 -26.71 -60.15
N ILE A 319 25.97 -26.19 -60.86
CA ILE A 319 27.29 -25.87 -60.30
C ILE A 319 27.50 -24.37 -60.43
N VAL A 320 27.74 -23.69 -59.31
CA VAL A 320 27.91 -22.25 -59.27
C VAL A 320 29.20 -21.93 -58.52
N ALA A 321 29.99 -21.02 -59.07
CA ALA A 321 31.20 -20.51 -58.42
C ALA A 321 31.01 -19.02 -58.17
N LYS A 322 31.59 -18.53 -57.08
CA LYS A 322 31.28 -17.19 -56.60
C LYS A 322 32.45 -16.63 -55.79
N TYR A 323 32.54 -15.31 -55.76
CA TYR A 323 33.46 -14.61 -54.88
C TYR A 323 32.95 -13.20 -54.65
N ALA A 324 33.45 -12.57 -53.59
CA ALA A 324 33.15 -11.19 -53.26
C ALA A 324 34.45 -10.43 -53.05
N MET A 325 34.78 -9.54 -54.00
CA MET A 325 36.00 -8.78 -53.92
C MET A 325 35.71 -7.32 -54.23
N GLY A 326 36.61 -6.44 -53.76
CA GLY A 326 36.55 -5.03 -54.07
C GLY A 326 37.88 -4.52 -54.58
N HIS A 327 37.85 -3.68 -55.61
CA HIS A 327 39.05 -3.19 -56.27
C HIS A 327 39.16 -1.70 -56.05
N GLY A 328 40.36 -1.22 -55.75
CA GLY A 328 40.53 0.17 -55.37
C GLY A 328 41.72 0.89 -55.96
N GLY A 329 41.83 2.18 -55.65
CA GLY A 329 42.85 3.05 -56.24
C GLY A 329 43.82 3.67 -55.26
N LEU A 330 44.33 2.89 -54.30
CA LEU A 330 45.32 3.43 -53.38
C LEU A 330 46.62 3.74 -54.12
N ARG A 331 47.41 4.64 -53.55
CA ARG A 331 48.73 5.00 -54.06
C ARG A 331 48.68 5.54 -55.49
N PRO A 332 48.11 6.74 -55.70
CA PRO A 332 48.04 7.29 -57.06
C PRO A 332 49.37 7.65 -57.67
N GLU A 333 50.38 7.99 -56.87
CA GLU A 333 51.63 8.51 -57.43
C GLU A 333 52.35 7.46 -58.26
N SER A 334 52.07 6.18 -58.04
CA SER A 334 52.74 5.13 -58.80
C SER A 334 51.96 4.78 -60.06
N ALA A 335 50.81 5.41 -60.27
CA ALA A 335 50.00 5.14 -61.46
C ALA A 335 50.45 6.02 -62.63
N GLY A 336 49.99 5.69 -63.82
CA GLY A 336 50.32 6.46 -65.01
C GLY A 336 49.52 6.00 -66.21
N ALA A 337 49.70 6.73 -67.31
CA ALA A 337 48.98 6.43 -68.55
C ALA A 337 49.69 7.05 -69.74
N LEU A 338 49.34 6.56 -70.93
CA LEU A 338 49.73 7.16 -72.20
C LEU A 338 48.47 7.33 -73.04
N VAL A 339 48.25 8.55 -73.56
CA VAL A 339 47.04 8.86 -74.31
C VAL A 339 47.41 9.56 -75.61
N PHE A 340 46.60 9.31 -76.64
CA PHE A 340 46.75 10.02 -77.90
C PHE A 340 46.31 11.47 -77.73
N THR A 341 46.96 12.37 -78.47
CA THR A 341 46.58 13.77 -78.43
C THR A 341 45.34 14.02 -79.26
N ALA A 342 44.43 14.84 -78.73
CA ALA A 342 43.18 15.13 -79.41
C ALA A 342 43.36 16.29 -80.40
N ALA B 2 43.06 41.43 45.63
CA ALA B 2 42.79 41.60 44.21
C ALA B 2 43.71 40.70 43.38
N ASN B 3 44.16 41.22 42.24
CA ASN B 3 45.04 40.46 41.36
C ASN B 3 46.40 40.27 42.01
N MET B 4 47.00 39.12 41.75
CA MET B 4 48.31 38.78 42.30
C MET B 4 49.40 39.26 41.34
N GLN B 5 50.25 40.17 41.82
CA GLN B 5 51.33 40.70 41.01
C GLN B 5 52.59 39.87 41.22
N GLY B 6 53.46 39.86 40.20
CA GLY B 6 54.68 39.09 40.28
C GLY B 6 54.50 37.60 40.10
N GLY B 7 53.41 37.17 39.48
CA GLY B 7 53.17 35.76 39.24
C GLY B 7 53.98 35.26 38.05
N GLN B 8 54.38 34.00 38.13
CA GLN B 8 55.21 33.42 37.09
C GLN B 8 54.38 33.13 35.84
N ARG B 9 54.46 34.00 34.84
CA ARG B 9 53.68 33.87 33.61
C ARG B 9 54.57 33.20 32.55
N LEU B 10 54.29 31.93 32.27
CA LEU B 10 55.09 31.19 31.31
C LEU B 10 54.72 31.55 29.87
N GLY B 11 53.49 31.99 29.66
CA GLY B 11 53.02 32.24 28.30
C GLY B 11 53.66 33.46 27.66
N THR B 12 53.78 34.55 28.42
CA THR B 12 54.26 35.80 27.86
C THR B 12 55.76 35.71 27.55
N ASN B 13 56.23 36.61 26.69
CA ASN B 13 57.56 36.46 26.11
C ASN B 13 58.65 36.97 27.05
N GLN B 14 58.45 38.13 27.66
CA GLN B 14 59.53 38.90 28.29
C GLN B 14 60.57 39.14 27.19
N GLY B 15 61.82 38.76 27.37
CA GLY B 15 62.80 39.01 26.33
C GLY B 15 63.37 40.41 26.42
N LYS B 16 64.56 40.57 25.84
CA LYS B 16 65.25 41.86 25.93
C LYS B 16 64.54 42.93 25.11
N GLY B 17 64.12 42.59 23.89
CA GLY B 17 63.45 43.54 23.04
C GLY B 17 62.10 43.09 22.51
N GLN B 18 61.59 41.96 23.01
CA GLN B 18 60.32 41.45 22.54
C GLN B 18 59.16 42.29 23.04
N SER B 19 58.06 42.28 22.29
CA SER B 19 56.89 43.07 22.66
C SER B 19 56.24 42.55 23.94
N ALA B 20 56.07 41.23 24.03
CA ALA B 20 55.47 40.55 25.18
C ALA B 20 54.05 41.03 25.47
N ALA B 21 53.32 41.46 24.44
CA ALA B 21 51.93 41.87 24.65
C ALA B 21 51.01 40.66 24.77
N ASP B 22 51.31 39.60 24.02
CA ASP B 22 50.47 38.40 24.01
C ASP B 22 50.79 37.55 25.22
N LYS B 23 49.74 37.11 25.92
CA LYS B 23 49.93 36.33 27.15
C LYS B 23 50.10 34.85 26.85
N LEU B 24 49.88 34.45 25.59
CA LEU B 24 49.97 33.05 25.19
C LEU B 24 51.02 32.81 24.10
N ALA B 25 52.06 33.64 24.05
CA ALA B 25 53.02 33.57 22.96
C ALA B 25 53.85 32.29 23.02
N LEU B 26 54.39 31.96 24.20
CA LEU B 26 55.30 30.82 24.29
C LEU B 26 54.54 29.50 24.18
N PHE B 27 53.27 29.48 24.59
CA PHE B 27 52.47 28.29 24.36
C PHE B 27 52.24 28.10 22.87
N LEU B 28 52.40 26.87 22.40
CA LEU B 28 52.38 26.56 20.98
C LEU B 28 51.18 25.68 20.65
N LYS B 29 50.54 25.99 19.52
CA LYS B 29 49.41 25.21 19.05
C LYS B 29 49.87 23.82 18.63
N VAL B 30 49.07 22.82 18.99
CA VAL B 30 49.41 21.42 18.73
C VAL B 30 48.46 20.88 17.67
N PHE B 31 48.88 19.77 17.05
CA PHE B 31 48.07 19.13 16.04
C PHE B 31 46.88 18.42 16.68
N GLY B 32 45.70 18.60 16.08
CA GLY B 32 44.52 17.92 16.57
C GLY B 32 44.63 16.42 16.41
N GLY B 33 43.61 15.73 16.92
CA GLY B 33 43.64 14.27 16.89
C GLY B 33 43.62 13.69 15.50
N GLU B 34 42.74 14.19 14.63
CA GLU B 34 42.52 13.61 13.32
C GLU B 34 42.35 14.71 12.27
N VAL B 35 42.56 14.34 11.01
CA VAL B 35 42.33 15.26 9.91
C VAL B 35 40.90 15.12 9.41
N LEU B 36 40.26 16.25 9.13
CA LEU B 36 38.91 16.27 8.58
C LEU B 36 38.99 16.10 7.06
N THR B 37 38.18 15.19 6.54
CA THR B 37 38.16 14.91 5.12
C THR B 37 36.76 15.06 4.57
N ALA B 38 36.66 15.39 3.29
CA ALA B 38 35.37 15.59 2.66
C ALA B 38 34.57 14.28 2.67
N PHE B 39 33.25 14.41 2.82
CA PHE B 39 32.39 13.25 2.87
C PHE B 39 32.44 12.48 1.56
N ALA B 40 32.47 11.16 1.65
CA ALA B 40 32.57 10.33 0.46
C ALA B 40 31.29 10.40 -0.35
N ARG B 41 31.45 10.36 -1.67
CA ARG B 41 30.33 10.35 -2.61
C ARG B 41 30.29 9.00 -3.31
N THR B 42 29.10 8.41 -3.38
CA THR B 42 28.91 7.08 -3.93
C THR B 42 28.18 7.16 -5.27
N SER B 43 28.66 6.38 -6.24
CA SER B 43 28.04 6.31 -7.56
C SER B 43 26.90 5.31 -7.51
N VAL B 44 25.75 5.68 -8.08
CA VAL B 44 24.55 4.86 -7.94
C VAL B 44 24.36 3.94 -9.15
N THR B 45 24.72 4.41 -10.34
CA THR B 45 24.45 3.68 -11.57
C THR B 45 25.54 2.66 -11.91
N THR B 46 26.49 2.44 -11.01
CA THR B 46 27.61 1.54 -11.31
C THR B 46 27.13 0.13 -11.62
N ASN B 47 26.17 -0.38 -10.84
CA ASN B 47 25.66 -1.73 -11.05
C ASN B 47 24.28 -1.76 -11.67
N ARG B 48 23.81 -0.64 -12.23
CA ARG B 48 22.46 -0.56 -12.76
C ARG B 48 22.41 -0.30 -14.27
N HIS B 49 23.47 -0.62 -15.00
CA HIS B 49 23.43 -0.56 -16.46
C HIS B 49 24.48 -1.51 -17.03
N MET B 50 24.73 -1.37 -18.34
CA MET B 50 25.44 -2.40 -19.09
C MET B 50 26.93 -2.39 -18.77
N GLN B 51 27.64 -1.31 -19.11
CA GLN B 51 29.10 -1.22 -18.94
C GLN B 51 29.83 -2.32 -19.71
N ARG B 52 29.73 -2.26 -21.04
CA ARG B 52 30.47 -3.19 -21.88
C ARG B 52 31.81 -2.57 -22.29
N GLN B 53 32.77 -3.42 -22.63
CA GLN B 53 34.14 -3.00 -22.90
C GLN B 53 34.53 -3.33 -24.33
N ILE B 54 35.22 -2.40 -24.99
CA ILE B 54 35.73 -2.59 -26.34
C ILE B 54 37.20 -2.23 -26.36
N SER B 55 37.86 -2.53 -27.48
CA SER B 55 39.27 -2.22 -27.69
C SER B 55 39.45 -1.62 -29.08
N SER B 56 40.26 -0.56 -29.16
CA SER B 56 40.64 0.06 -30.43
C SER B 56 39.43 0.49 -31.24
N GLY B 57 38.57 1.31 -30.64
CA GLY B 57 37.40 1.81 -31.35
C GLY B 57 37.07 3.25 -31.03
N LYS B 58 36.75 4.03 -32.06
CA LYS B 58 36.28 5.39 -31.84
C LYS B 58 34.85 5.38 -31.30
N SER B 59 34.04 4.41 -31.75
CA SER B 59 32.65 4.31 -31.35
C SER B 59 32.26 2.84 -31.32
N ALA B 60 31.16 2.55 -30.63
CA ALA B 60 30.62 1.21 -30.52
C ALA B 60 29.21 1.18 -31.08
N GLN B 61 28.90 0.15 -31.86
CA GLN B 61 27.61 0.02 -32.52
C GLN B 61 26.87 -1.18 -31.95
N PHE B 62 25.59 -0.98 -31.63
CA PHE B 62 24.74 -2.04 -31.13
C PHE B 62 23.55 -2.25 -32.07
N PRO B 63 23.39 -3.44 -32.65
CA PRO B 63 22.27 -3.67 -33.56
C PRO B 63 21.03 -4.19 -32.84
N VAL B 64 19.85 -3.97 -33.40
CA VAL B 64 18.59 -4.38 -32.80
C VAL B 64 17.84 -5.25 -33.79
N ILE B 65 16.91 -6.06 -33.28
CA ILE B 65 16.09 -6.95 -34.08
C ILE B 65 14.62 -6.75 -33.70
N GLY B 66 13.74 -6.80 -34.71
CA GLY B 66 12.42 -6.24 -34.56
C GLY B 66 11.21 -7.13 -34.78
N ARG B 67 11.27 -8.37 -34.29
CA ARG B 67 10.10 -9.26 -34.25
C ARG B 67 9.61 -9.67 -35.62
N THR B 68 8.57 -10.51 -35.67
CA THR B 68 8.00 -10.98 -36.92
C THR B 68 6.56 -11.41 -36.68
N LYS B 69 5.85 -11.65 -37.78
CA LYS B 69 4.44 -12.03 -37.75
C LYS B 69 4.25 -13.33 -38.52
N ALA B 70 3.34 -14.17 -38.05
CA ALA B 70 3.07 -15.44 -38.70
C ALA B 70 1.89 -15.33 -39.67
N ALA B 71 1.74 -16.34 -40.52
CA ALA B 71 0.67 -16.37 -41.50
C ALA B 71 0.35 -17.82 -41.87
N TYR B 72 -0.83 -18.01 -42.46
CA TYR B 72 -1.32 -19.32 -42.88
C TYR B 72 -0.86 -19.63 -44.30
N LEU B 73 -0.46 -20.88 -44.53
CA LEU B 73 -0.06 -21.37 -45.84
C LEU B 73 -1.08 -22.41 -46.32
N GLN B 74 -1.87 -22.04 -47.31
CA GLN B 74 -2.81 -22.99 -47.91
C GLN B 74 -2.06 -24.04 -48.72
N PRO B 75 -2.61 -25.25 -48.81
CA PRO B 75 -1.94 -26.29 -49.62
C PRO B 75 -1.84 -25.86 -51.07
N GLY B 76 -0.60 -25.81 -51.57
CA GLY B 76 -0.36 -25.34 -52.91
C GLY B 76 0.11 -23.90 -53.00
N GLU B 77 0.43 -23.26 -51.88
CA GLU B 77 0.92 -21.88 -51.86
C GLU B 77 2.37 -21.87 -51.41
N SER B 78 3.17 -21.00 -52.03
CA SER B 78 4.59 -20.94 -51.73
C SER B 78 4.85 -19.99 -50.57
N LEU B 79 5.82 -20.35 -49.72
CA LEU B 79 6.23 -19.46 -48.65
C LEU B 79 6.90 -18.20 -49.20
N ASP B 80 7.48 -18.29 -50.39
CA ASP B 80 8.15 -17.15 -50.98
C ASP B 80 7.16 -16.05 -51.36
N ASP B 81 5.90 -16.43 -51.59
CA ASP B 81 4.91 -15.44 -52.01
C ASP B 81 4.49 -14.55 -50.85
N LYS B 82 4.53 -15.07 -49.63
CA LYS B 82 4.19 -14.32 -48.43
C LYS B 82 5.40 -14.31 -47.49
N ARG B 83 6.18 -13.24 -47.53
CA ARG B 83 7.29 -13.06 -46.61
C ARG B 83 7.45 -11.56 -46.37
N LYS B 84 7.80 -11.21 -45.13
CA LYS B 84 7.85 -9.81 -44.72
C LYS B 84 9.27 -9.34 -44.40
N ASP B 85 10.04 -10.16 -43.69
CA ASP B 85 11.40 -9.98 -43.14
C ASP B 85 11.34 -9.35 -41.75
N ILE B 86 12.49 -9.30 -41.08
CA ILE B 86 12.60 -8.76 -39.73
C ILE B 86 13.43 -7.49 -39.79
N LYS B 87 12.93 -6.42 -39.18
CA LYS B 87 13.55 -5.10 -39.30
C LYS B 87 14.86 -5.04 -38.53
N HIS B 88 15.76 -4.18 -39.01
CA HIS B 88 17.07 -3.99 -38.39
C HIS B 88 17.41 -2.51 -38.36
N THR B 89 18.08 -2.10 -37.29
CA THR B 89 18.75 -0.80 -37.22
C THR B 89 19.78 -0.85 -36.11
N GLU B 90 20.50 0.26 -35.93
CA GLU B 90 21.69 0.29 -35.10
C GLU B 90 21.58 1.34 -34.00
N LYS B 91 22.36 1.13 -32.94
CA LYS B 91 22.51 2.08 -31.84
C LYS B 91 23.99 2.37 -31.66
N THR B 92 24.31 3.66 -31.54
CA THR B 92 25.70 4.13 -31.53
C THR B 92 26.02 4.76 -30.18
N ILE B 93 27.13 4.33 -29.58
CA ILE B 93 27.66 4.94 -28.37
C ILE B 93 29.10 5.34 -28.63
N ASN B 94 29.31 6.60 -29.02
CA ASN B 94 30.65 7.04 -29.37
C ASN B 94 31.45 7.41 -28.12
N ILE B 95 32.72 7.03 -28.12
CA ILE B 95 33.58 7.21 -26.94
C ILE B 95 34.01 8.66 -26.84
N ASP B 96 33.97 9.21 -25.64
CA ASP B 96 34.35 10.60 -25.40
C ASP B 96 35.88 10.71 -25.31
N GLY B 97 36.33 11.92 -25.01
CA GLY B 97 37.76 12.15 -24.87
C GLY B 97 38.32 11.53 -23.60
N LEU B 98 39.60 11.80 -23.36
CA LEU B 98 40.24 11.31 -22.15
C LEU B 98 39.86 12.20 -20.97
N LEU B 99 39.37 11.56 -19.90
CA LEU B 99 38.95 12.26 -18.68
C LEU B 99 40.03 12.08 -17.63
N THR B 100 40.60 13.20 -17.17
CA THR B 100 41.75 13.17 -16.28
C THR B 100 41.50 14.00 -15.04
N ALA B 101 42.01 13.50 -13.90
CA ALA B 101 42.07 14.24 -12.65
C ALA B 101 43.45 14.03 -12.05
N ASP B 102 44.09 15.11 -11.62
CA ASP B 102 45.49 15.04 -11.20
C ASP B 102 45.74 15.98 -10.01
N VAL B 103 46.88 15.76 -9.37
CA VAL B 103 47.34 16.59 -8.26
C VAL B 103 48.86 16.58 -8.26
N LEU B 104 49.46 17.68 -7.80
CA LEU B 104 50.91 17.84 -7.76
C LEU B 104 51.33 18.22 -6.35
N ILE B 105 52.31 17.49 -5.81
CA ILE B 105 52.76 17.66 -4.44
C ILE B 105 54.25 17.97 -4.45
N TYR B 106 54.64 19.06 -3.82
CA TYR B 106 56.05 19.42 -3.75
C TYR B 106 56.74 18.69 -2.60
N ASP B 107 58.04 18.45 -2.75
CA ASP B 107 58.77 17.66 -1.76
C ASP B 107 58.97 18.44 -0.47
N ILE B 108 59.36 19.71 -0.57
CA ILE B 108 59.60 20.50 0.63
C ILE B 108 58.29 20.78 1.37
N GLU B 109 57.22 21.00 0.62
CA GLU B 109 55.94 21.30 1.25
C GLU B 109 55.35 20.05 1.90
N ASP B 110 55.64 18.87 1.35
CA ASP B 110 55.15 17.64 1.94
C ASP B 110 55.93 17.28 3.20
N ALA B 111 57.23 17.60 3.21
CA ALA B 111 58.06 17.30 4.38
C ALA B 111 57.65 18.15 5.57
N MET B 112 57.31 19.41 5.35
CA MET B 112 56.90 20.29 6.43
C MET B 112 55.57 19.85 7.03
N ASN B 113 54.76 19.15 6.25
CA ASN B 113 53.43 18.75 6.70
C ASN B 113 53.52 17.72 7.82
N HIS B 114 52.54 17.75 8.72
CA HIS B 114 52.55 16.85 9.87
C HIS B 114 51.60 15.68 9.66
N TYR B 115 50.70 15.78 8.69
CA TYR B 115 49.76 14.70 8.36
C TYR B 115 49.92 14.33 6.90
N ASP B 116 49.75 13.04 6.60
CA ASP B 116 49.96 12.55 5.25
C ASP B 116 48.71 12.78 4.40
N VAL B 117 48.92 13.10 3.13
CA VAL B 117 47.84 13.40 2.19
C VAL B 117 47.88 12.53 0.96
N ARG B 118 48.85 11.64 0.83
CA ARG B 118 48.98 10.82 -0.37
C ARG B 118 47.75 9.92 -0.56
N SER B 119 47.31 9.26 0.50
CA SER B 119 46.21 8.31 0.38
C SER B 119 44.89 9.00 0.05
N GLU B 120 44.65 10.17 0.66
CA GLU B 120 43.38 10.84 0.45
C GLU B 120 43.28 11.44 -0.94
N TYR B 121 44.40 11.95 -1.47
CA TYR B 121 44.37 12.54 -2.81
C TYR B 121 44.01 11.51 -3.87
N THR B 122 44.56 10.30 -3.76
CA THR B 122 44.26 9.25 -4.74
C THR B 122 42.78 8.88 -4.70
N SER B 123 42.21 8.79 -3.50
CA SER B 123 40.79 8.46 -3.39
C SER B 123 39.92 9.62 -3.86
N GLN B 124 40.41 10.85 -3.71
CA GLN B 124 39.63 12.01 -4.12
C GLN B 124 39.59 12.13 -5.65
N ILE B 125 40.73 11.95 -6.30
CA ILE B 125 40.77 12.08 -7.76
C ILE B 125 40.06 10.91 -8.43
N GLY B 126 40.17 9.71 -7.84
CA GLY B 126 39.44 8.57 -8.37
C GLY B 126 37.94 8.72 -8.21
N GLU B 127 37.50 9.28 -7.08
CA GLU B 127 36.07 9.51 -6.87
C GLU B 127 35.55 10.59 -7.81
N SER B 128 36.39 11.59 -8.12
CA SER B 128 35.96 12.65 -9.03
C SER B 128 35.63 12.09 -10.42
N LEU B 129 36.42 11.12 -10.89
CA LEU B 129 36.13 10.51 -12.18
C LEU B 129 34.83 9.70 -12.12
N ALA B 130 34.58 9.02 -11.00
CA ALA B 130 33.36 8.24 -10.86
C ALA B 130 32.12 9.12 -10.90
N MET B 131 32.20 10.32 -10.32
CA MET B 131 31.05 11.20 -10.29
C MET B 131 30.70 11.72 -11.68
N ALA B 132 31.72 11.94 -12.52
CA ALA B 132 31.46 12.39 -13.88
C ALA B 132 30.73 11.32 -14.69
N ALA B 133 31.10 10.06 -14.50
CA ALA B 133 30.40 8.97 -15.17
C ALA B 133 28.98 8.83 -14.64
N ASP B 134 28.79 9.02 -13.34
CA ASP B 134 27.45 8.93 -12.75
C ASP B 134 26.53 9.99 -13.33
N GLY B 135 27.01 11.23 -13.41
CA GLY B 135 26.17 12.30 -13.95
C GLY B 135 25.86 12.13 -15.42
N ALA B 136 26.83 11.62 -16.19
CA ALA B 136 26.63 11.45 -17.62
C ALA B 136 25.61 10.36 -17.92
N VAL B 137 25.63 9.28 -17.14
CA VAL B 137 24.68 8.18 -17.35
C VAL B 137 23.25 8.66 -17.13
N LEU B 138 23.02 9.41 -16.05
CA LEU B 138 21.69 9.95 -15.79
C LEU B 138 21.29 10.94 -16.85
N ALA B 139 22.24 11.73 -17.35
CA ALA B 139 21.93 12.68 -18.42
C ALA B 139 21.56 11.95 -19.71
N GLU B 140 22.22 10.83 -19.99
CA GLU B 140 21.87 10.03 -21.17
C GLU B 140 20.49 9.42 -21.04
N LEU B 141 20.12 9.00 -19.83
CA LEU B 141 18.78 8.48 -19.60
C LEU B 141 17.72 9.54 -19.87
N ALA B 142 17.98 10.78 -19.45
CA ALA B 142 17.06 11.86 -19.77
C ALA B 142 17.05 12.17 -21.27
N GLY B 143 18.16 11.90 -21.95
CA GLY B 143 18.20 12.13 -23.39
C GLY B 143 17.29 11.21 -24.16
N LEU B 144 17.00 10.02 -23.61
CA LEU B 144 16.08 9.11 -24.27
C LEU B 144 14.66 9.68 -24.32
N VAL B 145 14.22 10.30 -23.23
CA VAL B 145 12.89 10.89 -23.21
C VAL B 145 12.84 12.14 -24.08
N ASN B 146 13.98 12.81 -24.25
CA ASN B 146 14.09 13.97 -25.14
C ASN B 146 14.04 13.60 -26.61
N LEU B 147 14.02 12.31 -26.93
CA LEU B 147 13.98 11.88 -28.33
C LEU B 147 12.75 12.44 -29.03
N ALA B 148 12.95 12.89 -30.27
CA ALA B 148 11.86 13.46 -31.04
C ALA B 148 10.79 12.43 -31.31
N ASP B 149 9.58 12.91 -31.59
CA ASP B 149 8.45 12.01 -31.81
C ASP B 149 8.67 11.13 -33.04
N SER B 150 9.49 11.59 -33.99
CA SER B 150 9.75 10.81 -35.19
C SER B 150 10.72 9.66 -34.91
N VAL B 151 11.67 9.88 -34.00
CA VAL B 151 12.73 8.91 -33.74
C VAL B 151 12.70 8.39 -32.31
N ASN B 152 11.54 8.41 -31.65
CA ASN B 152 11.48 8.02 -30.25
C ASN B 152 11.66 6.51 -30.08
N GLU B 153 11.26 5.72 -31.07
CA GLU B 153 11.39 4.28 -30.98
C GLU B 153 12.60 3.79 -31.76
N ASN B 154 13.13 2.63 -31.36
CA ASN B 154 14.12 1.95 -32.20
C ASN B 154 13.48 1.49 -33.50
N ILE B 155 12.50 0.61 -33.41
CA ILE B 155 11.71 0.17 -34.55
C ILE B 155 10.25 0.41 -34.19
N ALA B 156 9.40 0.66 -35.18
CA ALA B 156 7.99 0.96 -34.97
C ALA B 156 7.34 -0.21 -34.24
N GLY B 157 6.55 0.11 -33.21
CA GLY B 157 5.90 -0.92 -32.43
C GLY B 157 6.79 -1.65 -31.46
N LEU B 158 7.71 -0.93 -30.81
CA LEU B 158 8.59 -1.53 -29.82
C LEU B 158 8.46 -0.87 -28.44
N GLY B 159 8.28 0.43 -28.36
CA GLY B 159 8.15 1.13 -27.09
C GLY B 159 8.55 2.59 -27.20
N LYS B 160 8.05 3.35 -26.24
CA LYS B 160 8.24 4.80 -26.18
C LYS B 160 8.62 5.21 -24.76
N PRO B 161 9.30 6.36 -24.62
CA PRO B 161 9.77 6.76 -23.28
C PRO B 161 8.67 7.01 -22.25
N SER B 162 7.50 7.48 -22.67
CA SER B 162 6.38 7.73 -21.75
C SER B 162 6.74 8.74 -20.66
N LEU B 163 6.94 10.01 -21.04
CA LEU B 163 7.48 11.01 -20.12
C LEU B 163 6.60 11.21 -18.88
N LEU B 164 5.28 11.04 -19.01
CA LEU B 164 4.35 11.13 -17.89
C LEU B 164 4.26 12.55 -17.33
N GLU B 165 3.29 12.80 -16.44
CA GLU B 165 3.10 14.10 -15.82
C GLU B 165 2.68 13.91 -14.37
N VAL B 166 2.95 14.92 -13.53
CA VAL B 166 2.61 14.82 -12.12
C VAL B 166 1.80 16.02 -11.62
N GLY B 167 1.89 17.16 -12.29
CA GLY B 167 1.17 18.35 -11.88
C GLY B 167 1.87 19.63 -12.30
N LEU B 168 1.22 20.74 -11.95
CA LEU B 168 1.65 22.05 -12.47
C LEU B 168 2.79 22.63 -11.66
N LYS B 169 3.04 22.09 -10.45
CA LYS B 169 4.06 22.57 -9.52
C LYS B 169 3.66 23.90 -8.90
N ALA B 170 2.57 24.50 -9.39
CA ALA B 170 2.04 25.70 -8.75
C ALA B 170 1.27 25.31 -7.49
N ASP B 171 0.58 24.17 -7.52
CA ASP B 171 -0.15 23.66 -6.37
C ASP B 171 0.51 22.44 -5.74
N LEU B 172 1.60 21.94 -6.33
CA LEU B 172 2.28 20.78 -5.77
C LEU B 172 3.42 21.21 -4.85
N THR B 173 3.34 22.42 -4.32
CA THR B 173 4.41 23.00 -3.51
C THR B 173 4.70 22.19 -2.25
N ASP B 174 3.66 21.91 -1.47
CA ASP B 174 3.86 21.20 -0.22
C ASP B 174 4.29 19.75 -0.49
N PRO B 175 5.29 19.23 0.23
CA PRO B 175 5.82 17.90 -0.13
C PRO B 175 4.82 16.76 0.00
N VAL B 176 3.89 16.84 0.95
CA VAL B 176 2.98 15.73 1.18
C VAL B 176 2.04 15.56 -0.01
N LYS B 177 1.65 16.67 -0.64
CA LYS B 177 0.78 16.58 -1.82
C LYS B 177 1.56 16.15 -3.04
N LEU B 178 2.83 16.58 -3.14
CA LEU B 178 3.67 16.16 -4.26
C LEU B 178 3.98 14.68 -4.18
N GLY B 179 4.16 14.15 -2.97
CA GLY B 179 4.51 12.75 -2.82
C GLY B 179 3.42 11.81 -3.31
N GLN B 180 2.16 12.16 -3.05
CA GLN B 180 1.06 11.31 -3.52
C GLN B 180 1.01 11.27 -5.04
N ALA B 181 1.24 12.40 -5.70
CA ALA B 181 1.27 12.42 -7.16
C ALA B 181 2.40 11.57 -7.70
N VAL B 182 3.55 11.57 -7.02
CA VAL B 182 4.69 10.77 -7.45
C VAL B 182 4.37 9.28 -7.29
N ILE B 183 3.81 8.90 -6.14
CA ILE B 183 3.46 7.50 -5.92
C ILE B 183 2.35 7.07 -6.87
N ALA B 184 1.39 7.95 -7.11
CA ALA B 184 0.31 7.63 -8.04
C ALA B 184 0.85 7.41 -9.45
N GLN B 185 1.78 8.25 -9.90
CA GLN B 185 2.28 8.15 -11.26
C GLN B 185 3.25 6.99 -11.42
N LEU B 186 3.84 6.50 -10.32
CA LEU B 186 4.69 5.32 -10.40
C LEU B 186 3.86 4.07 -10.70
N THR B 187 2.56 4.12 -10.41
CA THR B 187 1.69 3.00 -10.75
C THR B 187 1.42 2.94 -12.25
N ILE B 188 1.20 4.10 -12.88
CA ILE B 188 1.10 4.14 -14.35
C ILE B 188 2.42 3.78 -14.99
N ALA B 189 3.52 4.26 -14.41
CA ALA B 189 4.84 3.94 -14.96
C ALA B 189 5.10 2.44 -14.93
N ARG B 190 4.57 1.75 -13.92
CA ARG B 190 4.65 0.30 -13.89
C ARG B 190 3.88 -0.33 -15.05
N ALA B 191 2.68 0.20 -15.33
CA ALA B 191 1.87 -0.35 -16.41
C ALA B 191 2.46 0.00 -17.78
N ALA B 192 2.84 1.26 -17.98
CA ALA B 192 3.36 1.69 -19.26
C ALA B 192 4.65 0.96 -19.61
N LEU B 193 5.48 0.67 -18.60
CA LEU B 193 6.73 -0.04 -18.86
C LEU B 193 6.47 -1.52 -19.13
N THR B 194 5.38 -2.06 -18.59
CA THR B 194 5.02 -3.45 -18.82
C THR B 194 4.41 -3.65 -20.21
N LYS B 195 3.70 -2.63 -20.73
CA LYS B 195 3.07 -2.74 -22.04
C LYS B 195 4.08 -2.99 -23.14
N ASN B 196 5.35 -2.67 -22.91
CA ASN B 196 6.41 -2.87 -23.89
C ASN B 196 7.20 -4.15 -23.66
N TYR B 197 6.67 -5.06 -22.83
CA TYR B 197 7.27 -6.36 -22.52
C TYR B 197 8.60 -6.23 -21.79
N VAL B 198 8.85 -5.09 -21.17
CA VAL B 198 10.08 -4.91 -20.38
C VAL B 198 10.02 -5.84 -19.16
N PRO B 199 11.06 -6.61 -18.87
CA PRO B 199 10.98 -7.60 -17.78
C PRO B 199 10.72 -6.95 -16.43
N ALA B 200 9.91 -7.62 -15.62
CA ALA B 200 9.73 -7.20 -14.23
C ALA B 200 10.98 -7.52 -13.43
N ASN B 201 11.27 -6.64 -12.47
CA ASN B 201 12.45 -6.58 -11.59
C ASN B 201 13.61 -5.94 -12.34
N ASP B 202 14.70 -5.65 -11.63
CA ASP B 202 15.82 -4.88 -12.18
C ASP B 202 15.34 -3.51 -12.67
N ARG B 203 14.40 -2.93 -11.94
CA ARG B 203 13.85 -1.60 -12.23
C ARG B 203 14.25 -0.67 -11.10
N THR B 204 14.50 0.60 -11.44
CA THR B 204 14.91 1.58 -10.45
C THR B 204 14.34 2.94 -10.81
N PHE B 205 14.26 3.81 -9.80
CA PHE B 205 13.73 5.16 -9.95
C PHE B 205 14.71 6.15 -9.34
N TYR B 206 15.29 6.98 -10.20
CA TYR B 206 16.28 7.98 -9.78
C TYR B 206 15.56 9.29 -9.52
N THR B 207 15.77 9.86 -8.33
CA THR B 207 15.12 11.11 -7.99
C THR B 207 15.99 11.88 -6.99
N THR B 208 15.72 13.18 -6.90
CA THR B 208 16.44 14.03 -5.97
C THR B 208 16.06 13.71 -4.54
N PRO B 209 16.92 14.03 -3.56
CA PRO B 209 16.57 13.76 -2.16
C PRO B 209 15.34 14.51 -1.68
N ASP B 210 15.02 15.65 -2.29
CA ASP B 210 13.81 16.39 -1.90
C ASP B 210 12.55 15.59 -2.22
N VAL B 211 12.48 15.02 -3.42
CA VAL B 211 11.32 14.19 -3.77
C VAL B 211 11.31 12.91 -2.94
N TYR B 212 12.50 12.43 -2.54
CA TYR B 212 12.58 11.29 -1.64
C TYR B 212 11.84 11.56 -0.34
N SER B 213 12.01 12.76 0.21
CA SER B 213 11.29 13.11 1.43
C SER B 213 9.81 13.35 1.16
N ALA B 214 9.48 13.78 -0.06
CA ALA B 214 8.08 13.97 -0.43
C ALA B 214 7.33 12.64 -0.40
N ILE B 215 7.95 11.58 -0.88
CA ILE B 215 7.34 10.25 -0.80
C ILE B 215 7.19 9.82 0.65
N LEU B 216 8.19 10.14 1.48
CA LEU B 216 8.11 9.82 2.90
C LEU B 216 6.96 10.55 3.58
N ALA B 217 6.78 11.83 3.25
CA ALA B 217 5.68 12.60 3.84
C ALA B 217 4.33 12.10 3.36
N ALA B 218 4.26 11.62 2.11
CA ALA B 218 2.99 11.14 1.56
C ALA B 218 2.55 9.85 2.23
N LEU B 219 3.50 9.10 2.78
CA LEU B 219 3.16 7.86 3.49
C LEU B 219 3.26 8.01 5.00
N MET B 220 3.27 9.24 5.51
CA MET B 220 3.24 9.47 6.94
C MET B 220 1.88 9.09 7.50
N PRO B 221 1.78 8.88 8.81
CA PRO B 221 0.45 8.58 9.39
C PRO B 221 -0.57 9.66 9.14
N ASN B 222 -0.14 10.90 8.91
CA ASN B 222 -1.07 11.98 8.64
C ASN B 222 -1.75 11.79 7.29
N ALA B 223 -1.04 11.21 6.32
CA ALA B 223 -1.57 11.16 4.96
C ALA B 223 -2.08 9.77 4.59
N ALA B 224 -1.35 8.73 4.95
CA ALA B 224 -1.65 7.37 4.53
C ALA B 224 -2.61 6.71 5.51
N ASN B 225 -3.53 5.91 4.98
CA ASN B 225 -4.53 5.25 5.83
C ASN B 225 -3.94 4.08 6.59
N TYR B 226 -3.00 3.36 5.99
CA TYR B 226 -2.34 2.24 6.65
C TYR B 226 -0.86 2.24 6.29
N ALA B 227 -0.08 1.52 7.11
CA ALA B 227 1.37 1.49 6.97
C ALA B 227 1.75 0.63 5.78
N ALA B 228 2.61 1.18 4.91
CA ALA B 228 3.12 0.44 3.76
C ALA B 228 4.40 1.09 3.29
N LEU B 229 5.28 0.28 2.70
CA LEU B 229 6.51 0.75 2.04
C LEU B 229 7.42 1.38 3.08
N ILE B 230 7.40 2.70 3.26
CA ILE B 230 8.39 3.36 4.11
C ILE B 230 8.29 2.89 5.56
N ASP B 231 9.39 3.04 6.29
CA ASP B 231 9.42 2.94 7.75
C ASP B 231 9.81 4.28 8.35
N PRO B 232 8.98 4.87 9.20
CA PRO B 232 9.30 6.22 9.72
C PRO B 232 10.50 6.23 10.65
N GLU B 233 10.93 5.07 11.15
CA GLU B 233 12.05 5.02 12.07
C GLU B 233 13.35 5.45 11.39
N ARG B 234 13.50 5.14 10.12
CA ARG B 234 14.72 5.49 9.39
C ARG B 234 14.50 6.37 8.16
N GLY B 235 13.25 6.70 7.87
CA GLY B 235 12.94 7.51 6.72
C GLY B 235 13.42 6.95 5.40
N SER B 236 13.30 5.63 5.22
CA SER B 236 13.72 4.99 3.98
C SER B 236 12.58 4.23 3.28
N ILE B 237 12.39 4.51 2.00
CA ILE B 237 11.36 3.86 1.19
C ILE B 237 11.79 2.43 0.85
N ARG B 238 10.84 1.55 0.57
CA ARG B 238 11.15 0.15 0.28
C ARG B 238 10.53 -0.43 -0.99
N ASN B 239 11.07 -0.08 -2.15
CA ASN B 239 10.59 -0.59 -3.44
C ASN B 239 9.15 -0.18 -3.75
N VAL B 240 8.91 1.11 -3.94
CA VAL B 240 7.59 1.56 -4.36
C VAL B 240 7.29 0.96 -5.73
N MET B 241 6.23 0.17 -5.82
CA MET B 241 5.85 -0.58 -7.02
C MET B 241 7.03 -1.46 -7.43
N GLY B 242 7.10 -1.84 -8.70
CA GLY B 242 8.23 -2.65 -9.16
C GLY B 242 9.55 -1.91 -9.05
N PHE B 243 9.52 -0.58 -9.17
CA PHE B 243 10.73 0.21 -9.15
C PHE B 243 11.36 0.23 -7.77
N GLU B 244 12.66 0.47 -7.74
CA GLU B 244 13.41 0.68 -6.51
C GLU B 244 13.80 2.15 -6.42
N VAL B 245 13.40 2.80 -5.34
CA VAL B 245 13.56 4.24 -5.22
C VAL B 245 14.99 4.55 -4.77
N VAL B 246 15.68 5.38 -5.54
CA VAL B 246 17.07 5.75 -5.27
C VAL B 246 17.18 7.27 -5.28
N GLU B 247 17.76 7.83 -4.23
CA GLU B 247 17.95 9.26 -4.10
C GLU B 247 19.37 9.62 -4.54
N VAL B 248 19.50 10.65 -5.36
CA VAL B 248 20.78 11.09 -5.88
C VAL B 248 20.86 12.61 -5.76
N PRO B 249 21.75 13.14 -4.91
CA PRO B 249 21.95 14.60 -4.90
C PRO B 249 22.43 15.14 -6.24
N HIS B 250 23.24 14.37 -6.96
CA HIS B 250 23.83 14.82 -8.22
C HIS B 250 22.95 14.41 -9.40
N LEU B 251 21.67 14.76 -9.30
CA LEU B 251 20.74 14.64 -10.41
C LEU B 251 20.61 16.01 -11.08
N THR B 252 20.32 16.00 -12.38
CA THR B 252 20.42 17.19 -13.23
C THR B 252 21.82 17.76 -13.23
N ALA B 253 22.79 16.92 -12.89
CA ALA B 253 24.22 17.25 -12.98
C ALA B 253 24.81 16.42 -14.10
N GLY B 254 25.36 17.09 -15.11
CA GLY B 254 25.82 16.40 -16.29
C GLY B 254 27.23 15.84 -16.14
N GLY B 255 27.77 15.43 -17.28
CA GLY B 255 29.13 14.93 -17.30
C GLY B 255 30.16 16.05 -17.23
N ALA B 256 31.42 15.65 -17.17
CA ALA B 256 32.50 16.63 -17.08
C ALA B 256 32.72 17.31 -18.42
N GLY B 257 33.24 18.53 -18.38
CA GLY B 257 33.56 19.25 -19.60
C GLY B 257 35.03 19.63 -19.66
N ASP B 258 35.35 20.43 -20.68
CA ASP B 258 36.71 20.96 -20.80
C ASP B 258 36.96 22.02 -19.75
N ASP B 259 38.04 21.84 -18.99
CA ASP B 259 38.56 22.63 -17.87
C ASP B 259 37.86 22.23 -16.57
N ARG B 260 38.32 22.78 -15.46
CA ARG B 260 37.73 22.52 -14.15
C ARG B 260 36.98 23.76 -13.67
N PRO B 261 35.66 23.69 -13.57
CA PRO B 261 34.89 24.89 -13.18
C PRO B 261 35.26 25.36 -11.78
N ASP B 262 35.20 26.68 -11.58
CA ASP B 262 35.57 27.25 -10.30
C ASP B 262 34.63 26.79 -9.20
N GLU B 263 33.34 27.12 -9.32
CA GLU B 263 32.35 26.71 -8.34
C GLU B 263 30.96 26.80 -8.96
N GLY B 264 30.29 27.95 -8.79
CA GLY B 264 28.99 28.15 -9.37
C GLY B 264 29.04 28.52 -10.84
N ALA B 265 29.82 27.77 -11.61
CA ALA B 265 29.97 28.01 -13.03
C ALA B 265 29.94 26.68 -13.77
N GLU B 266 29.39 26.71 -14.98
CA GLU B 266 29.31 25.50 -15.79
C GLU B 266 30.65 25.22 -16.45
N ALA B 267 30.86 23.95 -16.81
CA ALA B 267 32.04 23.57 -17.58
C ALA B 267 31.98 24.22 -18.96
N THR B 268 33.17 24.49 -19.51
CA THR B 268 33.24 25.24 -20.76
C THR B 268 32.53 24.51 -21.90
N ASN B 269 32.87 23.24 -22.11
CA ASN B 269 32.25 22.42 -23.15
C ASN B 269 31.80 21.10 -22.51
N GLN B 270 30.59 21.12 -21.96
CA GLN B 270 30.08 19.94 -21.26
C GLN B 270 29.66 18.87 -22.27
N LYS B 271 30.04 17.62 -21.98
CA LYS B 271 29.76 16.54 -22.92
C LYS B 271 28.31 16.07 -22.80
N HIS B 272 27.93 15.58 -21.62
CA HIS B 272 26.56 15.14 -21.35
C HIS B 272 25.96 16.09 -20.31
N ALA B 273 24.80 16.67 -20.63
CA ALA B 273 24.18 17.64 -19.74
C ALA B 273 22.66 17.58 -19.87
N PHE B 274 21.99 17.85 -18.76
CA PHE B 274 20.54 18.04 -18.81
C PHE B 274 20.22 19.34 -19.55
N PRO B 275 19.23 19.35 -20.44
CA PRO B 275 18.83 20.62 -21.07
C PRO B 275 18.18 21.54 -20.05
N ALA B 276 18.52 22.82 -20.11
CA ALA B 276 17.98 23.78 -19.16
C ALA B 276 16.53 24.13 -19.47
N ALA B 277 16.21 24.30 -20.76
CA ALA B 277 14.87 24.70 -21.19
C ALA B 277 14.45 23.85 -22.40
N GLY B 278 14.82 22.56 -22.35
CA GLY B 278 14.47 21.67 -23.43
C GLY B 278 13.00 21.31 -23.44
N GLY B 279 12.59 20.64 -24.52
CA GLY B 279 11.17 20.34 -24.70
C GLY B 279 10.62 19.39 -23.64
N LYS B 280 11.33 18.30 -23.37
CA LYS B 280 10.86 17.30 -22.43
C LYS B 280 11.96 16.99 -21.42
N VAL B 281 11.55 16.89 -20.15
CA VAL B 281 12.43 16.48 -19.06
C VAL B 281 13.62 17.44 -19.01
N ASN B 282 13.35 18.73 -19.13
CA ASN B 282 14.42 19.69 -18.96
C ASN B 282 14.64 19.97 -17.47
N LYS B 283 15.75 20.63 -17.16
CA LYS B 283 16.16 20.79 -15.77
C LYS B 283 15.13 21.55 -14.95
N GLU B 284 14.23 22.29 -15.61
CA GLU B 284 13.22 23.04 -14.88
C GLU B 284 12.21 22.11 -14.23
N ASN B 285 11.68 21.13 -14.97
CA ASN B 285 10.69 20.20 -14.44
C ASN B 285 11.23 18.76 -14.46
N VAL B 286 11.97 18.38 -13.43
CA VAL B 286 12.36 16.99 -13.23
C VAL B 286 11.92 16.56 -11.86
N VAL B 287 11.15 15.47 -11.81
CA VAL B 287 10.78 14.82 -10.57
C VAL B 287 11.57 13.54 -10.36
N GLY B 288 11.66 12.71 -11.41
CA GLY B 288 12.43 11.49 -11.32
C GLY B 288 12.59 10.85 -12.68
N LEU B 289 13.53 9.91 -12.75
CA LEU B 289 13.79 9.13 -13.96
C LEU B 289 13.74 7.66 -13.59
N PHE B 290 12.84 6.91 -14.23
CA PHE B 290 12.72 5.48 -14.01
C PHE B 290 13.18 4.74 -15.25
N GLN B 291 13.88 3.62 -15.05
CA GLN B 291 14.51 2.91 -16.15
C GLN B 291 14.75 1.46 -15.74
N HIS B 292 14.89 0.60 -16.75
CA HIS B 292 15.17 -0.81 -16.55
C HIS B 292 16.65 -1.03 -16.84
N ARG B 293 17.20 -2.12 -16.29
CA ARG B 293 18.61 -2.46 -16.39
C ARG B 293 19.20 -2.16 -17.77
N SER B 294 18.48 -2.54 -18.82
CA SER B 294 18.94 -2.34 -20.19
C SER B 294 18.32 -1.07 -20.80
N ALA B 295 18.70 0.08 -20.25
CA ALA B 295 18.27 1.36 -20.78
C ALA B 295 19.41 2.30 -21.12
N VAL B 296 20.53 2.23 -20.39
CA VAL B 296 21.70 3.05 -20.67
C VAL B 296 22.90 2.12 -20.72
N GLY B 297 23.90 2.50 -21.50
CA GLY B 297 25.08 1.68 -21.69
C GLY B 297 26.34 2.49 -21.61
N THR B 298 27.41 1.85 -21.13
CA THR B 298 28.72 2.46 -21.01
C THR B 298 29.72 1.62 -21.79
N VAL B 299 30.52 2.29 -22.61
CA VAL B 299 31.59 1.65 -23.39
C VAL B 299 32.92 2.10 -22.81
N LYS B 300 33.70 1.13 -22.32
CA LYS B 300 34.96 1.41 -21.63
C LYS B 300 36.13 1.11 -22.55
N LEU B 301 36.98 2.11 -22.75
CA LEU B 301 38.24 1.96 -23.47
C LEU B 301 39.37 2.39 -22.54
N LYS B 302 40.38 1.54 -22.40
CA LYS B 302 41.53 1.68 -21.49
C LYS B 302 41.13 1.46 -20.04
N ASP B 303 39.85 1.28 -19.74
CA ASP B 303 39.33 1.04 -18.38
C ASP B 303 39.80 2.20 -17.50
N LEU B 304 40.04 1.97 -16.21
CA LEU B 304 40.45 3.01 -15.28
C LEU B 304 41.81 2.68 -14.70
N ALA B 305 42.72 3.66 -14.72
CA ALA B 305 44.05 3.48 -14.15
C ALA B 305 44.58 4.83 -13.72
N LEU B 306 45.54 4.81 -12.80
CA LEU B 306 46.22 6.01 -12.33
C LEU B 306 47.71 5.78 -12.35
N GLU B 307 48.47 6.79 -12.76
CA GLU B 307 49.92 6.70 -12.86
C GLU B 307 50.56 7.84 -12.09
N ARG B 308 51.77 7.60 -11.59
CA ARG B 308 52.52 8.58 -10.81
C ARG B 308 53.79 8.93 -11.56
N ALA B 309 54.04 10.23 -11.73
CA ALA B 309 55.19 10.72 -12.48
C ALA B 309 56.03 11.61 -11.58
N ARG B 310 57.33 11.34 -11.53
CA ARG B 310 58.25 12.17 -10.76
C ARG B 310 58.76 13.32 -11.63
N ARG B 311 58.61 14.54 -11.13
CA ARG B 311 59.04 15.74 -11.84
C ARG B 311 60.25 16.32 -11.10
N THR B 312 61.44 15.94 -11.55
CA THR B 312 62.66 16.34 -10.86
C THR B 312 62.92 17.84 -11.00
N GLU B 313 62.59 18.41 -12.15
CA GLU B 313 62.89 19.82 -12.39
C GLU B 313 62.11 20.72 -11.44
N TYR B 314 60.93 20.28 -11.00
CA TYR B 314 60.14 21.02 -10.03
C TYR B 314 60.21 20.44 -8.63
N GLN B 315 60.97 19.35 -8.44
CA GLN B 315 61.09 18.68 -7.14
C GLN B 315 59.71 18.31 -6.58
N ALA B 316 58.85 17.79 -7.45
CA ALA B 316 57.47 17.51 -7.09
C ALA B 316 57.06 16.14 -7.62
N ASP B 317 56.03 15.57 -7.01
CA ASP B 317 55.46 14.30 -7.42
C ASP B 317 54.03 14.52 -7.90
N GLN B 318 53.69 13.91 -9.03
CA GLN B 318 52.38 14.08 -9.66
C GLN B 318 51.65 12.76 -9.68
N ILE B 319 50.36 12.79 -9.33
CA ILE B 319 49.48 11.63 -9.40
C ILE B 319 48.28 12.02 -10.25
N VAL B 320 48.01 11.25 -11.29
CA VAL B 320 46.92 11.52 -12.23
C VAL B 320 46.10 10.25 -12.42
N ALA B 321 44.78 10.39 -12.37
CA ALA B 321 43.86 9.30 -12.64
C ALA B 321 43.10 9.61 -13.91
N LYS B 322 42.85 8.59 -14.73
CA LYS B 322 42.31 8.82 -16.06
C LYS B 322 41.53 7.62 -16.54
N TYR B 323 40.60 7.87 -17.45
CA TYR B 323 39.91 6.82 -18.18
C TYR B 323 39.30 7.41 -19.45
N ALA B 324 38.94 6.53 -20.38
CA ALA B 324 38.22 6.89 -21.59
C ALA B 324 36.94 6.07 -21.65
N MET B 325 35.80 6.74 -21.73
CA MET B 325 34.52 6.06 -21.64
C MET B 325 33.48 6.81 -22.44
N GLY B 326 32.44 6.09 -22.84
CA GLY B 326 31.34 6.65 -23.61
C GLY B 326 30.00 6.16 -23.11
N HIS B 327 29.00 7.02 -23.16
CA HIS B 327 27.66 6.73 -22.67
C HIS B 327 26.66 6.95 -23.79
N GLY B 328 25.60 6.15 -23.82
CA GLY B 328 24.65 6.20 -24.91
C GLY B 328 23.25 5.85 -24.47
N GLY B 329 22.33 5.92 -25.44
CA GLY B 329 20.91 5.75 -25.20
C GLY B 329 20.30 4.55 -25.91
N LEU B 330 20.96 3.41 -25.85
CA LEU B 330 20.41 2.21 -26.44
C LEU B 330 19.10 1.81 -25.76
N ARG B 331 18.17 1.29 -26.57
CA ARG B 331 16.88 0.75 -26.13
C ARG B 331 16.04 1.78 -25.38
N PRO B 332 15.50 2.78 -26.08
CA PRO B 332 14.66 3.78 -25.39
C PRO B 332 13.35 3.22 -24.86
N GLU B 333 12.94 2.03 -25.30
CA GLU B 333 11.64 1.49 -24.92
C GLU B 333 11.53 1.29 -23.42
N SER B 334 12.65 1.11 -22.73
CA SER B 334 12.61 0.85 -21.30
C SER B 334 12.88 2.11 -20.48
N ALA B 335 13.04 3.25 -21.16
CA ALA B 335 13.29 4.49 -20.45
C ALA B 335 12.00 5.16 -20.01
N GLY B 336 12.12 6.14 -19.12
CA GLY B 336 10.96 6.86 -18.64
C GLY B 336 11.37 8.04 -17.77
N ALA B 337 10.37 8.82 -17.37
CA ALA B 337 10.59 9.99 -16.55
C ALA B 337 9.30 10.38 -15.84
N LEU B 338 9.42 11.34 -14.93
CA LEU B 338 8.29 12.01 -14.29
C LEU B 338 8.60 13.49 -14.25
N VAL B 339 7.72 14.31 -14.85
CA VAL B 339 7.97 15.74 -15.00
C VAL B 339 6.73 16.51 -14.57
N PHE B 340 6.94 17.79 -14.27
CA PHE B 340 5.85 18.68 -13.93
C PHE B 340 5.12 19.15 -15.19
N THR B 341 3.82 19.39 -15.05
CA THR B 341 3.03 19.88 -16.16
C THR B 341 3.45 21.31 -16.50
N ALA B 342 3.60 21.58 -17.80
CA ALA B 342 3.99 22.91 -18.25
C ALA B 342 2.91 23.93 -17.95
N ALA B 343 3.26 24.99 -17.23
CA ALA B 343 2.29 26.02 -16.87
C ALA B 343 1.84 26.80 -18.09
N SER B 344 0.56 26.70 -18.44
CA SER B 344 0.02 27.41 -19.59
C SER B 344 -0.24 28.87 -19.25
N ALA B 345 0.57 29.76 -19.79
CA ALA B 345 0.41 31.19 -19.52
C ALA B 345 0.50 32.00 -20.81
N ALA C 2 52.49 25.94 -23.17
CA ALA C 2 51.06 25.73 -23.42
C ALA C 2 50.83 24.43 -24.18
N ASN C 3 50.10 24.52 -25.29
CA ASN C 3 49.81 23.34 -26.09
C ASN C 3 51.08 22.81 -26.75
N MET C 4 51.15 21.49 -26.86
CA MET C 4 52.30 20.85 -27.49
C MET C 4 52.39 21.21 -28.96
N GLN C 5 53.62 21.34 -29.45
CA GLN C 5 53.89 21.68 -30.84
C GLN C 5 54.17 20.41 -31.64
N GLY C 6 53.56 20.30 -32.81
CA GLY C 6 53.83 19.17 -33.69
C GLY C 6 53.35 17.84 -33.16
N GLY C 7 52.32 17.83 -32.32
CA GLY C 7 51.82 16.57 -31.81
C GLY C 7 51.25 15.71 -32.93
N GLN C 8 51.41 14.40 -32.78
CA GLN C 8 50.92 13.48 -33.79
C GLN C 8 49.41 13.38 -33.74
N ARG C 9 48.76 13.63 -34.88
CA ARG C 9 47.30 13.62 -34.97
C ARG C 9 46.89 12.49 -35.91
N LEU C 10 46.51 11.35 -35.32
CA LEU C 10 46.14 10.19 -36.12
C LEU C 10 44.73 10.34 -36.69
N GLY C 11 43.86 11.05 -35.99
CA GLY C 11 42.46 11.11 -36.41
C GLY C 11 42.22 12.07 -37.54
N THR C 12 43.02 13.14 -37.62
CA THR C 12 42.78 14.17 -38.62
C THR C 12 43.03 13.62 -40.02
N ASN C 13 42.13 13.96 -40.95
CA ASN C 13 42.19 13.35 -42.28
C ASN C 13 43.31 13.95 -43.12
N GLN C 14 43.59 15.24 -42.96
CA GLN C 14 44.63 15.94 -43.72
C GLN C 14 44.33 15.72 -45.20
N GLY C 15 45.28 15.25 -46.00
CA GLY C 15 44.98 14.96 -47.39
C GLY C 15 45.03 16.21 -48.27
N LYS C 16 45.10 15.98 -49.58
CA LYS C 16 45.17 17.09 -50.51
C LYS C 16 43.83 17.79 -50.65
N GLY C 17 42.75 17.01 -50.74
CA GLY C 17 41.43 17.58 -50.97
C GLY C 17 40.46 17.40 -49.82
N GLN C 18 40.85 16.64 -48.81
CA GLN C 18 39.94 16.36 -47.69
C GLN C 18 39.85 17.59 -46.78
N SER C 19 38.67 17.74 -46.15
CA SER C 19 38.43 18.91 -45.31
C SER C 19 39.29 18.87 -44.05
N ALA C 20 39.42 17.70 -43.43
CA ALA C 20 40.18 17.50 -42.20
C ALA C 20 39.64 18.31 -41.02
N ALA C 21 38.37 18.68 -41.07
CA ALA C 21 37.78 19.43 -39.96
C ALA C 21 37.49 18.53 -38.78
N ASP C 22 37.15 17.26 -39.04
CA ASP C 22 36.83 16.30 -38.01
C ASP C 22 38.12 15.73 -37.45
N LYS C 23 38.28 15.80 -36.13
CA LYS C 23 39.52 15.33 -35.51
C LYS C 23 39.53 13.82 -35.33
N LEU C 24 38.40 13.15 -35.56
CA LEU C 24 38.30 11.71 -35.42
C LEU C 24 37.93 11.02 -36.73
N ALA C 25 38.29 11.60 -37.88
CA ALA C 25 37.81 11.08 -39.15
C ALA C 25 38.37 9.70 -39.46
N LEU C 26 39.67 9.51 -39.28
CA LEU C 26 40.29 8.27 -39.75
C LEU C 26 39.97 7.09 -38.84
N PHE C 27 39.67 7.35 -37.58
CA PHE C 27 39.24 6.27 -36.70
C PHE C 27 37.87 5.76 -37.13
N LEU C 28 37.68 4.44 -36.98
CA LEU C 28 36.45 3.78 -37.41
C LEU C 28 35.81 3.07 -36.23
N LYS C 29 34.48 3.03 -36.21
CA LYS C 29 33.74 2.40 -35.13
C LYS C 29 33.87 0.89 -35.22
N VAL C 30 33.66 0.24 -34.07
CA VAL C 30 33.75 -1.22 -33.97
C VAL C 30 32.44 -1.76 -33.42
N PHE C 31 32.26 -3.07 -33.57
CA PHE C 31 31.06 -3.73 -33.09
C PHE C 31 30.98 -3.69 -31.57
N GLY C 32 29.80 -3.38 -31.06
CA GLY C 32 29.59 -3.40 -29.62
C GLY C 32 29.60 -4.82 -29.07
N GLY C 33 29.53 -4.92 -27.75
CA GLY C 33 29.67 -6.22 -27.12
C GLY C 33 28.56 -7.19 -27.46
N GLU C 34 27.31 -6.75 -27.31
CA GLU C 34 26.16 -7.63 -27.48
C GLU C 34 25.16 -7.04 -28.47
N VAL C 35 24.46 -7.92 -29.19
CA VAL C 35 23.36 -7.49 -30.04
C VAL C 35 22.11 -7.30 -29.22
N LEU C 36 21.39 -6.21 -29.46
CA LEU C 36 20.14 -5.93 -28.78
C LEU C 36 19.01 -6.69 -29.46
N THR C 37 18.20 -7.38 -28.66
CA THR C 37 17.08 -8.16 -29.17
C THR C 37 15.80 -7.71 -28.49
N ALA C 38 14.70 -7.80 -29.23
CA ALA C 38 13.40 -7.43 -28.69
C ALA C 38 13.05 -8.33 -27.51
N PHE C 39 12.35 -7.74 -26.54
CA PHE C 39 12.04 -8.47 -25.32
C PHE C 39 11.09 -9.63 -25.61
N ALA C 40 11.32 -10.76 -24.92
CA ALA C 40 10.52 -11.94 -25.14
C ALA C 40 9.10 -11.73 -24.63
N ARG C 41 8.14 -12.31 -25.36
CA ARG C 41 6.72 -12.22 -25.02
C ARG C 41 6.28 -13.57 -24.46
N THR C 42 5.61 -13.54 -23.32
CA THR C 42 5.23 -14.74 -22.58
C THR C 42 3.78 -15.12 -22.92
N SER C 43 3.54 -16.42 -23.05
CA SER C 43 2.22 -16.95 -23.37
C SER C 43 1.49 -17.24 -22.06
N VAL C 44 0.23 -16.81 -21.98
CA VAL C 44 -0.49 -16.88 -20.72
C VAL C 44 -1.56 -17.97 -20.73
N THR C 45 -2.16 -18.23 -21.89
CA THR C 45 -3.32 -19.12 -21.96
C THR C 45 -2.95 -20.60 -21.99
N THR C 46 -1.67 -20.94 -22.05
CA THR C 46 -1.28 -22.32 -22.29
C THR C 46 -1.83 -23.27 -21.24
N ASN C 47 -1.80 -22.87 -19.98
CA ASN C 47 -2.27 -23.70 -18.89
C ASN C 47 -3.67 -23.33 -18.40
N ARG C 48 -4.38 -22.49 -19.13
CA ARG C 48 -5.67 -21.98 -18.69
C ARG C 48 -6.86 -22.53 -19.47
N HIS C 49 -6.64 -23.49 -20.37
CA HIS C 49 -7.76 -24.15 -21.04
C HIS C 49 -7.41 -25.59 -21.39
N MET C 50 -8.21 -26.16 -22.29
CA MET C 50 -8.32 -27.62 -22.40
C MET C 50 -7.07 -28.27 -22.97
N GLN C 51 -6.54 -27.73 -24.08
CA GLN C 51 -5.37 -28.32 -24.75
C GLN C 51 -5.61 -29.76 -25.17
N ARG C 52 -6.55 -29.97 -26.08
CA ARG C 52 -6.78 -31.32 -26.61
C ARG C 52 -5.87 -31.56 -27.82
N GLN C 53 -5.57 -32.84 -28.07
CA GLN C 53 -4.75 -33.25 -29.20
C GLN C 53 -5.42 -34.40 -29.92
N ILE C 54 -5.41 -34.36 -31.26
CA ILE C 54 -5.98 -35.42 -32.07
C ILE C 54 -4.92 -35.90 -33.07
N SER C 55 -5.26 -36.96 -33.78
CA SER C 55 -4.43 -37.52 -34.83
C SER C 55 -5.28 -37.80 -36.06
N SER C 56 -4.86 -37.26 -37.21
CA SER C 56 -5.50 -37.53 -38.50
C SER C 56 -6.98 -37.16 -38.50
N GLY C 57 -7.26 -35.88 -38.32
CA GLY C 57 -8.63 -35.39 -38.39
C GLY C 57 -8.74 -33.97 -38.89
N LYS C 58 -9.75 -33.70 -39.72
CA LYS C 58 -9.95 -32.33 -40.18
C LYS C 58 -10.67 -31.48 -39.14
N SER C 59 -11.31 -32.12 -38.16
CA SER C 59 -12.06 -31.42 -37.14
C SER C 59 -12.22 -32.31 -35.93
N ALA C 60 -12.62 -31.71 -34.81
CA ALA C 60 -12.87 -32.43 -33.57
C ALA C 60 -14.28 -32.12 -33.08
N GLN C 61 -14.99 -33.15 -32.62
CA GLN C 61 -16.37 -33.03 -32.18
C GLN C 61 -16.43 -33.14 -30.66
N PHE C 62 -17.11 -32.18 -30.03
CA PHE C 62 -17.37 -32.23 -28.61
C PHE C 62 -18.87 -32.15 -28.36
N PRO C 63 -19.50 -33.26 -27.95
CA PRO C 63 -20.95 -33.25 -27.73
C PRO C 63 -21.31 -32.76 -26.34
N VAL C 64 -22.54 -32.22 -26.23
CA VAL C 64 -23.03 -31.71 -24.96
C VAL C 64 -24.35 -32.39 -24.64
N ILE C 65 -24.68 -32.44 -23.35
CA ILE C 65 -25.92 -33.03 -22.87
C ILE C 65 -26.65 -31.98 -22.03
N GLY C 66 -27.93 -31.80 -22.32
CA GLY C 66 -28.70 -30.80 -21.60
C GLY C 66 -29.23 -31.31 -20.28
N ARG C 67 -30.23 -30.60 -19.76
CA ARG C 67 -30.86 -30.95 -18.50
C ARG C 67 -32.29 -31.43 -18.73
N THR C 68 -32.92 -31.87 -17.64
CA THR C 68 -34.29 -32.35 -17.69
C THR C 68 -35.10 -31.69 -16.59
N LYS C 69 -36.42 -31.78 -16.71
CA LYS C 69 -37.33 -31.16 -15.76
C LYS C 69 -38.33 -32.20 -15.28
N ALA C 70 -38.91 -31.93 -14.11
CA ALA C 70 -39.81 -32.87 -13.44
C ALA C 70 -41.24 -32.37 -13.56
N ALA C 71 -42.19 -33.29 -13.58
CA ALA C 71 -43.61 -32.99 -13.67
C ALA C 71 -44.39 -33.91 -12.75
N TYR C 72 -45.57 -33.47 -12.34
CA TYR C 72 -46.41 -34.29 -11.46
C TYR C 72 -47.30 -35.20 -12.30
N LEU C 73 -47.34 -36.47 -11.91
CA LEU C 73 -48.10 -37.51 -12.62
C LEU C 73 -49.34 -37.86 -11.80
N GLN C 74 -50.49 -37.36 -12.22
CA GLN C 74 -51.74 -37.75 -11.59
C GLN C 74 -52.04 -39.21 -11.89
N PRO C 75 -52.74 -39.92 -10.99
CA PRO C 75 -53.09 -41.31 -11.27
C PRO C 75 -53.95 -41.42 -12.52
N GLY C 76 -53.69 -42.45 -13.31
CA GLY C 76 -54.35 -42.61 -14.59
C GLY C 76 -53.72 -41.83 -15.72
N GLU C 77 -52.49 -41.37 -15.57
CA GLU C 77 -51.79 -40.60 -16.59
C GLU C 77 -50.52 -41.35 -16.99
N SER C 78 -50.19 -41.30 -18.28
CA SER C 78 -49.05 -42.06 -18.79
C SER C 78 -47.81 -41.19 -18.81
N LEU C 79 -46.66 -41.79 -18.46
CA LEU C 79 -45.39 -41.07 -18.54
C LEU C 79 -45.02 -40.74 -19.97
N ASP C 80 -45.51 -41.54 -20.93
CA ASP C 80 -45.17 -41.30 -22.33
C ASP C 80 -45.82 -40.03 -22.85
N ASP C 81 -46.99 -39.68 -22.33
CA ASP C 81 -47.68 -38.49 -22.82
C ASP C 81 -46.96 -37.21 -22.38
N LYS C 82 -46.29 -37.25 -21.24
CA LYS C 82 -45.52 -36.11 -20.74
C LYS C 82 -44.04 -36.49 -20.71
N ARG C 83 -43.33 -36.22 -21.81
CA ARG C 83 -41.90 -36.44 -21.90
C ARG C 83 -41.33 -35.50 -22.95
N LYS C 84 -40.37 -34.67 -22.54
CA LYS C 84 -39.77 -33.74 -23.48
C LYS C 84 -38.53 -34.35 -24.16
N ASP C 85 -37.70 -35.04 -23.38
CA ASP C 85 -36.39 -35.63 -23.67
C ASP C 85 -35.28 -34.63 -23.38
N ILE C 86 -34.04 -35.11 -23.28
CA ILE C 86 -32.89 -34.29 -22.93
C ILE C 86 -32.22 -33.87 -24.23
N LYS C 87 -32.02 -32.57 -24.40
CA LYS C 87 -31.51 -32.04 -25.66
C LYS C 87 -30.06 -32.45 -25.87
N HIS C 88 -29.66 -32.56 -27.14
CA HIS C 88 -28.30 -32.83 -27.54
C HIS C 88 -27.90 -31.86 -28.64
N THR C 89 -26.63 -31.43 -28.62
CA THR C 89 -26.02 -30.76 -29.76
C THR C 89 -24.51 -30.93 -29.64
N GLU C 90 -23.78 -30.31 -30.56
CA GLU C 90 -22.35 -30.54 -30.67
C GLU C 90 -21.60 -29.22 -30.78
N LYS C 91 -20.39 -29.22 -30.20
CA LYS C 91 -19.42 -28.14 -30.38
C LYS C 91 -18.25 -28.70 -31.17
N THR C 92 -17.96 -28.08 -32.31
CA THR C 92 -16.91 -28.54 -33.20
C THR C 92 -15.78 -27.52 -33.25
N ILE C 93 -14.54 -28.01 -33.20
CA ILE C 93 -13.37 -27.15 -33.30
C ILE C 93 -12.55 -27.65 -34.49
N ASN C 94 -12.77 -27.04 -35.66
CA ASN C 94 -12.06 -27.48 -36.85
C ASN C 94 -10.69 -26.81 -36.95
N ILE C 95 -9.71 -27.58 -37.42
CA ILE C 95 -8.34 -27.10 -37.50
C ILE C 95 -8.19 -26.17 -38.70
N ASP C 96 -7.51 -25.05 -38.49
CA ASP C 96 -7.26 -24.10 -39.55
C ASP C 96 -6.11 -24.59 -40.43
N GLY C 97 -5.69 -23.73 -41.35
CA GLY C 97 -4.57 -24.07 -42.20
C GLY C 97 -3.26 -24.16 -41.43
N LEU C 98 -2.19 -24.39 -42.18
CA LEU C 98 -0.87 -24.47 -41.57
C LEU C 98 -0.35 -23.07 -41.24
N LEU C 99 0.09 -22.89 -40.00
CA LEU C 99 0.67 -21.64 -39.53
C LEU C 99 2.18 -21.69 -39.69
N THR C 100 2.72 -20.79 -40.50
CA THR C 100 4.14 -20.76 -40.81
C THR C 100 4.71 -19.37 -40.59
N ALA C 101 5.92 -19.31 -40.04
CA ALA C 101 6.73 -18.11 -40.01
C ALA C 101 8.13 -18.46 -40.50
N ASP C 102 8.63 -17.69 -41.45
CA ASP C 102 9.89 -18.01 -42.10
C ASP C 102 10.75 -16.77 -42.23
N VAL C 103 12.05 -16.99 -42.43
CA VAL C 103 13.01 -15.92 -42.66
C VAL C 103 14.02 -16.40 -43.70
N LEU C 104 14.49 -15.48 -44.52
CA LEU C 104 15.45 -15.76 -45.59
C LEU C 104 16.68 -14.90 -45.38
N ILE C 105 17.85 -15.52 -45.37
CA ILE C 105 19.11 -14.86 -45.11
C ILE C 105 20.01 -15.05 -46.31
N TYR C 106 20.38 -13.94 -46.96
CA TYR C 106 21.26 -14.01 -48.12
C TYR C 106 22.70 -14.19 -47.68
N ASP C 107 23.47 -14.93 -48.49
CA ASP C 107 24.84 -15.27 -48.11
C ASP C 107 25.75 -14.05 -48.18
N ILE C 108 25.53 -13.15 -49.15
CA ILE C 108 26.39 -11.99 -49.29
C ILE C 108 26.20 -11.04 -48.12
N GLU C 109 24.96 -10.86 -47.67
CA GLU C 109 24.70 -9.99 -46.52
C GLU C 109 25.15 -10.64 -45.23
N ASP C 110 25.11 -11.96 -45.16
CA ASP C 110 25.62 -12.67 -43.98
C ASP C 110 27.13 -12.54 -43.88
N ALA C 111 27.83 -12.54 -45.02
CA ALA C 111 29.28 -12.41 -45.02
C ALA C 111 29.70 -11.03 -44.51
N MET C 112 29.01 -9.98 -44.95
CA MET C 112 29.37 -8.63 -44.53
C MET C 112 28.99 -8.38 -43.08
N ASN C 113 28.06 -9.16 -42.54
CA ASN C 113 27.61 -8.95 -41.17
C ASN C 113 28.69 -9.31 -40.17
N HIS C 114 28.72 -8.59 -39.05
CA HIS C 114 29.71 -8.79 -38.01
C HIS C 114 29.17 -9.53 -36.79
N TYR C 115 27.93 -10.01 -36.84
CA TYR C 115 27.35 -10.76 -35.74
C TYR C 115 26.45 -11.86 -36.28
N ASP C 116 26.04 -12.76 -35.40
CA ASP C 116 25.23 -13.92 -35.77
C ASP C 116 23.76 -13.62 -35.50
N VAL C 117 22.93 -13.90 -36.50
CA VAL C 117 21.49 -13.64 -36.40
C VAL C 117 20.66 -14.91 -36.44
N ARG C 118 21.25 -16.04 -36.85
CA ARG C 118 20.47 -17.26 -37.03
C ARG C 118 19.89 -17.76 -35.72
N SER C 119 20.66 -17.68 -34.64
CA SER C 119 20.20 -18.19 -33.35
C SER C 119 19.01 -17.39 -32.83
N GLU C 120 19.02 -16.07 -33.03
CA GLU C 120 17.92 -15.24 -32.54
C GLU C 120 16.69 -15.37 -33.43
N TYR C 121 16.90 -15.58 -34.73
CA TYR C 121 15.77 -15.63 -35.66
C TYR C 121 14.84 -16.80 -35.33
N THR C 122 15.39 -17.96 -35.00
CA THR C 122 14.55 -19.11 -34.65
C THR C 122 13.74 -18.82 -33.40
N SER C 123 14.27 -17.99 -32.50
CA SER C 123 13.51 -17.63 -31.31
C SER C 123 12.32 -16.75 -31.66
N GLN C 124 12.49 -15.82 -32.60
CA GLN C 124 11.41 -14.90 -32.94
C GLN C 124 10.32 -15.59 -33.75
N ILE C 125 10.71 -16.43 -34.72
CA ILE C 125 9.72 -17.10 -35.55
C ILE C 125 8.93 -18.12 -34.74
N GLY C 126 9.61 -18.78 -33.80
CA GLY C 126 8.90 -19.68 -32.89
C GLY C 126 7.97 -18.94 -31.95
N GLU C 127 8.43 -17.78 -31.46
CA GLU C 127 7.60 -16.99 -30.54
C GLU C 127 6.43 -16.35 -31.28
N SER C 128 6.63 -16.00 -32.56
CA SER C 128 5.55 -15.43 -33.35
C SER C 128 4.39 -16.41 -33.49
N LEU C 129 4.70 -17.70 -33.63
CA LEU C 129 3.65 -18.72 -33.68
C LEU C 129 2.91 -18.80 -32.35
N ALA C 130 3.62 -18.73 -31.23
CA ALA C 130 2.98 -18.83 -29.93
C ALA C 130 2.08 -17.63 -29.66
N MET C 131 2.46 -16.45 -30.16
CA MET C 131 1.65 -15.26 -29.94
C MET C 131 0.33 -15.34 -30.70
N ALA C 132 0.32 -16.05 -31.82
CA ALA C 132 -0.92 -16.22 -32.57
C ALA C 132 -1.91 -17.10 -31.80
N ALA C 133 -1.40 -18.06 -31.04
CA ALA C 133 -2.29 -18.92 -30.24
C ALA C 133 -2.96 -18.12 -29.13
N ASP C 134 -2.21 -17.24 -28.47
CA ASP C 134 -2.80 -16.40 -27.42
C ASP C 134 -3.85 -15.47 -28.01
N GLY C 135 -3.54 -14.84 -29.14
CA GLY C 135 -4.51 -13.96 -29.77
C GLY C 135 -5.77 -14.69 -30.19
N ALA C 136 -5.62 -15.93 -30.68
CA ALA C 136 -6.78 -16.69 -31.12
C ALA C 136 -7.61 -17.18 -29.93
N VAL C 137 -6.97 -17.61 -28.86
CA VAL C 137 -7.69 -18.10 -27.70
C VAL C 137 -8.49 -16.98 -27.04
N LEU C 138 -7.87 -15.81 -26.88
CA LEU C 138 -8.58 -14.69 -26.26
C LEU C 138 -9.67 -14.14 -27.17
N ALA C 139 -9.43 -14.15 -28.47
CA ALA C 139 -10.47 -13.73 -29.41
C ALA C 139 -11.63 -14.70 -29.44
N GLU C 140 -11.33 -16.00 -29.25
CA GLU C 140 -12.40 -16.99 -29.15
C GLU C 140 -13.20 -16.78 -27.87
N LEU C 141 -12.53 -16.42 -26.77
CA LEU C 141 -13.22 -16.10 -25.54
C LEU C 141 -14.14 -14.89 -25.72
N ALA C 142 -13.65 -13.86 -26.42
CA ALA C 142 -14.51 -12.71 -26.71
C ALA C 142 -15.55 -13.07 -27.76
N GLY C 143 -15.31 -14.12 -28.53
CA GLY C 143 -16.30 -14.56 -29.49
C GLY C 143 -17.56 -15.11 -28.82
N LEU C 144 -17.39 -15.81 -27.70
CA LEU C 144 -18.53 -16.33 -26.98
C LEU C 144 -19.43 -15.22 -26.46
N VAL C 145 -18.83 -14.13 -25.96
CA VAL C 145 -19.62 -13.02 -25.46
C VAL C 145 -20.33 -12.30 -26.60
N ASN C 146 -19.76 -12.35 -27.80
CA ASN C 146 -20.33 -11.70 -28.97
C ASN C 146 -21.36 -12.57 -29.68
N LEU C 147 -21.71 -13.72 -29.10
CA LEU C 147 -22.68 -14.62 -29.71
C LEU C 147 -24.02 -13.92 -29.90
N ALA C 148 -24.65 -14.20 -31.04
CA ALA C 148 -25.92 -13.56 -31.38
C ALA C 148 -27.01 -13.97 -30.39
N ASP C 149 -28.07 -13.16 -30.36
CA ASP C 149 -29.16 -13.41 -29.41
C ASP C 149 -29.85 -14.73 -29.68
N SER C 150 -29.80 -15.21 -30.93
CA SER C 150 -30.43 -16.49 -31.25
C SER C 150 -29.59 -17.66 -30.78
N VAL C 151 -28.27 -17.49 -30.73
CA VAL C 151 -27.36 -18.60 -30.46
C VAL C 151 -26.48 -18.35 -29.23
N ASN C 152 -27.03 -17.66 -28.22
CA ASN C 152 -26.24 -17.37 -27.02
C ASN C 152 -25.78 -18.64 -26.32
N GLU C 153 -26.67 -19.62 -26.19
CA GLU C 153 -26.43 -20.75 -25.32
C GLU C 153 -26.09 -22.00 -26.12
N ASN C 154 -25.39 -22.94 -25.46
CA ASN C 154 -25.26 -24.28 -26.02
C ASN C 154 -26.62 -24.93 -26.19
N ILE C 155 -27.35 -25.08 -25.09
CA ILE C 155 -28.73 -25.53 -25.08
C ILE C 155 -29.53 -24.55 -24.25
N ALA C 156 -30.69 -24.14 -24.77
CA ALA C 156 -31.48 -23.11 -24.11
C ALA C 156 -31.78 -23.49 -22.67
N GLY C 157 -31.27 -22.69 -21.74
CA GLY C 157 -31.42 -22.95 -20.33
C GLY C 157 -30.16 -23.37 -19.61
N LEU C 158 -29.00 -23.30 -20.25
CA LEU C 158 -27.76 -23.72 -19.59
C LEU C 158 -27.02 -22.54 -18.97
N GLY C 159 -26.92 -21.43 -19.70
CA GLY C 159 -26.25 -20.26 -19.15
C GLY C 159 -25.92 -19.25 -20.24
N LYS C 160 -25.73 -18.01 -19.80
CA LYS C 160 -25.52 -16.87 -20.68
C LYS C 160 -24.07 -16.38 -20.59
N PRO C 161 -23.55 -15.80 -21.67
CA PRO C 161 -22.15 -15.34 -21.64
C PRO C 161 -21.89 -14.21 -20.66
N SER C 162 -22.87 -13.32 -20.44
CA SER C 162 -22.77 -12.21 -19.50
C SER C 162 -21.85 -11.11 -20.03
N LEU C 163 -22.25 -9.84 -19.88
CA LEU C 163 -21.52 -8.73 -20.46
C LEU C 163 -20.96 -7.77 -19.42
N LEU C 164 -21.79 -7.25 -18.51
CA LEU C 164 -21.38 -6.39 -17.41
C LEU C 164 -20.86 -5.03 -17.87
N GLU C 165 -20.87 -4.05 -16.97
CA GLU C 165 -20.51 -2.68 -17.33
C GLU C 165 -19.76 -2.06 -16.16
N VAL C 166 -18.77 -1.22 -16.46
CA VAL C 166 -17.94 -0.63 -15.42
C VAL C 166 -18.17 0.88 -15.33
N GLY C 167 -18.39 1.53 -16.46
CA GLY C 167 -18.57 2.97 -16.45
C GLY C 167 -18.54 3.53 -17.86
N LEU C 168 -18.64 4.86 -17.93
CA LEU C 168 -18.81 5.58 -19.18
C LEU C 168 -17.48 5.90 -19.87
N LYS C 169 -16.35 5.65 -19.20
CA LYS C 169 -15.01 5.83 -19.75
C LYS C 169 -14.66 7.31 -19.87
N ALA C 170 -15.63 8.18 -19.61
CA ALA C 170 -15.34 9.61 -19.53
C ALA C 170 -15.32 10.08 -18.09
N ASP C 171 -16.32 9.66 -17.30
CA ASP C 171 -16.31 9.94 -15.88
C ASP C 171 -15.33 9.03 -15.15
N LEU C 172 -14.90 7.95 -15.81
CA LEU C 172 -14.08 6.95 -15.13
C LEU C 172 -12.62 7.07 -15.54
N THR C 173 -12.25 8.19 -16.15
CA THR C 173 -10.89 8.40 -16.66
C THR C 173 -9.85 8.40 -15.54
N ASP C 174 -10.24 8.76 -14.34
CA ASP C 174 -9.29 8.84 -13.24
C ASP C 174 -8.82 7.43 -12.87
N PRO C 175 -7.53 7.25 -12.56
CA PRO C 175 -7.04 5.88 -12.30
C PRO C 175 -7.70 5.19 -11.10
N VAL C 176 -7.76 5.87 -9.94
CA VAL C 176 -8.30 5.21 -8.76
C VAL C 176 -9.81 5.02 -8.90
N LYS C 177 -10.49 5.95 -9.59
CA LYS C 177 -11.92 5.79 -9.84
C LYS C 177 -12.18 4.58 -10.71
N LEU C 178 -11.35 4.36 -11.73
CA LEU C 178 -11.50 3.18 -12.57
C LEU C 178 -11.24 1.90 -11.77
N GLY C 179 -10.26 1.93 -10.87
CA GLY C 179 -9.93 0.73 -10.11
C GLY C 179 -11.06 0.28 -9.21
N GLN C 180 -11.70 1.23 -8.52
CA GLN C 180 -12.82 0.87 -7.64
C GLN C 180 -14.00 0.34 -8.44
N ALA C 181 -14.20 0.87 -9.65
CA ALA C 181 -15.26 0.36 -10.51
C ALA C 181 -15.01 -1.09 -10.91
N VAL C 182 -13.76 -1.42 -11.23
CA VAL C 182 -13.43 -2.78 -11.66
C VAL C 182 -13.54 -3.75 -10.49
N ILE C 183 -13.01 -3.37 -9.33
CA ILE C 183 -13.06 -4.25 -8.16
C ILE C 183 -14.50 -4.51 -7.76
N ALA C 184 -15.32 -3.46 -7.74
CA ALA C 184 -16.73 -3.63 -7.39
C ALA C 184 -17.46 -4.48 -8.42
N GLN C 185 -17.02 -4.42 -9.68
CA GLN C 185 -17.72 -5.14 -10.73
C GLN C 185 -17.18 -6.56 -10.89
N LEU C 186 -16.00 -6.84 -10.35
CA LEU C 186 -15.51 -8.21 -10.32
C LEU C 186 -16.30 -9.06 -9.35
N THR C 187 -16.92 -8.42 -8.35
CA THR C 187 -17.84 -9.14 -7.48
C THR C 187 -19.06 -9.62 -8.26
N ILE C 188 -19.62 -8.75 -9.11
CA ILE C 188 -20.77 -9.14 -9.92
C ILE C 188 -20.37 -10.20 -10.93
N ALA C 189 -19.14 -10.09 -11.47
CA ALA C 189 -18.65 -11.11 -12.38
C ALA C 189 -18.53 -12.46 -11.69
N ARG C 190 -18.13 -12.46 -10.42
CA ARG C 190 -18.14 -13.69 -9.64
C ARG C 190 -19.55 -14.25 -9.50
N ALA C 191 -20.52 -13.37 -9.27
CA ALA C 191 -21.90 -13.81 -9.12
C ALA C 191 -22.49 -14.28 -10.45
N ALA C 192 -22.23 -13.52 -11.53
CA ALA C 192 -22.78 -13.88 -12.83
C ALA C 192 -22.27 -15.24 -13.30
N LEU C 193 -21.04 -15.58 -12.91
CA LEU C 193 -20.51 -16.89 -13.27
C LEU C 193 -21.08 -17.98 -12.37
N THR C 194 -21.43 -17.62 -11.13
CA THR C 194 -21.99 -18.60 -10.20
C THR C 194 -23.44 -18.93 -10.55
N LYS C 195 -24.19 -17.94 -11.07
CA LYS C 195 -25.59 -18.16 -11.41
C LYS C 195 -25.78 -19.27 -12.44
N ASN C 196 -24.74 -19.56 -13.22
CA ASN C 196 -24.78 -20.66 -14.19
C ASN C 196 -24.15 -21.93 -13.64
N TYR C 197 -23.99 -22.03 -12.32
CA TYR C 197 -23.43 -23.19 -11.64
C TYR C 197 -22.00 -23.52 -12.09
N VAL C 198 -21.28 -22.52 -12.57
CA VAL C 198 -19.88 -22.73 -12.93
C VAL C 198 -19.07 -22.98 -11.67
N PRO C 199 -18.22 -24.01 -11.62
CA PRO C 199 -17.50 -24.32 -10.37
C PRO C 199 -16.59 -23.17 -9.95
N ALA C 200 -16.51 -22.98 -8.63
CA ALA C 200 -15.59 -22.00 -8.08
C ALA C 200 -14.18 -22.58 -8.01
N ASN C 201 -13.20 -21.71 -8.28
CA ASN C 201 -11.77 -21.89 -8.57
C ASN C 201 -11.58 -22.14 -10.07
N ASP C 202 -10.33 -22.13 -10.53
CA ASP C 202 -10.01 -22.23 -11.95
C ASP C 202 -10.66 -21.10 -12.74
N ARG C 203 -10.80 -19.94 -12.11
CA ARG C 203 -11.38 -18.76 -12.72
C ARG C 203 -10.29 -17.72 -12.89
N THR C 204 -10.18 -17.17 -14.11
CA THR C 204 -9.15 -16.19 -14.41
C THR C 204 -9.78 -14.95 -15.01
N PHE C 205 -9.09 -13.83 -14.84
CA PHE C 205 -9.53 -12.54 -15.37
C PHE C 205 -8.39 -11.95 -16.19
N TYR C 206 -8.62 -11.79 -17.49
CA TYR C 206 -7.63 -11.26 -18.42
C TYR C 206 -7.91 -9.77 -18.62
N THR C 207 -6.92 -8.94 -18.31
CA THR C 207 -7.09 -7.50 -18.40
C THR C 207 -5.81 -6.86 -18.91
N THR C 208 -5.95 -5.65 -19.45
CA THR C 208 -4.80 -4.90 -19.91
C THR C 208 -3.97 -4.43 -18.73
N PRO C 209 -2.66 -4.24 -18.91
CA PRO C 209 -1.84 -3.73 -17.80
C PRO C 209 -2.26 -2.35 -17.32
N ASP C 210 -2.93 -1.58 -18.17
CA ASP C 210 -3.43 -0.27 -17.75
C ASP C 210 -4.50 -0.42 -16.66
N VAL C 211 -5.47 -1.30 -16.88
CA VAL C 211 -6.49 -1.57 -15.87
C VAL C 211 -5.88 -2.29 -14.69
N TYR C 212 -4.85 -3.11 -14.94
CA TYR C 212 -4.15 -3.80 -13.86
C TYR C 212 -3.56 -2.81 -12.86
N SER C 213 -3.03 -1.69 -13.35
CA SER C 213 -2.51 -0.68 -12.45
C SER C 213 -3.62 0.16 -11.84
N ALA C 214 -4.78 0.22 -12.51
CA ALA C 214 -5.92 0.93 -11.94
C ALA C 214 -6.40 0.26 -10.66
N ILE C 215 -6.39 -1.08 -10.62
CA ILE C 215 -6.76 -1.80 -9.42
C ILE C 215 -5.72 -1.55 -8.32
N LEU C 216 -4.44 -1.46 -8.71
CA LEU C 216 -3.39 -1.19 -7.74
C LEU C 216 -3.56 0.18 -7.09
N ALA C 217 -3.96 1.19 -7.88
CA ALA C 217 -4.16 2.52 -7.31
C ALA C 217 -5.35 2.55 -6.36
N ALA C 218 -6.34 1.70 -6.61
CA ALA C 218 -7.54 1.69 -5.76
C ALA C 218 -7.23 1.17 -4.37
N LEU C 219 -6.25 0.28 -4.25
CA LEU C 219 -5.93 -0.33 -2.96
C LEU C 219 -4.68 0.27 -2.32
N MET C 220 -4.20 1.42 -2.80
CA MET C 220 -3.06 2.08 -2.19
C MET C 220 -3.45 2.67 -0.84
N PRO C 221 -2.47 2.95 0.03
CA PRO C 221 -2.81 3.56 1.32
C PRO C 221 -3.58 4.86 1.21
N ASN C 222 -3.40 5.60 0.12
CA ASN C 222 -4.12 6.87 -0.04
C ASN C 222 -5.61 6.62 -0.25
N ALA C 223 -5.96 5.50 -0.89
CA ALA C 223 -7.36 5.28 -1.24
C ALA C 223 -8.01 4.26 -0.32
N ALA C 224 -7.31 3.19 0.02
CA ALA C 224 -7.88 2.06 0.76
C ALA C 224 -7.72 2.28 2.25
N ASN C 225 -8.78 1.99 3.01
CA ASN C 225 -8.75 2.21 4.45
C ASN C 225 -7.94 1.14 5.16
N TYR C 226 -7.81 -0.04 4.57
CA TYR C 226 -6.99 -1.10 5.13
C TYR C 226 -6.38 -1.93 4.01
N ALA C 227 -5.36 -2.71 4.37
CA ALA C 227 -4.59 -3.45 3.37
C ALA C 227 -5.29 -4.76 3.03
N ALA C 228 -5.42 -5.03 1.73
CA ALA C 228 -5.95 -6.30 1.26
C ALA C 228 -5.47 -6.53 -0.17
N LEU C 229 -5.41 -7.80 -0.55
CA LEU C 229 -5.12 -8.22 -1.92
C LEU C 229 -3.69 -7.83 -2.29
N ILE C 230 -3.45 -6.64 -2.84
CA ILE C 230 -2.19 -6.35 -3.49
C ILE C 230 -1.01 -6.39 -2.51
N ASP C 231 0.20 -6.52 -3.07
CA ASP C 231 1.49 -6.35 -2.41
C ASP C 231 2.15 -5.09 -2.95
N PRO C 232 2.16 -3.99 -2.18
CA PRO C 232 2.65 -2.72 -2.75
C PRO C 232 4.12 -2.73 -3.13
N GLU C 233 4.93 -3.57 -2.48
CA GLU C 233 6.36 -3.58 -2.75
C GLU C 233 6.67 -4.12 -4.13
N ARG C 234 5.89 -5.10 -4.58
CA ARG C 234 6.12 -5.69 -5.89
C ARG C 234 5.14 -5.24 -6.96
N GLY C 235 4.20 -4.40 -6.57
CA GLY C 235 3.19 -3.90 -7.50
C GLY C 235 2.36 -4.98 -8.15
N SER C 236 2.02 -6.02 -7.38
CA SER C 236 1.22 -7.12 -7.91
C SER C 236 -0.04 -7.33 -7.07
N ILE C 237 -1.19 -7.39 -7.74
CA ILE C 237 -2.46 -7.60 -7.06
C ILE C 237 -2.72 -9.10 -7.02
N ARG C 238 -3.08 -9.62 -5.86
CA ARG C 238 -3.31 -11.06 -5.76
C ARG C 238 -4.72 -11.59 -5.58
N ASN C 239 -5.03 -12.50 -6.49
CA ASN C 239 -6.26 -13.30 -6.59
C ASN C 239 -7.50 -12.54 -6.14
N VAL C 240 -7.86 -11.47 -6.85
CA VAL C 240 -9.05 -10.70 -6.51
C VAL C 240 -10.29 -11.57 -6.71
N MET C 241 -10.98 -11.87 -5.62
CA MET C 241 -12.13 -12.77 -5.62
C MET C 241 -11.74 -14.13 -6.20
N GLY C 242 -12.73 -14.90 -6.66
CA GLY C 242 -12.42 -16.20 -7.25
C GLY C 242 -11.53 -16.08 -8.47
N PHE C 243 -11.58 -14.95 -9.16
CA PHE C 243 -10.79 -14.74 -10.36
C PHE C 243 -9.33 -14.51 -10.01
N GLU C 244 -8.45 -15.06 -10.85
CA GLU C 244 -7.01 -14.80 -10.77
C GLU C 244 -6.68 -13.75 -11.82
N VAL C 245 -6.16 -12.62 -11.38
CA VAL C 245 -5.95 -11.48 -12.27
C VAL C 245 -4.70 -11.70 -13.09
N VAL C 246 -4.84 -11.68 -14.41
CA VAL C 246 -3.74 -11.86 -15.35
C VAL C 246 -3.69 -10.64 -16.25
N GLU C 247 -2.50 -10.06 -16.38
CA GLU C 247 -2.28 -8.90 -17.24
C GLU C 247 -1.59 -9.35 -18.52
N VAL C 248 -2.17 -8.97 -19.65
CA VAL C 248 -1.62 -9.31 -20.96
C VAL C 248 -1.61 -8.07 -21.83
N PRO C 249 -0.45 -7.62 -22.32
CA PRO C 249 -0.45 -6.49 -23.26
C PRO C 249 -1.19 -6.81 -24.56
N HIS C 250 -1.20 -8.07 -24.98
CA HIS C 250 -1.78 -8.45 -26.27
C HIS C 250 -3.21 -8.93 -26.08
N LEU C 251 -4.08 -8.03 -25.62
CA LEU C 251 -5.52 -8.18 -25.82
C LEU C 251 -5.88 -7.45 -27.11
N THR C 252 -7.13 -7.65 -27.55
CA THR C 252 -7.63 -7.03 -28.77
C THR C 252 -6.75 -7.35 -29.98
N ALA C 253 -6.00 -8.44 -29.86
CA ALA C 253 -5.16 -8.95 -30.94
C ALA C 253 -5.65 -10.34 -31.31
N GLY C 254 -6.00 -10.53 -32.57
CA GLY C 254 -6.56 -11.79 -32.99
C GLY C 254 -5.51 -12.81 -33.38
N GLY C 255 -5.96 -13.86 -34.07
CA GLY C 255 -5.06 -14.87 -34.55
C GLY C 255 -4.36 -14.44 -35.83
N ALA C 256 -3.60 -15.38 -36.39
CA ALA C 256 -2.91 -15.10 -37.64
C ALA C 256 -3.87 -15.18 -38.83
N GLY C 257 -3.41 -14.67 -39.97
CA GLY C 257 -4.21 -14.68 -41.17
C GLY C 257 -3.35 -14.75 -42.41
N ASP C 258 -4.03 -14.82 -43.56
CA ASP C 258 -3.33 -14.85 -44.84
C ASP C 258 -2.64 -13.51 -45.09
N ASP C 259 -1.32 -13.56 -45.23
CA ASP C 259 -0.33 -12.49 -45.42
C ASP C 259 0.11 -11.94 -44.07
N ARG C 260 1.13 -11.09 -44.06
CA ARG C 260 1.68 -10.53 -42.84
C ARG C 260 1.45 -9.01 -42.82
N PRO C 261 0.69 -8.50 -41.86
CA PRO C 261 0.47 -7.04 -41.79
C PRO C 261 1.74 -6.32 -41.43
N ASP C 262 1.82 -5.04 -41.82
CA ASP C 262 3.07 -4.30 -41.63
C ASP C 262 3.35 -4.07 -40.15
N GLU C 263 2.85 -2.97 -39.58
CA GLU C 263 2.88 -2.80 -38.14
C GLU C 263 1.48 -2.59 -37.59
N GLY C 264 0.78 -1.57 -38.10
CA GLY C 264 -0.57 -1.26 -37.71
C GLY C 264 -1.65 -1.78 -38.64
N ALA C 265 -1.28 -2.35 -39.78
CA ALA C 265 -2.26 -2.79 -40.75
C ALA C 265 -2.99 -4.03 -40.24
N GLU C 266 -4.15 -4.30 -40.83
CA GLU C 266 -4.93 -5.46 -40.43
C GLU C 266 -4.70 -6.62 -41.40
N ALA C 267 -4.74 -7.83 -40.88
CA ALA C 267 -4.56 -9.01 -41.72
C ALA C 267 -5.71 -9.12 -42.71
N THR C 268 -5.38 -9.65 -43.90
CA THR C 268 -6.36 -9.68 -44.99
C THR C 268 -7.57 -10.55 -44.62
N ASN C 269 -7.33 -11.78 -44.18
CA ASN C 269 -8.37 -12.68 -43.73
C ASN C 269 -7.93 -13.31 -42.42
N GLN C 270 -8.51 -12.85 -41.32
CA GLN C 270 -8.10 -13.29 -40.00
C GLN C 270 -9.16 -14.24 -39.46
N LYS C 271 -8.75 -15.45 -39.08
CA LYS C 271 -9.69 -16.48 -38.65
C LYS C 271 -10.34 -16.10 -37.32
N HIS C 272 -9.51 -15.90 -36.30
CA HIS C 272 -9.99 -15.51 -34.98
C HIS C 272 -9.62 -14.05 -34.76
N ALA C 273 -10.61 -13.17 -34.85
CA ALA C 273 -10.36 -11.74 -34.81
C ALA C 273 -11.15 -11.12 -33.66
N PHE C 274 -10.58 -10.06 -33.10
CA PHE C 274 -11.23 -9.30 -32.05
C PHE C 274 -11.96 -8.13 -32.69
N PRO C 275 -13.28 -8.01 -32.52
CA PRO C 275 -14.03 -7.00 -33.29
C PRO C 275 -13.61 -5.58 -32.91
N ALA C 276 -13.35 -4.77 -33.93
CA ALA C 276 -12.94 -3.39 -33.68
C ALA C 276 -14.12 -2.53 -33.25
N ALA C 277 -15.26 -2.69 -33.92
CA ALA C 277 -16.46 -1.89 -33.64
C ALA C 277 -17.68 -2.80 -33.60
N GLY C 278 -17.51 -3.97 -33.01
CA GLY C 278 -18.60 -4.92 -32.90
C GLY C 278 -19.64 -4.47 -31.88
N GLY C 279 -20.74 -5.23 -31.84
CA GLY C 279 -21.84 -4.87 -30.96
C GLY C 279 -21.48 -4.98 -29.48
N LYS C 280 -20.82 -6.06 -29.10
CA LYS C 280 -20.53 -6.35 -27.70
C LYS C 280 -19.05 -6.65 -27.53
N VAL C 281 -18.48 -6.16 -26.43
CA VAL C 281 -17.10 -6.39 -25.99
C VAL C 281 -16.14 -6.22 -27.17
N ASN C 282 -16.35 -5.18 -27.98
CA ASN C 282 -15.47 -4.92 -29.09
C ASN C 282 -14.18 -4.27 -28.61
N LYS C 283 -13.37 -3.83 -29.58
CA LYS C 283 -12.02 -3.34 -29.26
C LYS C 283 -12.06 -1.94 -28.66
N GLU C 284 -13.09 -1.15 -28.99
CA GLU C 284 -13.09 0.25 -28.58
C GLU C 284 -13.32 0.40 -27.07
N ASN C 285 -14.23 -0.39 -26.50
CA ASN C 285 -14.52 -0.32 -25.07
C ASN C 285 -14.43 -1.72 -24.46
N VAL C 286 -13.23 -2.13 -24.09
CA VAL C 286 -13.02 -3.40 -23.40
C VAL C 286 -12.11 -3.14 -22.20
N VAL C 287 -12.47 -3.73 -21.06
CA VAL C 287 -11.71 -3.61 -19.83
C VAL C 287 -11.03 -4.93 -19.46
N GLY C 288 -11.78 -6.03 -19.54
CA GLY C 288 -11.23 -7.32 -19.21
C GLY C 288 -12.17 -8.44 -19.61
N LEU C 289 -11.61 -9.64 -19.66
CA LEU C 289 -12.35 -10.86 -19.98
C LEU C 289 -12.17 -11.85 -18.84
N PHE C 290 -13.28 -12.29 -18.24
CA PHE C 290 -13.23 -13.29 -17.18
C PHE C 290 -13.85 -14.58 -17.69
N GLN C 291 -13.30 -15.71 -17.25
CA GLN C 291 -13.62 -17.00 -17.81
C GLN C 291 -13.23 -18.09 -16.82
N HIS C 292 -13.75 -19.29 -17.07
CA HIS C 292 -13.47 -20.46 -16.25
C HIS C 292 -12.75 -21.49 -17.11
N ARG C 293 -12.00 -22.38 -16.45
CA ARG C 293 -11.14 -23.37 -17.10
C ARG C 293 -11.77 -23.98 -18.34
N SER C 294 -13.05 -24.37 -18.26
CA SER C 294 -13.76 -24.98 -19.39
C SER C 294 -14.59 -23.93 -20.12
N ALA C 295 -13.89 -23.03 -20.80
CA ALA C 295 -14.54 -22.01 -21.61
C ALA C 295 -13.99 -21.91 -23.03
N VAL C 296 -12.73 -22.30 -23.25
CA VAL C 296 -12.14 -22.31 -24.58
C VAL C 296 -11.36 -23.60 -24.71
N GLY C 297 -11.21 -24.08 -25.94
CA GLY C 297 -10.43 -25.28 -26.20
C GLY C 297 -9.62 -25.14 -27.47
N THR C 298 -8.48 -25.82 -27.48
CA THR C 298 -7.60 -25.87 -28.64
C THR C 298 -7.33 -27.32 -29.00
N VAL C 299 -7.24 -27.58 -30.31
CA VAL C 299 -6.99 -28.92 -30.84
C VAL C 299 -5.75 -28.85 -31.72
N LYS C 300 -4.79 -29.73 -31.46
CA LYS C 300 -3.45 -29.61 -32.02
C LYS C 300 -3.14 -30.79 -32.95
N LEU C 301 -2.57 -30.48 -34.11
CA LEU C 301 -1.94 -31.46 -34.98
C LEU C 301 -0.49 -31.06 -35.22
N LYS C 302 0.37 -32.05 -35.41
CA LYS C 302 1.76 -31.90 -35.87
C LYS C 302 2.67 -31.28 -34.83
N ASP C 303 2.16 -30.80 -33.71
CA ASP C 303 2.94 -30.07 -32.68
C ASP C 303 3.66 -28.93 -33.39
N LEU C 304 4.80 -28.48 -32.90
CA LEU C 304 5.57 -27.39 -33.50
C LEU C 304 6.89 -27.95 -34.00
N ALA C 305 7.29 -27.55 -35.21
CA ALA C 305 8.51 -28.05 -35.83
C ALA C 305 9.31 -26.87 -36.39
N LEU C 306 10.62 -27.06 -36.45
CA LEU C 306 11.54 -26.06 -36.99
C LEU C 306 12.34 -26.70 -38.12
N GLU C 307 12.41 -26.01 -39.25
CA GLU C 307 13.00 -26.56 -40.46
C GLU C 307 13.98 -25.57 -41.07
N ARG C 308 15.04 -26.10 -41.66
CA ARG C 308 16.07 -25.30 -42.32
C ARG C 308 16.27 -25.80 -43.73
N ALA C 309 16.38 -24.87 -44.69
CA ALA C 309 16.51 -25.20 -46.09
C ALA C 309 17.57 -24.32 -46.74
N ARG C 310 18.08 -24.77 -47.87
CA ARG C 310 19.11 -24.06 -48.63
C ARG C 310 18.56 -23.72 -50.02
N ARG C 311 18.52 -22.44 -50.32
CA ARG C 311 18.06 -21.94 -51.63
C ARG C 311 19.27 -21.50 -52.43
N THR C 312 19.84 -22.43 -53.22
CA THR C 312 21.05 -22.13 -53.96
C THR C 312 20.79 -21.12 -55.07
N GLU C 313 19.65 -21.22 -55.75
CA GLU C 313 19.37 -20.33 -56.88
C GLU C 313 19.33 -18.87 -56.44
N TYR C 314 18.91 -18.61 -55.20
CA TYR C 314 18.97 -17.28 -54.63
C TYR C 314 20.17 -17.08 -53.72
N GLN C 315 20.99 -18.12 -53.52
CA GLN C 315 22.16 -18.06 -52.64
C GLN C 315 21.78 -17.61 -51.24
N ALA C 316 20.72 -18.18 -50.68
CA ALA C 316 20.21 -17.78 -49.38
C ALA C 316 19.83 -19.01 -48.56
N ASP C 317 19.95 -18.90 -47.24
CA ASP C 317 19.45 -19.94 -46.35
C ASP C 317 18.06 -19.57 -45.86
N GLN C 318 17.30 -20.57 -45.41
CA GLN C 318 15.92 -20.38 -45.00
C GLN C 318 15.64 -21.16 -43.72
N ILE C 319 14.92 -20.53 -42.80
CA ILE C 319 14.43 -21.17 -41.58
C ILE C 319 12.94 -20.93 -41.51
N VAL C 320 12.18 -21.97 -41.20
CA VAL C 320 10.72 -21.89 -41.12
C VAL C 320 10.25 -22.69 -39.90
N ALA C 321 9.28 -22.12 -39.17
CA ALA C 321 8.64 -22.78 -38.05
C ALA C 321 7.15 -22.91 -38.36
N LYS C 322 6.53 -23.98 -37.87
CA LYS C 322 5.18 -24.28 -38.30
C LYS C 322 4.47 -25.18 -37.30
N TYR C 323 3.15 -24.99 -37.19
CA TYR C 323 2.28 -25.93 -36.51
C TYR C 323 0.90 -25.87 -37.15
N ALA C 324 0.01 -26.75 -36.69
CA ALA C 324 -1.38 -26.78 -37.13
C ALA C 324 -2.27 -27.01 -35.92
N MET C 325 -3.03 -25.98 -35.55
CA MET C 325 -3.96 -26.07 -34.42
C MET C 325 -5.29 -25.43 -34.79
N GLY C 326 -6.32 -25.81 -34.05
CA GLY C 326 -7.64 -25.23 -34.21
C GLY C 326 -8.19 -24.72 -32.89
N HIS C 327 -8.72 -23.50 -32.90
CA HIS C 327 -9.24 -22.86 -31.70
C HIS C 327 -10.74 -22.64 -31.85
N GLY C 328 -11.51 -23.04 -30.85
CA GLY C 328 -12.95 -22.88 -30.88
C GLY C 328 -13.50 -22.63 -29.49
N GLY C 329 -14.64 -21.95 -29.46
CA GLY C 329 -15.33 -21.65 -28.22
C GLY C 329 -16.31 -22.73 -27.85
N LEU C 330 -16.15 -23.27 -26.64
CA LEU C 330 -17.04 -24.28 -26.11
C LEU C 330 -17.46 -23.87 -24.70
N ARG C 331 -18.67 -24.26 -24.32
CA ARG C 331 -19.25 -23.92 -23.02
C ARG C 331 -19.37 -22.40 -22.86
N PRO C 332 -20.25 -21.75 -23.62
CA PRO C 332 -20.33 -20.29 -23.56
C PRO C 332 -20.76 -19.73 -22.21
N GLU C 333 -21.38 -20.55 -21.36
CA GLU C 333 -21.83 -20.05 -20.06
C GLU C 333 -20.66 -19.67 -19.17
N SER C 334 -19.47 -20.20 -19.46
CA SER C 334 -18.30 -19.89 -18.64
C SER C 334 -17.66 -18.57 -19.05
N ALA C 335 -18.08 -18.01 -20.18
CA ALA C 335 -17.46 -16.80 -20.70
C ALA C 335 -17.91 -15.58 -19.91
N GLY C 336 -17.31 -14.43 -20.24
CA GLY C 336 -17.66 -13.18 -19.60
C GLY C 336 -16.80 -12.04 -20.13
N ALA C 337 -17.14 -10.83 -19.68
CA ALA C 337 -16.43 -9.64 -20.11
C ALA C 337 -16.67 -8.48 -19.14
N LEU C 338 -15.87 -7.45 -19.27
CA LEU C 338 -16.10 -6.15 -18.63
C LEU C 338 -15.82 -5.06 -19.66
N VAL C 339 -16.80 -4.19 -19.89
CA VAL C 339 -16.71 -3.19 -20.95
C VAL C 339 -17.12 -1.84 -20.42
N PHE C 340 -16.71 -0.79 -21.11
CA PHE C 340 -17.13 0.56 -20.79
C PHE C 340 -18.53 0.81 -21.33
N THR C 341 -19.27 1.70 -20.68
CA THR C 341 -20.60 2.05 -21.13
C THR C 341 -20.54 2.82 -22.44
N ALA C 342 -21.40 2.45 -23.39
CA ALA C 342 -21.45 3.13 -24.68
C ALA C 342 -21.77 4.60 -24.50
N ALA C 343 -21.03 5.45 -25.21
CA ALA C 343 -21.23 6.89 -25.11
C ALA C 343 -22.62 7.27 -25.61
N SER C 344 -23.26 8.19 -24.89
CA SER C 344 -24.59 8.65 -25.28
C SER C 344 -24.52 9.42 -26.58
N ALA C 345 -25.49 9.17 -27.46
CA ALA C 345 -25.54 9.83 -28.76
C ALA C 345 -26.95 10.35 -29.05
N ALA D 2 4.19 -18.25 -57.29
CA ALA D 2 3.18 -18.95 -58.07
C ALA D 2 2.72 -20.22 -57.35
N ASN D 3 1.43 -20.51 -57.44
CA ASN D 3 0.89 -21.69 -56.80
C ASN D 3 1.35 -22.96 -57.50
N MET D 4 1.63 -24.00 -56.72
CA MET D 4 2.01 -25.28 -57.29
C MET D 4 0.83 -25.91 -58.03
N GLN D 5 1.13 -26.59 -59.14
CA GLN D 5 0.12 -27.21 -59.97
C GLN D 5 0.31 -28.72 -59.95
N GLY D 6 -0.79 -29.45 -60.01
CA GLY D 6 -0.72 -30.91 -60.02
C GLY D 6 -0.32 -31.53 -58.70
N GLY D 7 -0.46 -30.80 -57.60
CA GLY D 7 -0.09 -31.35 -56.31
C GLY D 7 -1.08 -32.40 -55.85
N GLN D 8 -0.55 -33.41 -55.15
CA GLN D 8 -1.41 -34.47 -54.63
C GLN D 8 -2.31 -33.92 -53.52
N ARG D 9 -3.62 -33.95 -53.78
CA ARG D 9 -4.62 -33.44 -52.85
C ARG D 9 -5.52 -34.59 -52.41
N LEU D 10 -5.44 -34.93 -51.12
CA LEU D 10 -6.17 -36.10 -50.62
C LEU D 10 -7.60 -35.75 -50.25
N GLY D 11 -7.87 -34.49 -49.91
CA GLY D 11 -9.19 -34.12 -49.46
C GLY D 11 -10.23 -34.10 -50.58
N THR D 12 -9.84 -33.60 -51.75
CA THR D 12 -10.79 -33.46 -52.84
C THR D 12 -11.22 -34.84 -53.34
N ASN D 13 -12.48 -34.95 -53.77
CA ASN D 13 -13.06 -36.26 -54.05
C ASN D 13 -12.54 -36.84 -55.36
N GLN D 14 -12.38 -36.02 -56.39
CA GLN D 14 -12.18 -36.50 -57.77
C GLN D 14 -13.38 -37.40 -58.08
N GLY D 15 -13.18 -38.65 -58.46
CA GLY D 15 -14.28 -39.52 -58.84
C GLY D 15 -14.79 -39.21 -60.24
N LYS D 16 -15.49 -40.19 -60.81
CA LYS D 16 -15.96 -40.05 -62.19
C LYS D 16 -17.07 -39.01 -62.29
N GLY D 17 -18.02 -39.05 -61.36
CA GLY D 17 -19.15 -38.14 -61.42
C GLY D 17 -19.33 -37.26 -60.20
N GLN D 18 -18.39 -37.32 -59.26
CA GLN D 18 -18.53 -36.56 -58.03
C GLN D 18 -18.29 -35.07 -58.26
N SER D 19 -18.85 -34.24 -57.37
CA SER D 19 -18.73 -32.80 -57.53
C SER D 19 -17.30 -32.34 -57.29
N ALA D 20 -16.67 -32.83 -56.21
CA ALA D 20 -15.30 -32.53 -55.83
C ALA D 20 -15.05 -31.05 -55.58
N ALA D 21 -16.08 -30.30 -55.19
CA ALA D 21 -15.87 -28.87 -54.91
C ALA D 21 -15.21 -28.66 -53.56
N ASP D 22 -15.53 -29.50 -52.58
CA ASP D 22 -15.02 -29.36 -51.22
C ASP D 22 -13.59 -29.89 -51.14
N LYS D 23 -12.68 -29.10 -50.58
CA LYS D 23 -11.28 -29.50 -50.51
C LYS D 23 -11.03 -30.43 -49.33
N LEU D 24 -11.98 -30.51 -48.40
CA LEU D 24 -11.85 -31.35 -47.21
C LEU D 24 -12.90 -32.44 -47.15
N ALA D 25 -13.36 -32.94 -48.31
CA ALA D 25 -14.45 -33.91 -48.32
C ALA D 25 -14.01 -35.26 -47.77
N LEU D 26 -12.85 -35.76 -48.21
CA LEU D 26 -12.45 -37.11 -47.83
C LEU D 26 -11.99 -37.16 -46.38
N PHE D 27 -11.45 -36.06 -45.86
CA PHE D 27 -11.10 -36.02 -44.44
C PHE D 27 -12.37 -36.08 -43.60
N LEU D 28 -12.29 -36.79 -42.48
CA LEU D 28 -13.44 -37.02 -41.61
C LEU D 28 -13.14 -36.51 -40.21
N LYS D 29 -14.13 -35.86 -39.60
CA LYS D 29 -13.97 -35.38 -38.24
C LYS D 29 -13.94 -36.54 -37.25
N VAL D 30 -13.30 -36.32 -36.12
CA VAL D 30 -13.11 -37.35 -35.11
C VAL D 30 -13.75 -36.91 -33.81
N PHE D 31 -14.02 -37.88 -32.94
CA PHE D 31 -14.57 -37.58 -31.62
C PHE D 31 -13.51 -36.92 -30.76
N GLY D 32 -13.92 -35.86 -30.05
CA GLY D 32 -13.01 -35.17 -29.17
C GLY D 32 -12.66 -35.99 -27.94
N GLY D 33 -11.95 -35.34 -27.01
CA GLY D 33 -11.50 -36.04 -25.83
C GLY D 33 -12.62 -36.52 -24.94
N GLU D 34 -13.61 -35.66 -24.67
CA GLU D 34 -14.63 -35.95 -23.67
C GLU D 34 -15.95 -35.30 -24.07
N VAL D 35 -17.02 -35.73 -23.40
CA VAL D 35 -18.33 -35.13 -23.60
C VAL D 35 -18.54 -34.01 -22.57
N LEU D 36 -19.13 -32.91 -23.02
CA LEU D 36 -19.37 -31.76 -22.17
C LEU D 36 -20.73 -31.88 -21.50
N THR D 37 -20.72 -32.20 -20.20
CA THR D 37 -21.93 -32.43 -19.45
C THR D 37 -22.30 -31.16 -18.67
N ALA D 38 -23.60 -30.95 -18.47
CA ALA D 38 -24.06 -29.77 -17.77
C ALA D 38 -23.56 -29.77 -16.32
N PHE D 39 -23.30 -28.57 -15.79
CA PHE D 39 -22.75 -28.44 -14.45
C PHE D 39 -23.74 -28.94 -13.41
N ALA D 40 -23.20 -29.54 -12.35
CA ALA D 40 -24.04 -30.10 -11.30
C ALA D 40 -24.69 -28.99 -10.48
N ARG D 41 -25.89 -29.29 -9.97
CA ARG D 41 -26.64 -28.37 -9.13
C ARG D 41 -26.80 -28.99 -7.75
N THR D 42 -26.58 -28.18 -6.72
CA THR D 42 -26.52 -28.66 -5.34
C THR D 42 -27.70 -28.11 -4.54
N SER D 43 -28.23 -28.93 -3.64
CA SER D 43 -29.36 -28.55 -2.81
C SER D 43 -28.86 -27.82 -1.56
N VAL D 44 -29.59 -26.78 -1.14
CA VAL D 44 -29.16 -25.97 -0.01
C VAL D 44 -30.07 -26.17 1.19
N THR D 45 -31.36 -26.42 0.95
CA THR D 45 -32.35 -26.44 2.02
C THR D 45 -32.49 -27.80 2.68
N THR D 46 -31.69 -28.80 2.27
CA THR D 46 -31.89 -30.16 2.75
C THR D 46 -31.78 -30.26 4.27
N ASN D 47 -30.79 -29.59 4.85
CA ASN D 47 -30.55 -29.68 6.28
C ASN D 47 -31.03 -28.46 7.04
N ARG D 48 -31.83 -27.59 6.42
CA ARG D 48 -32.24 -26.33 7.04
C ARG D 48 -33.69 -26.30 7.48
N HIS D 49 -34.40 -27.44 7.44
CA HIS D 49 -35.78 -27.46 7.93
C HIS D 49 -36.12 -28.84 8.48
N MET D 50 -37.43 -29.04 8.68
CA MET D 50 -37.91 -30.05 9.62
C MET D 50 -37.70 -31.47 9.11
N GLN D 51 -38.08 -31.74 7.85
CA GLN D 51 -37.93 -33.07 7.25
C GLN D 51 -38.65 -34.15 8.06
N ARG D 52 -39.98 -34.06 8.12
CA ARG D 52 -40.76 -35.13 8.75
C ARG D 52 -41.22 -36.14 7.71
N GLN D 53 -41.63 -37.31 8.20
CA GLN D 53 -42.06 -38.42 7.36
C GLN D 53 -43.29 -39.08 7.96
N ILE D 54 -44.26 -39.41 7.12
CA ILE D 54 -45.47 -40.12 7.52
C ILE D 54 -45.63 -41.35 6.64
N SER D 55 -46.49 -42.26 7.08
CA SER D 55 -46.82 -43.47 6.32
C SER D 55 -48.32 -43.54 6.12
N SER D 56 -48.74 -43.70 4.86
CA SER D 56 -50.15 -43.91 4.51
C SER D 56 -51.04 -42.77 5.00
N GLY D 57 -50.80 -41.57 4.48
CA GLY D 57 -51.61 -40.43 4.85
C GLY D 57 -51.83 -39.45 3.73
N LYS D 58 -53.00 -38.82 3.70
CA LYS D 58 -53.26 -37.76 2.73
C LYS D 58 -52.52 -36.49 3.10
N SER D 59 -52.47 -36.17 4.40
CA SER D 59 -51.92 -34.92 4.87
C SER D 59 -51.41 -35.11 6.29
N ALA D 60 -50.63 -34.14 6.77
CA ALA D 60 -50.06 -34.15 8.10
C ALA D 60 -50.54 -32.94 8.87
N GLN D 61 -50.86 -33.13 10.15
CA GLN D 61 -51.39 -32.06 11.00
C GLN D 61 -50.38 -31.72 12.08
N PHE D 62 -50.04 -30.44 12.18
CA PHE D 62 -49.15 -29.95 13.23
C PHE D 62 -49.90 -28.90 14.04
N PRO D 63 -50.36 -29.22 15.25
CA PRO D 63 -51.07 -28.23 16.05
C PRO D 63 -50.11 -27.22 16.68
N VAL D 64 -50.65 -26.06 17.04
CA VAL D 64 -49.89 -25.02 17.71
C VAL D 64 -50.64 -24.64 18.99
N ILE D 65 -49.89 -24.10 19.95
CA ILE D 65 -50.45 -23.70 21.25
C ILE D 65 -50.01 -22.28 21.53
N GLY D 66 -50.96 -21.42 21.91
CA GLY D 66 -50.65 -20.04 22.21
C GLY D 66 -50.11 -19.85 23.61
N ARG D 67 -50.14 -18.60 24.06
CA ARG D 67 -49.65 -18.26 25.38
C ARG D 67 -50.77 -17.74 26.27
N THR D 68 -50.45 -17.52 27.54
CA THR D 68 -51.41 -17.02 28.51
C THR D 68 -50.79 -15.89 29.30
N LYS D 69 -51.65 -15.08 29.94
CA LYS D 69 -51.21 -13.93 30.71
C LYS D 69 -51.94 -13.92 32.05
N ALA D 70 -51.26 -13.44 33.09
CA ALA D 70 -51.77 -13.54 34.44
C ALA D 70 -52.55 -12.29 34.84
N ALA D 71 -53.18 -12.37 36.01
CA ALA D 71 -53.97 -11.28 36.55
C ALA D 71 -53.99 -11.36 38.07
N TYR D 72 -54.42 -10.28 38.71
CA TYR D 72 -54.45 -10.23 40.16
C TYR D 72 -55.83 -10.61 40.68
N LEU D 73 -55.86 -11.50 41.66
CA LEU D 73 -57.10 -12.00 42.25
C LEU D 73 -57.29 -11.36 43.62
N GLN D 74 -58.16 -10.35 43.69
CA GLN D 74 -58.49 -9.73 44.96
C GLN D 74 -59.22 -10.72 45.85
N PRO D 75 -59.07 -10.60 47.17
CA PRO D 75 -59.79 -11.49 48.08
C PRO D 75 -61.30 -11.32 47.93
N GLY D 76 -61.98 -12.43 47.69
CA GLY D 76 -63.40 -12.40 47.40
C GLY D 76 -63.75 -12.40 45.94
N GLU D 77 -62.81 -12.69 45.06
CA GLU D 77 -63.04 -12.73 43.62
C GLU D 77 -62.85 -14.15 43.11
N SER D 78 -63.66 -14.54 42.13
CA SER D 78 -63.61 -15.90 41.61
C SER D 78 -62.65 -15.98 40.43
N LEU D 79 -61.95 -17.11 40.31
CA LEU D 79 -61.07 -17.31 39.16
C LEU D 79 -61.87 -17.51 37.88
N ASP D 80 -63.11 -17.98 38.00
CA ASP D 80 -63.93 -18.21 36.81
C ASP D 80 -64.29 -16.92 36.11
N ASP D 81 -64.50 -15.84 36.88
CA ASP D 81 -64.88 -14.57 36.28
C ASP D 81 -63.78 -14.02 35.39
N LYS D 82 -62.53 -14.15 35.83
CA LYS D 82 -61.38 -13.70 35.04
C LYS D 82 -60.63 -14.93 34.52
N ARG D 83 -61.08 -15.44 33.39
CA ARG D 83 -60.40 -16.52 32.69
C ARG D 83 -60.47 -16.25 31.20
N LYS D 84 -59.34 -16.45 30.51
CA LYS D 84 -59.25 -16.14 29.09
C LYS D 84 -59.09 -17.37 28.21
N ASP D 85 -58.26 -18.33 28.65
CA ASP D 85 -57.89 -19.62 28.06
C ASP D 85 -56.72 -19.46 27.09
N ILE D 86 -56.15 -20.58 26.66
CA ILE D 86 -55.02 -20.60 25.74
C ILE D 86 -55.53 -21.05 24.37
N LYS D 87 -55.30 -20.22 23.36
CA LYS D 87 -55.86 -20.48 22.05
C LYS D 87 -55.18 -21.65 21.37
N HIS D 88 -55.90 -22.28 20.45
CA HIS D 88 -55.43 -23.44 19.70
C HIS D 88 -55.79 -23.27 18.24
N THR D 89 -54.86 -23.65 17.36
CA THR D 89 -55.16 -23.80 15.94
C THR D 89 -54.15 -24.76 15.34
N GLU D 90 -54.26 -24.99 14.03
CA GLU D 90 -53.53 -26.06 13.38
C GLU D 90 -52.79 -25.55 12.16
N LYS D 91 -51.64 -26.16 11.88
CA LYS D 91 -50.92 -26.00 10.62
C LYS D 91 -50.80 -27.35 9.96
N THR D 92 -51.32 -27.46 8.73
CA THR D 92 -51.34 -28.72 8.01
C THR D 92 -50.81 -28.52 6.59
N ILE D 93 -50.06 -29.50 6.10
CA ILE D 93 -49.61 -29.50 4.71
C ILE D 93 -49.99 -30.82 4.04
N ASN D 94 -50.80 -30.74 3.00
CA ASN D 94 -51.17 -31.93 2.25
C ASN D 94 -50.05 -32.33 1.30
N ILE D 95 -49.86 -33.65 1.17
CA ILE D 95 -48.81 -34.17 0.30
C ILE D 95 -49.23 -34.04 -1.16
N ASP D 96 -48.30 -33.61 -2.00
CA ASP D 96 -48.59 -33.40 -3.41
C ASP D 96 -48.63 -34.74 -4.13
N GLY D 97 -48.86 -34.70 -5.44
CA GLY D 97 -48.91 -35.91 -6.22
C GLY D 97 -47.54 -36.54 -6.39
N LEU D 98 -47.48 -37.57 -7.22
CA LEU D 98 -46.21 -38.21 -7.52
C LEU D 98 -45.43 -37.37 -8.52
N LEU D 99 -44.17 -37.09 -8.18
CA LEU D 99 -43.27 -36.31 -9.02
C LEU D 99 -42.33 -37.26 -9.74
N THR D 100 -42.30 -37.18 -11.07
CA THR D 100 -41.57 -38.13 -11.89
C THR D 100 -40.71 -37.41 -12.91
N ALA D 101 -39.56 -38.00 -13.23
CA ALA D 101 -38.71 -37.58 -14.34
C ALA D 101 -38.20 -38.85 -15.01
N ASP D 102 -38.18 -38.86 -16.34
CA ASP D 102 -37.83 -40.07 -17.07
C ASP D 102 -37.20 -39.74 -18.42
N VAL D 103 -36.48 -40.72 -18.96
CA VAL D 103 -35.88 -40.64 -20.30
C VAL D 103 -36.17 -41.96 -21.02
N LEU D 104 -36.14 -41.92 -22.34
CA LEU D 104 -36.33 -43.11 -23.18
C LEU D 104 -35.20 -43.17 -24.20
N ILE D 105 -34.52 -44.31 -24.25
CA ILE D 105 -33.35 -44.51 -25.11
C ILE D 105 -33.64 -45.65 -26.08
N TYR D 106 -33.52 -45.36 -27.37
CA TYR D 106 -33.72 -46.37 -28.39
C TYR D 106 -32.46 -47.19 -28.60
N ASP D 107 -32.63 -48.48 -28.90
CA ASP D 107 -31.49 -49.38 -29.01
C ASP D 107 -30.65 -49.06 -30.25
N ILE D 108 -31.29 -48.72 -31.37
CA ILE D 108 -30.55 -48.53 -32.61
C ILE D 108 -29.67 -47.29 -32.53
N GLU D 109 -30.22 -46.18 -32.02
CA GLU D 109 -29.45 -44.94 -31.97
C GLU D 109 -28.48 -44.94 -30.79
N ASP D 110 -28.67 -45.85 -29.82
CA ASP D 110 -27.67 -46.02 -28.77
C ASP D 110 -26.45 -46.75 -29.31
N ALA D 111 -26.66 -47.73 -30.19
CA ALA D 111 -25.54 -48.42 -30.80
C ALA D 111 -24.77 -47.51 -31.74
N MET D 112 -25.47 -46.64 -32.45
CA MET D 112 -24.81 -45.69 -33.35
C MET D 112 -24.03 -44.65 -32.58
N ASN D 113 -24.30 -44.50 -31.29
CA ASN D 113 -23.67 -43.46 -30.50
C ASN D 113 -22.23 -43.83 -30.16
N HIS D 114 -21.35 -42.84 -30.16
CA HIS D 114 -19.94 -43.09 -29.90
C HIS D 114 -19.56 -42.80 -28.45
N TYR D 115 -20.47 -42.20 -27.69
CA TYR D 115 -20.27 -41.94 -26.27
C TYR D 115 -21.48 -42.45 -25.49
N ASP D 116 -21.23 -42.93 -24.27
CA ASP D 116 -22.31 -43.47 -23.46
C ASP D 116 -23.03 -42.35 -22.71
N VAL D 117 -24.33 -42.52 -22.52
CA VAL D 117 -25.20 -41.49 -21.93
C VAL D 117 -26.04 -42.02 -20.79
N ARG D 118 -26.13 -43.35 -20.62
CA ARG D 118 -27.05 -43.90 -19.63
C ARG D 118 -26.66 -43.49 -18.21
N SER D 119 -25.37 -43.51 -17.89
CA SER D 119 -24.95 -43.17 -16.53
C SER D 119 -25.19 -41.69 -16.23
N GLU D 120 -25.00 -40.84 -17.23
CA GLU D 120 -25.20 -39.40 -17.01
C GLU D 120 -26.68 -39.05 -16.96
N TYR D 121 -27.52 -39.83 -17.63
CA TYR D 121 -28.96 -39.53 -17.65
C TYR D 121 -29.57 -39.71 -16.27
N THR D 122 -29.17 -40.74 -15.53
CA THR D 122 -29.71 -40.95 -14.20
C THR D 122 -29.31 -39.82 -13.25
N SER D 123 -28.14 -39.23 -13.48
CA SER D 123 -27.73 -38.10 -12.65
C SER D 123 -28.63 -36.90 -12.88
N GLN D 124 -29.01 -36.64 -14.15
CA GLN D 124 -29.88 -35.51 -14.45
C GLN D 124 -31.30 -35.75 -13.94
N ILE D 125 -31.76 -37.00 -13.98
CA ILE D 125 -33.12 -37.31 -13.54
C ILE D 125 -33.26 -37.07 -12.05
N GLY D 126 -32.31 -37.58 -11.26
CA GLY D 126 -32.34 -37.36 -9.83
C GLY D 126 -32.11 -35.91 -9.45
N GLU D 127 -31.22 -35.23 -10.19
CA GLU D 127 -30.94 -33.82 -9.91
C GLU D 127 -32.17 -32.95 -10.16
N SER D 128 -32.93 -33.26 -11.22
CA SER D 128 -34.13 -32.48 -11.51
C SER D 128 -35.16 -32.62 -10.39
N LEU D 129 -35.25 -33.81 -9.80
CA LEU D 129 -36.20 -34.02 -8.71
C LEU D 129 -35.78 -33.24 -7.46
N ALA D 130 -34.47 -33.15 -7.21
CA ALA D 130 -34.00 -32.43 -6.03
C ALA D 130 -34.20 -30.93 -6.18
N MET D 131 -34.06 -30.40 -7.40
CA MET D 131 -34.22 -28.97 -7.60
C MET D 131 -35.66 -28.53 -7.39
N ALA D 132 -36.62 -29.44 -7.63
CA ALA D 132 -38.02 -29.11 -7.40
C ALA D 132 -38.31 -28.95 -5.92
N ALA D 133 -37.64 -29.75 -5.07
CA ALA D 133 -37.82 -29.62 -3.64
C ALA D 133 -37.28 -28.28 -3.13
N ASP D 134 -36.11 -27.87 -3.63
CA ASP D 134 -35.52 -26.61 -3.19
C ASP D 134 -36.41 -25.42 -3.56
N GLY D 135 -36.91 -25.42 -4.80
CA GLY D 135 -37.77 -24.32 -5.22
C GLY D 135 -39.06 -24.25 -4.42
N ALA D 136 -39.62 -25.41 -4.07
CA ALA D 136 -40.87 -25.43 -3.33
C ALA D 136 -40.68 -24.99 -1.89
N VAL D 137 -39.57 -25.41 -1.26
CA VAL D 137 -39.29 -25.01 0.12
C VAL D 137 -39.07 -23.51 0.20
N LEU D 138 -38.29 -22.95 -0.73
CA LEU D 138 -38.05 -21.51 -0.71
C LEU D 138 -39.30 -20.73 -1.09
N ALA D 139 -40.15 -21.30 -1.95
CA ALA D 139 -41.41 -20.64 -2.28
C ALA D 139 -42.37 -20.67 -1.12
N GLU D 140 -42.37 -21.75 -0.34
CA GLU D 140 -43.21 -21.82 0.85
C GLU D 140 -42.74 -20.82 1.89
N LEU D 141 -41.43 -20.58 1.96
CA LEU D 141 -40.90 -19.56 2.85
C LEU D 141 -41.40 -18.17 2.44
N ALA D 142 -41.46 -17.91 1.13
CA ALA D 142 -42.02 -16.65 0.67
C ALA D 142 -43.53 -16.62 0.84
N GLY D 143 -44.18 -17.78 0.89
CA GLY D 143 -45.60 -17.82 1.15
C GLY D 143 -45.95 -17.31 2.54
N LEU D 144 -45.09 -17.58 3.52
CA LEU D 144 -45.33 -17.09 4.87
C LEU D 144 -45.28 -15.57 4.92
N VAL D 145 -44.33 -14.96 4.20
CA VAL D 145 -44.23 -13.51 4.16
C VAL D 145 -45.41 -12.90 3.42
N ASN D 146 -45.93 -13.60 2.42
CA ASN D 146 -47.05 -13.13 1.62
C ASN D 146 -48.40 -13.27 2.33
N LEU D 147 -48.41 -13.77 3.55
CA LEU D 147 -49.65 -13.92 4.30
C LEU D 147 -50.36 -12.58 4.45
N ALA D 148 -51.67 -12.60 4.24
CA ALA D 148 -52.46 -11.37 4.26
C ALA D 148 -52.48 -10.76 5.66
N ASP D 149 -52.92 -9.51 5.72
CA ASP D 149 -52.97 -8.79 7.00
C ASP D 149 -53.88 -9.49 7.99
N SER D 150 -54.87 -10.24 7.50
CA SER D 150 -55.76 -10.96 8.40
C SER D 150 -55.09 -12.17 9.02
N VAL D 151 -54.27 -12.89 8.24
CA VAL D 151 -53.75 -14.19 8.64
C VAL D 151 -52.23 -14.22 8.73
N ASN D 152 -51.60 -13.12 9.16
CA ASN D 152 -50.13 -13.10 9.26
C ASN D 152 -49.63 -14.18 10.21
N GLU D 153 -50.33 -14.41 11.31
CA GLU D 153 -49.84 -15.23 12.42
C GLU D 153 -50.86 -16.30 12.77
N ASN D 154 -50.36 -17.42 13.31
CA ASN D 154 -51.25 -18.50 13.73
C ASN D 154 -52.20 -18.03 14.82
N ILE D 155 -51.67 -17.44 15.89
CA ILE D 155 -52.44 -16.88 16.98
C ILE D 155 -51.90 -15.49 17.25
N ALA D 156 -52.81 -14.53 17.41
CA ALA D 156 -52.40 -13.13 17.59
C ALA D 156 -51.49 -12.98 18.79
N GLY D 157 -50.35 -12.33 18.58
CA GLY D 157 -49.41 -12.04 19.66
C GLY D 157 -48.17 -12.89 19.70
N LEU D 158 -48.07 -13.93 18.88
CA LEU D 158 -46.85 -14.76 18.90
C LEU D 158 -45.75 -14.15 18.04
N GLY D 159 -46.08 -13.74 16.82
CA GLY D 159 -45.07 -13.14 15.97
C GLY D 159 -45.61 -12.75 14.62
N LYS D 160 -44.79 -11.99 13.89
CA LYS D 160 -45.13 -11.42 12.60
C LYS D 160 -44.07 -11.78 11.57
N PRO D 161 -44.45 -12.08 10.32
CA PRO D 161 -43.44 -12.50 9.34
C PRO D 161 -42.36 -11.47 9.06
N SER D 162 -42.69 -10.17 9.14
CA SER D 162 -41.74 -9.07 8.92
C SER D 162 -41.39 -8.94 7.44
N LEU D 163 -41.30 -7.70 6.94
CA LEU D 163 -41.14 -7.47 5.51
C LEU D 163 -39.82 -6.77 5.20
N LEU D 164 -39.52 -5.63 5.84
CA LEU D 164 -38.25 -4.92 5.72
C LEU D 164 -38.04 -4.31 4.32
N GLU D 165 -37.25 -3.24 4.25
CA GLU D 165 -37.01 -2.52 3.00
C GLU D 165 -35.53 -2.22 2.87
N VAL D 166 -34.99 -2.34 1.65
CA VAL D 166 -33.59 -2.06 1.39
C VAL D 166 -33.40 -0.77 0.59
N GLY D 167 -34.20 -0.57 -0.45
CA GLY D 167 -34.00 0.60 -1.29
C GLY D 167 -34.98 0.67 -2.43
N LEU D 168 -34.75 1.63 -3.33
CA LEU D 168 -35.68 1.91 -4.40
C LEU D 168 -35.38 1.11 -5.66
N LYS D 169 -34.22 0.43 -5.69
CA LYS D 169 -33.80 -0.45 -6.78
C LYS D 169 -33.39 0.35 -8.00
N ALA D 170 -33.59 1.67 -7.94
CA ALA D 170 -33.15 2.58 -9.00
C ALA D 170 -31.86 3.30 -8.62
N ASP D 171 -31.83 3.92 -7.43
CA ASP D 171 -30.61 4.54 -6.94
C ASP D 171 -29.70 3.51 -6.27
N LEU D 172 -30.20 2.29 -6.08
CA LEU D 172 -29.44 1.28 -5.36
C LEU D 172 -28.72 0.34 -6.31
N THR D 173 -28.65 0.71 -7.59
CA THR D 173 -28.06 -0.14 -8.62
C THR D 173 -26.57 -0.41 -8.38
N ASP D 174 -25.88 0.55 -7.76
CA ASP D 174 -24.46 0.36 -7.47
C ASP D 174 -24.28 -0.79 -6.49
N PRO D 175 -23.47 -1.79 -6.83
CA PRO D 175 -23.28 -2.92 -5.89
C PRO D 175 -22.71 -2.50 -4.54
N VAL D 176 -21.87 -1.47 -4.50
CA VAL D 176 -21.36 -0.98 -3.22
C VAL D 176 -22.49 -0.38 -2.40
N LYS D 177 -23.33 0.45 -3.03
CA LYS D 177 -24.47 1.03 -2.33
C LYS D 177 -25.48 -0.04 -1.95
N LEU D 178 -25.74 -1.00 -2.85
CA LEU D 178 -26.70 -2.06 -2.56
C LEU D 178 -26.24 -2.92 -1.39
N GLY D 179 -24.95 -3.25 -1.35
CA GLY D 179 -24.45 -4.09 -0.26
C GLY D 179 -24.54 -3.40 1.08
N GLN D 180 -24.35 -2.09 1.12
CA GLN D 180 -24.51 -1.36 2.37
C GLN D 180 -25.95 -1.42 2.87
N ALA D 181 -26.90 -1.32 1.95
CA ALA D 181 -28.31 -1.41 2.34
C ALA D 181 -28.63 -2.80 2.89
N VAL D 182 -28.10 -3.84 2.26
CA VAL D 182 -28.37 -5.21 2.71
C VAL D 182 -27.75 -5.46 4.08
N ILE D 183 -26.50 -5.02 4.26
CA ILE D 183 -25.83 -5.20 5.55
C ILE D 183 -26.56 -4.43 6.65
N ALA D 184 -26.90 -3.17 6.37
CA ALA D 184 -27.60 -2.36 7.35
C ALA D 184 -28.98 -2.94 7.66
N GLN D 185 -29.64 -3.50 6.66
CA GLN D 185 -30.98 -4.04 6.87
C GLN D 185 -30.92 -5.42 7.51
N LEU D 186 -29.76 -6.08 7.42
CA LEU D 186 -29.60 -7.38 8.08
C LEU D 186 -29.46 -7.20 9.59
N THR D 187 -28.92 -6.07 10.03
CA THR D 187 -28.86 -5.79 11.46
C THR D 187 -30.26 -5.60 12.03
N ILE D 188 -31.16 -4.96 11.27
CA ILE D 188 -32.54 -4.82 11.69
C ILE D 188 -33.23 -6.19 11.68
N ALA D 189 -32.85 -7.06 10.74
CA ALA D 189 -33.52 -8.34 10.60
C ALA D 189 -33.36 -9.21 11.84
N ARG D 190 -32.16 -9.21 12.43
CA ARG D 190 -31.96 -9.99 13.66
C ARG D 190 -32.72 -9.35 14.82
N ALA D 191 -32.93 -8.04 14.78
CA ALA D 191 -33.72 -7.38 15.82
C ALA D 191 -35.19 -7.74 15.70
N ALA D 192 -35.73 -7.72 14.48
CA ALA D 192 -37.14 -8.07 14.27
C ALA D 192 -37.39 -9.54 14.60
N LEU D 193 -36.42 -10.41 14.32
CA LEU D 193 -36.59 -11.82 14.60
C LEU D 193 -36.41 -12.12 16.08
N THR D 194 -35.80 -11.21 16.82
CA THR D 194 -35.61 -11.42 18.26
C THR D 194 -36.83 -10.97 19.05
N LYS D 195 -37.52 -9.92 18.59
CA LYS D 195 -38.71 -9.43 19.29
C LYS D 195 -39.82 -10.47 19.35
N ASN D 196 -39.78 -11.48 18.49
CA ASN D 196 -40.72 -12.58 18.53
C ASN D 196 -40.20 -13.75 19.35
N TYR D 197 -39.10 -13.56 20.07
CA TYR D 197 -38.45 -14.57 20.90
C TYR D 197 -37.98 -15.77 20.09
N VAL D 198 -37.74 -15.60 18.80
CA VAL D 198 -37.15 -16.67 17.99
C VAL D 198 -35.72 -16.89 18.45
N PRO D 199 -35.31 -18.13 18.73
CA PRO D 199 -33.99 -18.35 19.33
C PRO D 199 -32.86 -17.90 18.43
N ALA D 200 -31.76 -17.47 19.05
CA ALA D 200 -30.54 -17.22 18.31
C ALA D 200 -29.99 -18.54 17.77
N ASN D 201 -29.12 -18.42 16.76
CA ASN D 201 -28.42 -19.45 15.98
C ASN D 201 -29.44 -20.31 15.23
N ASP D 202 -28.96 -21.15 14.32
CA ASP D 202 -29.82 -21.86 13.37
C ASP D 202 -30.64 -20.87 12.54
N ARG D 203 -30.02 -19.73 12.24
CA ARG D 203 -30.61 -18.71 11.38
C ARG D 203 -29.81 -18.65 10.08
N THR D 204 -30.50 -18.46 8.97
CA THR D 204 -29.86 -18.42 7.67
C THR D 204 -30.55 -17.39 6.78
N PHE D 205 -29.81 -16.88 5.81
CA PHE D 205 -30.29 -15.87 4.89
C PHE D 205 -30.09 -16.36 3.46
N TYR D 206 -31.20 -16.55 2.75
CA TYR D 206 -31.19 -17.04 1.38
C TYR D 206 -31.28 -15.84 0.45
N THR D 207 -30.36 -15.76 -0.51
CA THR D 207 -30.33 -14.64 -1.43
C THR D 207 -29.70 -15.07 -2.75
N THR D 208 -29.97 -14.28 -3.80
CA THR D 208 -29.37 -14.51 -5.10
C THR D 208 -27.88 -14.19 -5.05
N PRO D 209 -27.10 -14.78 -5.96
CA PRO D 209 -25.66 -14.48 -5.96
C PRO D 209 -25.33 -13.01 -6.17
N ASP D 210 -26.19 -12.26 -6.87
CA ASP D 210 -25.91 -10.85 -7.10
C ASP D 210 -25.88 -10.07 -5.79
N VAL D 211 -26.85 -10.29 -4.92
CA VAL D 211 -26.84 -9.64 -3.61
C VAL D 211 -25.71 -10.19 -2.75
N TYR D 212 -25.44 -11.50 -2.88
CA TYR D 212 -24.28 -12.09 -2.21
C TYR D 212 -23.00 -11.36 -2.55
N SER D 213 -22.85 -10.94 -3.82
CA SER D 213 -21.67 -10.20 -4.21
C SER D 213 -21.76 -8.74 -3.80
N ALA D 214 -22.98 -8.21 -3.64
CA ALA D 214 -23.15 -6.85 -3.18
C ALA D 214 -22.60 -6.67 -1.78
N ILE D 215 -22.86 -7.64 -0.90
CA ILE D 215 -22.27 -7.63 0.44
C ILE D 215 -20.75 -7.72 0.36
N LEU D 216 -20.26 -8.49 -0.62
CA LEU D 216 -18.82 -8.61 -0.82
C LEU D 216 -18.19 -7.26 -1.17
N ALA D 217 -18.83 -6.51 -2.06
CA ALA D 217 -18.27 -5.24 -2.49
C ALA D 217 -18.43 -4.17 -1.42
N ALA D 218 -19.45 -4.29 -0.57
CA ALA D 218 -19.71 -3.27 0.44
C ALA D 218 -18.66 -3.29 1.53
N LEU D 219 -18.04 -4.44 1.77
CA LEU D 219 -17.03 -4.58 2.81
C LEU D 219 -15.60 -4.48 2.27
N MET D 220 -15.45 -3.96 1.04
CA MET D 220 -14.13 -3.78 0.46
C MET D 220 -13.39 -2.66 1.20
N PRO D 221 -12.06 -2.63 1.09
CA PRO D 221 -11.31 -1.54 1.76
C PRO D 221 -11.68 -0.16 1.25
N ASN D 222 -12.26 -0.07 0.05
CA ASN D 222 -12.73 1.21 -0.44
C ASN D 222 -13.89 1.74 0.38
N ALA D 223 -14.73 0.83 0.90
CA ALA D 223 -15.92 1.27 1.62
C ALA D 223 -15.82 1.00 3.12
N ALA D 224 -15.09 -0.03 3.51
CA ALA D 224 -15.01 -0.45 4.90
C ALA D 224 -13.77 0.13 5.56
N ASN D 225 -13.94 0.59 6.81
CA ASN D 225 -12.83 1.20 7.53
C ASN D 225 -11.87 0.15 8.08
N TYR D 226 -12.36 -1.06 8.33
CA TYR D 226 -11.51 -2.14 8.82
C TYR D 226 -12.04 -3.47 8.31
N ALA D 227 -11.17 -4.47 8.37
CA ALA D 227 -11.50 -5.78 7.80
C ALA D 227 -12.44 -6.55 8.73
N ALA D 228 -13.51 -7.09 8.15
CA ALA D 228 -14.45 -7.91 8.90
C ALA D 228 -15.21 -8.81 7.92
N LEU D 229 -15.67 -9.94 8.43
CA LEU D 229 -16.57 -10.84 7.72
C LEU D 229 -15.85 -11.40 6.49
N ILE D 230 -15.98 -10.80 5.31
CA ILE D 230 -15.53 -11.44 4.08
C ILE D 230 -14.02 -11.64 4.06
N ASP D 231 -13.56 -12.54 3.20
CA ASP D 231 -12.17 -12.57 2.77
C ASP D 231 -12.09 -12.22 1.28
N PRO D 232 -11.38 -11.15 0.93
CA PRO D 232 -11.40 -10.70 -0.48
C PRO D 232 -10.84 -11.71 -1.45
N GLU D 233 -9.90 -12.55 -1.01
CA GLU D 233 -9.24 -13.47 -1.93
C GLU D 233 -10.19 -14.54 -2.44
N ARG D 234 -10.85 -15.21 -1.52
CA ARG D 234 -11.82 -16.25 -1.84
C ARG D 234 -13.15 -15.79 -2.44
N GLY D 235 -13.63 -14.65 -1.98
CA GLY D 235 -14.90 -14.12 -2.45
C GLY D 235 -16.05 -14.70 -1.65
N SER D 236 -15.74 -15.36 -0.54
CA SER D 236 -16.77 -15.97 0.30
C SER D 236 -17.01 -15.21 1.59
N ILE D 237 -18.25 -14.79 1.80
CA ILE D 237 -18.70 -14.04 2.98
C ILE D 237 -18.80 -14.90 4.24
N ARG D 238 -18.52 -14.29 5.39
CA ARG D 238 -18.61 -14.98 6.68
C ARG D 238 -20.00 -14.86 7.32
N ASN D 239 -20.19 -15.45 8.50
CA ASN D 239 -21.49 -15.49 9.15
C ASN D 239 -21.91 -14.11 9.65
N VAL D 240 -22.35 -13.23 8.75
CA VAL D 240 -22.75 -11.89 9.18
C VAL D 240 -23.99 -11.98 10.04
N MET D 241 -23.88 -11.48 11.28
CA MET D 241 -24.94 -11.55 12.27
C MET D 241 -25.36 -12.99 12.52
N GLY D 242 -26.50 -13.20 13.19
CA GLY D 242 -26.95 -14.56 13.43
C GLY D 242 -27.21 -15.31 12.14
N PHE D 243 -27.61 -14.60 11.09
CA PHE D 243 -27.95 -15.23 9.83
C PHE D 243 -26.72 -15.77 9.13
N GLU D 244 -26.87 -16.94 8.51
CA GLU D 244 -25.84 -17.55 7.68
C GLU D 244 -26.20 -17.31 6.22
N VAL D 245 -25.31 -16.63 5.50
CA VAL D 245 -25.62 -16.26 4.12
C VAL D 245 -25.46 -17.48 3.22
N VAL D 246 -26.54 -17.83 2.52
CA VAL D 246 -26.52 -18.92 1.55
C VAL D 246 -26.93 -18.34 0.21
N GLU D 247 -26.08 -18.51 -0.80
CA GLU D 247 -26.35 -18.03 -2.14
C GLU D 247 -26.95 -19.17 -2.94
N VAL D 248 -28.06 -18.90 -3.62
CA VAL D 248 -28.78 -19.90 -4.40
C VAL D 248 -29.07 -19.30 -5.77
N PRO D 249 -28.61 -19.90 -6.86
CA PRO D 249 -29.02 -19.42 -8.19
C PRO D 249 -30.52 -19.51 -8.41
N HIS D 250 -31.17 -20.52 -7.84
CA HIS D 250 -32.59 -20.77 -8.09
C HIS D 250 -33.44 -20.22 -6.94
N LEU D 251 -33.59 -18.91 -6.88
CA LEU D 251 -34.73 -18.29 -6.21
C LEU D 251 -35.78 -17.97 -7.25
N THR D 252 -36.97 -17.63 -6.78
CA THR D 252 -38.08 -17.23 -7.65
C THR D 252 -38.41 -18.32 -8.69
N ALA D 253 -37.93 -19.54 -8.42
CA ALA D 253 -38.21 -20.69 -9.26
C ALA D 253 -38.80 -21.79 -8.39
N GLY D 254 -40.12 -21.91 -8.39
CA GLY D 254 -40.79 -22.76 -7.44
C GLY D 254 -40.78 -24.23 -7.83
N GLY D 255 -41.74 -24.97 -7.27
CA GLY D 255 -41.81 -26.39 -7.49
C GLY D 255 -42.31 -26.75 -8.88
N ALA D 256 -42.31 -28.05 -9.16
CA ALA D 256 -42.72 -28.53 -10.46
C ALA D 256 -44.24 -28.47 -10.62
N GLY D 257 -44.69 -28.51 -11.88
CA GLY D 257 -46.10 -28.48 -12.18
C GLY D 257 -46.47 -29.59 -13.16
N ASP D 258 -47.74 -29.60 -13.52
CA ASP D 258 -48.23 -30.59 -14.48
C ASP D 258 -47.78 -30.25 -15.89
N ASP D 259 -46.89 -31.10 -16.43
CA ASP D 259 -46.15 -31.07 -17.69
C ASP D 259 -44.72 -30.58 -17.44
N ARG D 260 -43.86 -30.71 -18.45
CA ARG D 260 -42.49 -30.25 -18.38
C ARG D 260 -42.34 -29.06 -19.33
N PRO D 261 -42.23 -27.83 -18.82
CA PRO D 261 -42.28 -26.66 -19.70
C PRO D 261 -41.05 -26.58 -20.60
N ASP D 262 -41.22 -25.89 -21.73
CA ASP D 262 -40.15 -25.78 -22.71
C ASP D 262 -38.97 -24.99 -22.17
N GLU D 263 -39.20 -23.72 -21.83
CA GLU D 263 -38.13 -22.86 -21.34
C GLU D 263 -38.70 -21.64 -20.63
N GLY D 264 -38.99 -20.58 -21.39
CA GLY D 264 -39.56 -19.38 -20.78
C GLY D 264 -40.96 -19.59 -20.27
N ALA D 265 -41.67 -20.58 -20.80
CA ALA D 265 -43.02 -20.86 -20.34
C ALA D 265 -43.00 -21.49 -18.96
N GLU D 266 -44.02 -21.18 -18.17
CA GLU D 266 -44.17 -21.79 -16.85
C GLU D 266 -44.99 -23.07 -16.95
N ALA D 267 -44.96 -23.85 -15.87
CA ALA D 267 -45.77 -25.06 -15.81
C ALA D 267 -47.25 -24.67 -15.77
N THR D 268 -48.09 -25.60 -16.26
CA THR D 268 -49.51 -25.32 -16.36
C THR D 268 -50.14 -25.11 -14.98
N ASN D 269 -49.90 -26.04 -14.06
CA ASN D 269 -50.39 -25.92 -12.70
C ASN D 269 -49.23 -26.14 -11.74
N GLN D 270 -48.56 -25.05 -11.38
CA GLN D 270 -47.37 -25.10 -10.54
C GLN D 270 -47.80 -25.16 -9.09
N LYS D 271 -47.40 -26.23 -8.40
CA LYS D 271 -47.87 -26.45 -7.04
C LYS D 271 -47.38 -25.36 -6.09
N HIS D 272 -46.08 -25.09 -6.10
CA HIS D 272 -45.49 -24.10 -5.21
C HIS D 272 -44.83 -23.03 -6.07
N ALA D 273 -45.47 -21.87 -6.16
CA ALA D 273 -45.06 -20.84 -7.10
C ALA D 273 -44.58 -19.61 -6.34
N PHE D 274 -43.54 -18.99 -6.87
CA PHE D 274 -43.05 -17.72 -6.36
C PHE D 274 -43.78 -16.60 -7.10
N PRO D 275 -44.53 -15.74 -6.40
CA PRO D 275 -45.37 -14.76 -7.10
C PRO D 275 -44.54 -13.83 -7.97
N ALA D 276 -45.05 -13.55 -9.17
CA ALA D 276 -44.32 -12.68 -10.10
C ALA D 276 -44.59 -11.21 -9.79
N ALA D 277 -45.84 -10.86 -9.53
CA ALA D 277 -46.23 -9.48 -9.24
C ALA D 277 -47.19 -9.46 -8.05
N GLY D 278 -46.87 -10.27 -7.05
CA GLY D 278 -47.70 -10.32 -5.86
C GLY D 278 -47.53 -9.10 -4.98
N GLY D 279 -48.30 -9.08 -3.88
CA GLY D 279 -48.28 -7.93 -3.00
C GLY D 279 -46.96 -7.78 -2.25
N LYS D 280 -46.47 -8.88 -1.67
CA LYS D 280 -45.27 -8.86 -0.84
C LYS D 280 -44.26 -9.84 -1.39
N VAL D 281 -42.97 -9.45 -1.32
CA VAL D 281 -41.80 -10.28 -1.60
C VAL D 281 -42.02 -11.06 -2.91
N ASN D 282 -42.58 -10.40 -3.91
CA ASN D 282 -42.78 -11.05 -5.20
C ASN D 282 -41.47 -11.16 -5.97
N LYS D 283 -41.58 -11.58 -7.23
CA LYS D 283 -40.39 -11.88 -8.02
C LYS D 283 -39.70 -10.62 -8.49
N GLU D 284 -40.46 -9.54 -8.73
CA GLU D 284 -39.89 -8.36 -9.37
C GLU D 284 -38.89 -7.64 -8.46
N ASN D 285 -39.22 -7.50 -7.17
CA ASN D 285 -38.34 -6.83 -6.22
C ASN D 285 -38.13 -7.72 -4.99
N VAL D 286 -37.17 -8.64 -5.10
CA VAL D 286 -36.80 -9.50 -3.98
C VAL D 286 -35.28 -9.46 -3.85
N VAL D 287 -34.82 -9.37 -2.61
CA VAL D 287 -33.39 -9.35 -2.29
C VAL D 287 -32.97 -10.63 -1.58
N GLY D 288 -33.72 -11.04 -0.56
CA GLY D 288 -33.40 -12.26 0.15
C GLY D 288 -34.51 -12.68 1.09
N LEU D 289 -34.37 -13.90 1.59
CA LEU D 289 -35.30 -14.48 2.57
C LEU D 289 -34.50 -15.00 3.75
N PHE D 290 -34.80 -14.49 4.94
CA PHE D 290 -34.17 -14.95 6.18
C PHE D 290 -35.19 -15.70 7.01
N GLN D 291 -34.74 -16.76 7.67
CA GLN D 291 -35.65 -17.67 8.36
C GLN D 291 -34.89 -18.46 9.41
N HIS D 292 -35.62 -19.00 10.36
CA HIS D 292 -35.08 -19.80 11.45
C HIS D 292 -35.41 -21.26 11.18
N ARG D 293 -34.62 -22.17 11.78
CA ARG D 293 -34.72 -23.61 11.57
C ARG D 293 -36.15 -24.10 11.46
N SER D 294 -37.02 -23.65 12.37
CA SER D 294 -38.41 -24.08 12.40
C SER D 294 -39.33 -23.04 11.72
N ALA D 295 -39.16 -22.91 10.41
CA ALA D 295 -40.00 -22.01 9.62
C ALA D 295 -40.68 -22.70 8.45
N VAL D 296 -40.11 -23.80 7.95
CA VAL D 296 -40.68 -24.56 6.84
C VAL D 296 -40.53 -26.04 7.18
N GLY D 297 -41.45 -26.85 6.66
CA GLY D 297 -41.40 -28.28 6.88
C GLY D 297 -41.80 -29.03 5.63
N THR D 298 -41.32 -30.26 5.54
CA THR D 298 -41.65 -31.16 4.43
C THR D 298 -42.03 -32.52 4.97
N VAL D 299 -42.93 -33.20 4.28
CA VAL D 299 -43.43 -34.52 4.67
C VAL D 299 -43.24 -35.47 3.49
N LYS D 300 -42.74 -36.66 3.76
CA LYS D 300 -42.29 -37.57 2.70
C LYS D 300 -43.11 -38.86 2.70
N LEU D 301 -43.52 -39.28 1.50
CA LEU D 301 -44.00 -40.64 1.25
C LEU D 301 -43.13 -41.28 0.18
N LYS D 302 -42.91 -42.58 0.31
CA LYS D 302 -42.26 -43.46 -0.66
C LYS D 302 -40.77 -43.15 -0.83
N ASP D 303 -40.24 -42.13 -0.19
CA ASP D 303 -38.83 -41.74 -0.28
C ASP D 303 -38.50 -41.53 -1.76
N LEU D 304 -37.26 -41.78 -2.20
CA LEU D 304 -36.86 -41.63 -3.59
C LEU D 304 -36.48 -42.99 -4.14
N ALA D 305 -37.01 -43.32 -5.31
CA ALA D 305 -36.78 -44.62 -5.95
C ALA D 305 -36.45 -44.42 -7.41
N LEU D 306 -35.65 -45.34 -7.95
CA LEU D 306 -35.27 -45.34 -9.36
C LEU D 306 -35.73 -46.65 -9.98
N GLU D 307 -36.47 -46.57 -11.08
CA GLU D 307 -37.03 -47.74 -11.74
C GLU D 307 -36.72 -47.69 -13.22
N ARG D 308 -36.35 -48.85 -13.79
CA ARG D 308 -36.05 -48.97 -15.20
C ARG D 308 -36.93 -50.06 -15.81
N ALA D 309 -37.42 -49.82 -17.02
CA ALA D 309 -38.33 -50.73 -17.70
C ALA D 309 -37.86 -50.95 -19.14
N ARG D 310 -38.29 -52.08 -19.70
CA ARG D 310 -37.94 -52.45 -21.06
C ARG D 310 -39.20 -52.41 -21.93
N ARG D 311 -39.14 -51.62 -23.00
CA ARG D 311 -40.25 -51.50 -23.95
C ARG D 311 -39.86 -52.21 -25.23
N THR D 312 -40.23 -53.49 -25.32
CA THR D 312 -39.83 -54.31 -26.47
C THR D 312 -40.52 -53.85 -27.75
N GLU D 313 -41.79 -53.45 -27.66
CA GLU D 313 -42.54 -53.08 -28.85
C GLU D 313 -41.92 -51.87 -29.54
N TYR D 314 -41.23 -51.02 -28.79
CA TYR D 314 -40.51 -49.88 -29.35
C TYR D 314 -39.01 -50.11 -29.41
N GLN D 315 -38.52 -51.25 -28.91
CA GLN D 315 -37.08 -51.54 -28.87
C GLN D 315 -36.32 -50.44 -28.15
N ALA D 316 -36.82 -50.05 -26.97
CA ALA D 316 -36.25 -48.95 -26.21
C ALA D 316 -36.21 -49.30 -24.73
N ASP D 317 -35.33 -48.61 -24.02
CA ASP D 317 -35.20 -48.73 -22.57
C ASP D 317 -35.64 -47.45 -21.92
N GLN D 318 -36.35 -47.55 -20.81
CA GLN D 318 -36.89 -46.40 -20.09
C GLN D 318 -36.41 -46.40 -18.66
N ILE D 319 -35.93 -45.26 -18.18
CA ILE D 319 -35.46 -45.08 -16.82
C ILE D 319 -36.25 -43.93 -16.20
N VAL D 320 -36.81 -44.18 -15.01
CA VAL D 320 -37.66 -43.19 -14.34
C VAL D 320 -37.32 -43.17 -12.86
N ALA D 321 -37.29 -41.97 -12.28
CA ALA D 321 -37.13 -41.78 -10.85
C ALA D 321 -38.31 -40.98 -10.33
N LYS D 322 -38.71 -41.23 -9.08
CA LYS D 322 -39.96 -40.69 -8.58
C LYS D 322 -39.90 -40.53 -7.07
N TYR D 323 -40.71 -39.59 -6.57
CA TYR D 323 -40.93 -39.41 -5.14
C TYR D 323 -42.23 -38.68 -4.94
N ALA D 324 -42.70 -38.66 -3.70
CA ALA D 324 -43.89 -37.93 -3.30
C ALA D 324 -43.64 -37.22 -1.98
N MET D 325 -43.65 -35.89 -1.99
CA MET D 325 -43.49 -35.11 -0.78
C MET D 325 -44.42 -33.90 -0.81
N GLY D 326 -44.59 -33.30 0.36
CA GLY D 326 -45.34 -32.07 0.50
C GLY D 326 -44.62 -31.05 1.37
N HIS D 327 -44.52 -29.83 0.88
CA HIS D 327 -43.77 -28.77 1.54
C HIS D 327 -44.73 -27.68 2.00
N GLY D 328 -44.59 -27.24 3.25
CA GLY D 328 -45.51 -26.26 3.80
C GLY D 328 -44.81 -25.30 4.74
N GLY D 329 -45.47 -24.16 4.95
CA GLY D 329 -44.98 -23.11 5.82
C GLY D 329 -45.66 -23.18 7.17
N LEU D 330 -44.84 -23.17 8.23
CA LEU D 330 -45.32 -23.20 9.60
C LEU D 330 -44.41 -22.32 10.44
N ARG D 331 -44.98 -21.78 11.52
CA ARG D 331 -44.31 -20.77 12.34
C ARG D 331 -43.96 -19.54 11.51
N PRO D 332 -44.94 -18.75 11.08
CA PRO D 332 -44.63 -17.54 10.31
C PRO D 332 -43.81 -16.52 11.08
N GLU D 333 -43.77 -16.62 12.41
CA GLU D 333 -43.03 -15.66 13.21
C GLU D 333 -41.54 -15.71 12.90
N SER D 334 -41.03 -16.88 12.53
CA SER D 334 -39.59 -17.02 12.29
C SER D 334 -39.25 -16.74 10.83
N ALA D 335 -40.26 -16.48 10.00
CA ALA D 335 -40.01 -16.16 8.60
C ALA D 335 -39.56 -14.72 8.45
N GLY D 336 -39.15 -14.35 7.24
CA GLY D 336 -38.74 -12.99 6.96
C GLY D 336 -38.39 -12.81 5.50
N ALA D 337 -38.14 -11.56 5.12
CA ALA D 337 -37.78 -11.23 3.75
C ALA D 337 -37.04 -9.89 3.71
N LEU D 338 -36.36 -9.66 2.59
CA LEU D 338 -35.75 -8.37 2.28
C LEU D 338 -36.11 -8.02 0.85
N VAL D 339 -36.78 -6.88 0.65
CA VAL D 339 -37.27 -6.50 -0.66
C VAL D 339 -36.97 -5.03 -0.93
N PHE D 340 -36.92 -4.69 -2.21
CA PHE D 340 -36.82 -3.31 -2.63
C PHE D 340 -38.13 -2.58 -2.36
N THR D 341 -38.05 -1.27 -2.12
CA THR D 341 -39.26 -0.47 -1.97
C THR D 341 -39.96 -0.33 -3.32
N ALA D 342 -41.28 -0.26 -3.28
CA ALA D 342 -42.05 -0.12 -4.51
C ALA D 342 -41.72 1.19 -5.20
N ALA D 343 -41.58 1.13 -6.53
CA ALA D 343 -41.25 2.31 -7.31
C ALA D 343 -42.38 3.33 -7.25
N SER D 344 -42.00 4.62 -7.23
CA SER D 344 -42.98 5.69 -7.17
C SER D 344 -43.81 5.73 -8.46
N ALA D 345 -45.09 5.42 -8.36
CA ALA D 345 -45.97 5.42 -9.51
C ALA D 345 -47.42 5.67 -9.10
N ALA E 2 -52.94 -42.82 -24.16
CA ALA E 2 -53.52 -41.69 -23.44
C ALA E 2 -53.79 -42.06 -21.98
N ASN E 3 -54.79 -41.40 -21.39
CA ASN E 3 -55.15 -41.68 -20.01
C ASN E 3 -55.73 -43.09 -19.88
N MET E 4 -55.36 -43.78 -18.82
CA MET E 4 -55.83 -45.15 -18.61
C MET E 4 -57.32 -45.17 -18.32
N GLN E 5 -58.01 -46.19 -18.82
CA GLN E 5 -59.43 -46.36 -18.64
C GLN E 5 -59.68 -47.39 -17.54
N GLY E 6 -60.58 -47.06 -16.62
CA GLY E 6 -60.94 -48.01 -15.58
C GLY E 6 -59.92 -48.19 -14.48
N GLY E 7 -59.01 -47.24 -14.30
CA GLY E 7 -58.03 -47.38 -13.24
C GLY E 7 -58.70 -47.32 -11.87
N GLN E 8 -58.10 -48.02 -10.91
CA GLN E 8 -58.67 -48.10 -9.58
C GLN E 8 -58.43 -46.80 -8.82
N ARG E 9 -59.51 -46.23 -8.29
CA ARG E 9 -59.46 -44.96 -7.56
C ARG E 9 -59.76 -45.23 -6.09
N LEU E 10 -58.70 -45.30 -5.28
CA LEU E 10 -58.86 -45.62 -3.87
C LEU E 10 -59.40 -44.43 -3.08
N GLY E 11 -59.27 -43.21 -3.61
CA GLY E 11 -59.61 -42.03 -2.84
C GLY E 11 -60.77 -41.23 -3.37
N THR E 12 -61.60 -41.83 -4.22
CA THR E 12 -62.79 -41.17 -4.74
C THR E 12 -64.01 -41.75 -4.06
N ASN E 13 -64.98 -40.89 -3.73
CA ASN E 13 -66.11 -41.31 -2.93
C ASN E 13 -66.97 -42.34 -3.66
N GLN E 14 -67.20 -42.12 -4.96
CA GLN E 14 -68.10 -42.96 -5.77
C GLN E 14 -69.46 -42.91 -5.09
N GLY E 15 -70.03 -44.02 -4.64
CA GLY E 15 -71.29 -44.01 -3.93
C GLY E 15 -72.47 -43.75 -4.85
N LYS E 16 -73.67 -43.91 -4.27
CA LYS E 16 -74.88 -43.69 -5.04
C LYS E 16 -75.11 -42.20 -5.30
N GLY E 17 -74.94 -41.37 -4.27
CA GLY E 17 -75.20 -39.94 -4.38
C GLY E 17 -74.06 -39.02 -4.02
N GLN E 18 -72.87 -39.54 -3.74
CA GLN E 18 -71.75 -38.69 -3.35
C GLN E 18 -71.23 -37.92 -4.55
N SER E 19 -70.61 -36.76 -4.28
CA SER E 19 -70.16 -35.88 -5.35
C SER E 19 -69.07 -36.53 -6.19
N ALA E 20 -68.10 -37.18 -5.55
CA ALA E 20 -66.95 -37.80 -6.19
C ALA E 20 -66.10 -36.82 -6.99
N ALA E 21 -66.25 -35.52 -6.74
CA ALA E 21 -65.43 -34.53 -7.42
C ALA E 21 -64.03 -34.47 -6.82
N ASP E 22 -63.92 -34.74 -5.52
CA ASP E 22 -62.64 -34.74 -4.82
C ASP E 22 -62.01 -36.11 -5.00
N LYS E 23 -60.76 -36.13 -5.49
CA LYS E 23 -60.10 -37.40 -5.75
C LYS E 23 -59.37 -37.92 -4.52
N LEU E 24 -59.40 -37.17 -3.42
CA LEU E 24 -58.73 -37.56 -2.19
C LEU E 24 -59.67 -37.65 -1.01
N ALA E 25 -60.97 -37.85 -1.25
CA ALA E 25 -61.96 -37.79 -0.17
C ALA E 25 -61.76 -38.93 0.83
N LEU E 26 -61.52 -40.14 0.33
CA LEU E 26 -61.45 -41.30 1.24
C LEU E 26 -60.16 -41.29 2.05
N PHE E 27 -59.07 -40.81 1.47
CA PHE E 27 -57.83 -40.67 2.24
C PHE E 27 -58.03 -39.68 3.38
N LEU E 28 -57.57 -40.06 4.57
CA LEU E 28 -57.83 -39.28 5.77
C LEU E 28 -56.55 -38.65 6.29
N LYS E 29 -56.66 -37.41 6.74
CA LYS E 29 -55.53 -36.69 7.32
C LYS E 29 -55.07 -37.38 8.60
N VAL E 30 -53.75 -37.42 8.79
CA VAL E 30 -53.15 -38.09 9.93
C VAL E 30 -52.38 -37.07 10.77
N PHE E 31 -52.09 -37.45 12.01
CA PHE E 31 -51.34 -36.58 12.90
C PHE E 31 -49.90 -36.46 12.45
N GLY E 32 -49.37 -35.24 12.49
CA GLY E 32 -47.97 -35.00 12.25
C GLY E 32 -47.10 -35.50 13.39
N GLY E 33 -45.80 -35.36 13.20
CA GLY E 33 -44.87 -35.89 14.19
C GLY E 33 -44.94 -35.16 15.53
N GLU E 34 -44.99 -33.83 15.49
CA GLU E 34 -44.84 -33.03 16.69
C GLU E 34 -45.91 -31.95 16.74
N VAL E 35 -46.07 -31.37 17.93
CA VAL E 35 -46.97 -30.25 18.16
C VAL E 35 -46.12 -29.00 18.36
N LEU E 36 -46.52 -27.91 17.71
CA LEU E 36 -45.78 -26.66 17.82
C LEU E 36 -46.18 -25.91 19.08
N THR E 37 -45.19 -25.35 19.77
CA THR E 37 -45.41 -24.60 21.00
C THR E 37 -44.72 -23.25 20.88
N ALA E 38 -45.30 -22.25 21.54
CA ALA E 38 -44.76 -20.90 21.48
C ALA E 38 -43.35 -20.85 22.06
N PHE E 39 -42.51 -20.00 21.46
CA PHE E 39 -41.13 -19.90 21.89
C PHE E 39 -41.04 -19.43 23.33
N ALA E 40 -40.08 -19.99 24.07
CA ALA E 40 -39.94 -19.68 25.48
C ALA E 40 -39.48 -18.24 25.67
N ARG E 41 -39.95 -17.62 26.75
CA ARG E 41 -39.55 -16.28 27.14
C ARG E 41 -38.67 -16.37 28.38
N THR E 42 -37.57 -15.63 28.38
CA THR E 42 -36.55 -15.74 29.42
C THR E 42 -36.54 -14.47 30.26
N SER E 43 -36.29 -14.63 31.57
CA SER E 43 -36.26 -13.52 32.51
C SER E 43 -34.86 -12.96 32.57
N VAL E 44 -34.75 -11.63 32.55
CA VAL E 44 -33.44 -10.99 32.53
C VAL E 44 -33.09 -10.39 33.88
N THR E 45 -34.09 -9.94 34.65
CA THR E 45 -33.86 -9.21 35.88
C THR E 45 -33.72 -10.11 37.09
N THR E 46 -33.76 -11.43 36.91
CA THR E 46 -33.83 -12.35 38.04
C THR E 46 -32.62 -12.22 38.95
N ASN E 47 -31.42 -12.07 38.37
CA ASN E 47 -30.20 -12.03 39.16
C ASN E 47 -29.61 -10.63 39.27
N ARG E 48 -30.37 -9.59 38.94
CA ARG E 48 -29.85 -8.24 38.93
C ARG E 48 -30.57 -7.29 39.87
N HIS E 49 -31.12 -7.79 40.98
CA HIS E 49 -31.69 -6.92 42.00
C HIS E 49 -31.74 -7.66 43.33
N MET E 50 -32.46 -7.07 44.29
CA MET E 50 -32.32 -7.46 45.69
C MET E 50 -32.99 -8.80 45.98
N GLN E 51 -34.31 -8.90 45.76
CA GLN E 51 -35.07 -10.12 46.05
C GLN E 51 -34.98 -10.54 47.51
N ARG E 52 -35.52 -9.71 48.40
CA ARG E 52 -35.66 -10.10 49.80
C ARG E 52 -36.95 -10.89 50.01
N GLN E 53 -37.09 -11.45 51.20
CA GLN E 53 -38.24 -12.28 51.56
C GLN E 53 -38.68 -11.96 52.98
N ILE E 54 -40.00 -11.78 53.17
CA ILE E 54 -40.58 -11.55 54.48
C ILE E 54 -41.69 -12.57 54.70
N SER E 55 -42.03 -12.80 55.96
CA SER E 55 -43.11 -13.69 56.34
C SER E 55 -44.15 -12.93 57.13
N SER E 56 -45.42 -13.06 56.73
CA SER E 56 -46.56 -12.48 57.45
C SER E 56 -46.41 -10.96 57.59
N GLY E 57 -46.27 -10.27 56.47
CA GLY E 57 -46.18 -8.82 56.50
C GLY E 57 -46.96 -8.15 55.38
N LYS E 58 -47.57 -7.00 55.69
CA LYS E 58 -48.29 -6.25 54.67
C LYS E 58 -47.33 -5.45 53.79
N SER E 59 -46.23 -4.98 54.37
CA SER E 59 -45.26 -4.19 53.64
C SER E 59 -43.91 -4.31 54.35
N ALA E 60 -42.85 -3.97 53.61
CA ALA E 60 -41.49 -3.96 54.15
C ALA E 60 -40.89 -2.58 53.92
N GLN E 61 -40.22 -2.06 54.94
CA GLN E 61 -39.63 -0.72 54.87
C GLN E 61 -38.13 -0.82 55.09
N PHE E 62 -37.37 -0.02 54.35
CA PHE E 62 -35.92 -0.04 54.39
C PHE E 62 -35.40 1.34 54.77
N PRO E 63 -34.74 1.50 55.90
CA PRO E 63 -34.20 2.81 56.27
C PRO E 63 -32.95 3.15 55.45
N VAL E 64 -32.64 4.44 55.40
CA VAL E 64 -31.44 4.93 54.74
C VAL E 64 -30.71 5.86 55.69
N ILE E 65 -29.41 6.06 55.46
CA ILE E 65 -28.58 6.92 56.28
C ILE E 65 -27.70 7.75 55.36
N GLY E 66 -27.63 9.05 55.62
CA GLY E 66 -26.81 9.93 54.81
C GLY E 66 -25.41 10.11 55.35
N ARG E 67 -24.70 11.07 54.77
CA ARG E 67 -23.35 11.39 55.21
C ARG E 67 -23.36 12.56 56.18
N THR E 68 -22.16 12.93 56.63
CA THR E 68 -21.97 14.05 57.55
C THR E 68 -20.73 14.82 57.15
N LYS E 69 -20.63 16.06 57.62
CA LYS E 69 -19.50 16.92 57.30
C LYS E 69 -18.61 17.12 58.53
N ALA E 70 -17.51 17.82 58.32
CA ALA E 70 -16.53 18.08 59.36
C ALA E 70 -16.31 19.56 59.51
N ALA E 71 -15.84 19.97 60.69
CA ALA E 71 -15.62 21.38 61.01
C ALA E 71 -14.41 21.51 61.92
N TYR E 72 -13.85 22.72 61.95
CA TYR E 72 -12.68 22.98 62.79
C TYR E 72 -13.12 23.55 64.13
N LEU E 73 -12.55 22.99 65.20
CA LEU E 73 -12.89 23.38 66.57
C LEU E 73 -11.79 24.29 67.10
N GLN E 74 -12.03 25.59 67.05
CA GLN E 74 -11.10 26.55 67.61
C GLN E 74 -11.06 26.42 69.13
N PRO E 75 -9.94 26.77 69.76
CA PRO E 75 -9.88 26.68 71.23
C PRO E 75 -10.91 27.59 71.88
N GLY E 76 -11.67 27.01 72.82
CA GLY E 76 -12.74 27.74 73.47
C GLY E 76 -14.06 27.71 72.74
N GLU E 77 -14.23 26.84 71.76
CA GLU E 77 -15.47 26.74 70.99
C GLU E 77 -16.20 25.45 71.36
N SER E 78 -17.51 25.55 71.51
CA SER E 78 -18.32 24.40 71.92
C SER E 78 -18.63 23.51 70.71
N LEU E 79 -18.58 22.20 70.94
CA LEU E 79 -18.92 21.26 69.89
C LEU E 79 -20.42 21.28 69.59
N ASP E 80 -21.23 21.67 70.58
CA ASP E 80 -22.68 21.63 70.40
C ASP E 80 -23.15 22.73 69.45
N ASP E 81 -22.40 23.81 69.34
CA ASP E 81 -22.84 24.95 68.54
C ASP E 81 -22.84 24.62 67.05
N LYS E 82 -21.91 23.78 66.60
CA LYS E 82 -21.73 23.52 65.17
C LYS E 82 -22.26 22.16 64.73
N ARG E 83 -22.97 21.43 65.58
CA ARG E 83 -23.48 20.13 65.18
C ARG E 83 -24.59 20.28 64.15
N LYS E 84 -24.71 19.29 63.26
CA LYS E 84 -25.70 19.31 62.20
C LYS E 84 -26.65 18.12 62.20
N ASP E 85 -26.13 16.92 62.49
CA ASP E 85 -26.78 15.60 62.56
C ASP E 85 -26.81 14.91 61.19
N ILE E 86 -27.19 13.64 61.18
CA ILE E 86 -27.24 12.82 59.97
C ILE E 86 -28.70 12.49 59.68
N LYS E 87 -29.13 12.75 58.44
CA LYS E 87 -30.54 12.64 58.09
C LYS E 87 -30.95 11.18 57.95
N HIS E 88 -32.25 10.92 58.17
CA HIS E 88 -32.84 9.60 58.06
C HIS E 88 -34.13 9.68 57.27
N THR E 89 -34.40 8.66 56.46
CA THR E 89 -35.73 8.43 55.90
C THR E 89 -35.83 6.96 55.51
N GLU E 90 -36.96 6.59 54.91
CA GLU E 90 -37.25 5.19 54.64
C GLU E 90 -37.82 5.00 53.25
N LYS E 91 -37.67 3.78 52.74
CA LYS E 91 -38.29 3.33 51.50
C LYS E 91 -39.10 2.07 51.79
N THR E 92 -40.35 2.06 51.32
CA THR E 92 -41.27 0.95 51.57
C THR E 92 -41.58 0.23 50.27
N ILE E 93 -41.56 -1.10 50.31
CA ILE E 93 -41.96 -1.93 49.19
C ILE E 93 -43.16 -2.77 49.63
N ASN E 94 -44.37 -2.30 49.32
CA ASN E 94 -45.56 -2.98 49.79
C ASN E 94 -45.97 -4.09 48.84
N ILE E 95 -46.42 -5.21 49.41
CA ILE E 95 -46.77 -6.38 48.62
C ILE E 95 -48.11 -6.15 47.92
N ASP E 96 -48.18 -6.54 46.66
CA ASP E 96 -49.43 -6.45 45.90
C ASP E 96 -50.32 -7.64 46.22
N GLY E 97 -51.45 -7.73 45.53
CA GLY E 97 -52.36 -8.83 45.75
C GLY E 97 -51.78 -10.16 45.28
N LEU E 98 -52.66 -11.16 45.24
CA LEU E 98 -52.25 -12.47 44.74
C LEU E 98 -52.32 -12.49 43.23
N LEU E 99 -51.24 -12.95 42.60
CA LEU E 99 -51.14 -13.03 41.15
C LEU E 99 -51.40 -14.47 40.73
N THR E 100 -52.39 -14.68 39.87
CA THR E 100 -52.86 -16.02 39.53
C THR E 100 -52.96 -16.17 38.01
N ALA E 101 -52.65 -17.37 37.53
CA ALA E 101 -52.92 -17.78 36.16
C ALA E 101 -53.41 -19.21 36.20
N ASP E 102 -54.41 -19.54 35.38
CA ASP E 102 -55.04 -20.85 35.44
C ASP E 102 -55.59 -21.26 34.09
N VAL E 103 -55.86 -22.56 33.96
CA VAL E 103 -56.49 -23.14 32.78
C VAL E 103 -57.54 -24.15 33.23
N LEU E 104 -58.57 -24.33 32.42
CA LEU E 104 -59.62 -25.31 32.68
C LEU E 104 -59.75 -26.25 31.49
N ILE E 105 -59.64 -27.55 31.75
CA ILE E 105 -59.66 -28.56 30.70
C ILE E 105 -60.86 -29.47 30.93
N TYR E 106 -61.70 -29.61 29.91
CA TYR E 106 -62.89 -30.44 29.99
C TYR E 106 -62.54 -31.88 29.65
N ASP E 107 -63.26 -32.82 30.27
CA ASP E 107 -62.92 -34.23 30.14
C ASP E 107 -63.27 -34.77 28.76
N ILE E 108 -64.37 -34.29 28.17
CA ILE E 108 -64.80 -34.81 26.88
C ILE E 108 -63.85 -34.36 25.77
N GLU E 109 -63.42 -33.10 25.81
CA GLU E 109 -62.50 -32.61 24.79
C GLU E 109 -61.10 -33.19 24.99
N ASP E 110 -60.73 -33.49 26.23
CA ASP E 110 -59.45 -34.12 26.49
C ASP E 110 -59.41 -35.52 25.89
N ALA E 111 -60.52 -36.26 26.00
CA ALA E 111 -60.56 -37.62 25.47
C ALA E 111 -60.44 -37.64 23.96
N MET E 112 -61.11 -36.71 23.27
CA MET E 112 -61.06 -36.68 21.81
C MET E 112 -59.70 -36.21 21.30
N ASN E 113 -58.90 -35.59 22.15
CA ASN E 113 -57.62 -35.03 21.70
C ASN E 113 -56.62 -36.13 21.40
N HIS E 114 -55.80 -35.91 20.39
CA HIS E 114 -54.83 -36.93 19.99
C HIS E 114 -53.43 -36.63 20.51
N TYR E 115 -53.23 -35.45 21.10
CA TYR E 115 -51.96 -35.09 21.71
C TYR E 115 -52.21 -34.55 23.12
N ASP E 116 -51.17 -34.58 23.94
CA ASP E 116 -51.24 -34.15 25.33
C ASP E 116 -50.90 -32.67 25.45
N VAL E 117 -51.66 -31.96 26.28
CA VAL E 117 -51.51 -30.52 26.45
C VAL E 117 -51.22 -30.13 27.88
N ARG E 118 -51.38 -31.04 28.84
CA ARG E 118 -51.30 -30.68 30.25
C ARG E 118 -49.91 -30.20 30.62
N SER E 119 -48.87 -30.88 30.11
CA SER E 119 -47.51 -30.50 30.45
C SER E 119 -47.15 -29.14 29.87
N GLU E 120 -47.57 -28.87 28.63
CA GLU E 120 -47.28 -27.57 28.02
C GLU E 120 -48.10 -26.47 28.68
N TYR E 121 -49.32 -26.77 29.11
CA TYR E 121 -50.14 -25.78 29.79
C TYR E 121 -49.48 -25.32 31.08
N THR E 122 -48.91 -26.25 31.84
CA THR E 122 -48.25 -25.89 33.10
C THR E 122 -47.08 -24.94 32.86
N SER E 123 -46.31 -25.19 31.81
CA SER E 123 -45.17 -24.31 31.50
C SER E 123 -45.63 -22.91 31.16
N GLN E 124 -46.74 -22.78 30.43
CA GLN E 124 -47.23 -21.46 30.04
C GLN E 124 -47.74 -20.68 31.25
N ILE E 125 -48.35 -21.38 32.21
CA ILE E 125 -48.86 -20.71 33.41
C ILE E 125 -47.71 -20.16 34.24
N GLY E 126 -46.69 -20.98 34.48
CA GLY E 126 -45.54 -20.52 35.25
C GLY E 126 -44.75 -19.44 34.53
N GLU E 127 -44.60 -19.58 33.21
CA GLU E 127 -43.91 -18.57 32.43
C GLU E 127 -44.66 -17.25 32.45
N SER E 128 -46.00 -17.31 32.42
CA SER E 128 -46.80 -16.09 32.46
C SER E 128 -46.56 -15.30 33.74
N LEU E 129 -46.43 -16.00 34.86
CA LEU E 129 -46.19 -15.33 36.13
C LEU E 129 -44.82 -14.67 36.17
N ALA E 130 -43.82 -15.32 35.57
CA ALA E 130 -42.47 -14.76 35.57
C ALA E 130 -42.38 -13.50 34.71
N MET E 131 -43.17 -13.43 33.64
CA MET E 131 -43.11 -12.26 32.76
C MET E 131 -43.68 -11.03 33.44
N ALA E 132 -44.63 -11.21 34.36
CA ALA E 132 -45.19 -10.07 35.07
C ALA E 132 -44.16 -9.46 36.01
N ALA E 133 -43.31 -10.29 36.61
CA ALA E 133 -42.26 -9.79 37.49
C ALA E 133 -41.24 -8.96 36.72
N ASP E 134 -40.84 -9.44 35.52
CA ASP E 134 -39.87 -8.70 34.73
C ASP E 134 -40.40 -7.34 34.33
N GLY E 135 -41.63 -7.28 33.83
CA GLY E 135 -42.20 -6.01 33.43
C GLY E 135 -42.37 -5.06 34.60
N ALA E 136 -42.68 -5.60 35.78
CA ALA E 136 -42.88 -4.75 36.96
C ALA E 136 -41.55 -4.20 37.46
N VAL E 137 -40.51 -5.02 37.49
CA VAL E 137 -39.20 -4.56 37.95
C VAL E 137 -38.66 -3.45 37.05
N LEU E 138 -38.78 -3.65 35.73
CA LEU E 138 -38.33 -2.62 34.80
C LEU E 138 -39.22 -1.38 34.88
N ALA E 139 -40.48 -1.55 35.27
CA ALA E 139 -41.37 -0.41 35.44
C ALA E 139 -41.00 0.40 36.68
N GLU E 140 -40.60 -0.29 37.75
CA GLU E 140 -40.17 0.42 38.95
C GLU E 140 -38.83 1.09 38.74
N LEU E 141 -37.98 0.51 37.88
CA LEU E 141 -36.73 1.17 37.52
C LEU E 141 -36.99 2.48 36.79
N ALA E 142 -37.97 2.50 35.89
CA ALA E 142 -38.37 3.75 35.25
C ALA E 142 -39.06 4.68 36.23
N GLY E 143 -39.67 4.12 37.29
CA GLY E 143 -40.36 4.96 38.25
C GLY E 143 -39.42 5.89 39.01
N LEU E 144 -38.20 5.42 39.28
CA LEU E 144 -37.22 6.26 39.95
C LEU E 144 -36.87 7.47 39.10
N VAL E 145 -36.77 7.28 37.78
CA VAL E 145 -36.45 8.39 36.89
C VAL E 145 -37.61 9.38 36.84
N ASN E 146 -38.85 8.88 36.96
CA ASN E 146 -40.02 9.74 36.88
C ASN E 146 -40.25 10.57 38.15
N LEU E 147 -39.42 10.41 39.17
CA LEU E 147 -39.60 11.17 40.40
C LEU E 147 -39.56 12.66 40.11
N ALA E 148 -40.50 13.39 40.72
CA ALA E 148 -40.63 14.82 40.49
C ALA E 148 -39.42 15.56 41.03
N ASP E 149 -39.31 16.84 40.64
CA ASP E 149 -38.15 17.64 41.01
C ASP E 149 -38.01 17.75 42.52
N SER E 150 -39.11 17.64 43.25
CA SER E 150 -39.05 17.73 44.71
C SER E 150 -38.41 16.49 45.33
N VAL E 151 -38.68 15.31 44.77
CA VAL E 151 -38.37 14.05 45.42
C VAL E 151 -37.39 13.20 44.61
N ASN E 152 -36.43 13.84 43.93
CA ASN E 152 -35.49 13.09 43.10
C ASN E 152 -34.71 12.05 43.89
N GLU E 153 -34.43 12.33 45.17
CA GLU E 153 -33.40 11.61 45.90
C GLU E 153 -33.84 11.32 47.33
N ASN E 154 -33.20 10.31 47.93
CA ASN E 154 -33.47 9.98 49.32
C ASN E 154 -33.13 11.14 50.24
N ILE E 155 -31.85 11.52 50.28
CA ILE E 155 -31.36 12.62 51.09
C ILE E 155 -30.85 13.70 50.16
N ALA E 156 -31.17 14.95 50.46
CA ALA E 156 -30.70 16.07 49.64
C ALA E 156 -29.18 16.04 49.52
N GLY E 157 -28.70 15.84 48.30
CA GLY E 157 -27.28 15.75 48.04
C GLY E 157 -26.69 14.35 48.07
N LEU E 158 -27.54 13.32 48.13
CA LEU E 158 -27.02 11.96 48.20
C LEU E 158 -26.74 11.40 46.81
N GLY E 159 -27.57 11.76 45.84
CA GLY E 159 -27.40 11.29 44.48
C GLY E 159 -28.58 11.67 43.61
N LYS E 160 -28.37 11.60 42.30
CA LYS E 160 -29.37 12.05 41.35
C LYS E 160 -29.54 10.98 40.26
N PRO E 161 -30.76 10.58 39.92
CA PRO E 161 -30.93 9.50 38.93
C PRO E 161 -30.40 9.83 37.54
N SER E 162 -30.43 11.10 37.14
CA SER E 162 -29.98 11.58 35.83
C SER E 162 -30.90 11.09 34.71
N LEU E 163 -31.06 11.91 33.68
CA LEU E 163 -32.08 11.64 32.66
C LEU E 163 -31.46 11.32 31.31
N LEU E 164 -30.58 12.20 30.81
CA LEU E 164 -29.83 12.00 29.56
C LEU E 164 -30.74 12.05 28.34
N GLU E 165 -30.22 12.57 27.23
CA GLU E 165 -30.99 12.70 25.99
C GLU E 165 -30.07 12.38 24.82
N VAL E 166 -30.57 11.56 23.89
CA VAL E 166 -29.79 11.12 22.74
C VAL E 166 -30.02 11.99 21.52
N GLY E 167 -31.27 12.37 21.25
CA GLY E 167 -31.56 13.16 20.08
C GLY E 167 -33.03 13.45 19.94
N LEU E 168 -33.36 14.19 18.87
CA LEU E 168 -34.72 14.70 18.72
C LEU E 168 -35.67 13.62 18.17
N LYS E 169 -35.10 12.52 17.68
CA LYS E 169 -35.83 11.35 17.17
C LYS E 169 -36.46 11.68 15.80
N ALA E 170 -36.37 12.94 15.39
CA ALA E 170 -36.78 13.30 14.04
C ALA E 170 -35.62 13.17 13.06
N ASP E 171 -34.43 13.59 13.50
CA ASP E 171 -33.21 13.42 12.72
C ASP E 171 -32.38 12.23 13.17
N LEU E 172 -32.85 11.48 14.17
CA LEU E 172 -32.09 10.32 14.65
C LEU E 172 -32.66 9.03 14.08
N THR E 173 -33.35 9.12 12.94
CA THR E 173 -34.03 7.98 12.32
C THR E 173 -33.04 6.88 11.92
N ASP E 174 -31.91 7.28 11.34
CA ASP E 174 -30.94 6.31 10.85
C ASP E 174 -30.44 5.44 12.00
N PRO E 175 -30.58 4.11 11.91
CA PRO E 175 -30.10 3.26 13.02
C PRO E 175 -28.61 3.40 13.30
N VAL E 176 -27.81 3.71 12.28
CA VAL E 176 -26.39 3.98 12.50
C VAL E 176 -26.23 5.24 13.33
N LYS E 177 -26.98 6.28 12.99
CA LYS E 177 -26.88 7.55 13.71
C LYS E 177 -27.44 7.42 15.14
N LEU E 178 -28.47 6.60 15.31
CA LEU E 178 -29.01 6.37 16.64
C LEU E 178 -28.00 5.65 17.53
N GLY E 179 -27.28 4.67 16.98
CA GLY E 179 -26.31 3.94 17.77
C GLY E 179 -25.15 4.81 18.23
N GLN E 180 -24.72 5.74 17.38
CA GLN E 180 -23.63 6.65 17.76
C GLN E 180 -24.06 7.53 18.93
N ALA E 181 -25.30 8.02 18.90
CA ALA E 181 -25.79 8.84 20.01
C ALA E 181 -25.89 8.03 21.30
N VAL E 182 -26.32 6.77 21.19
CA VAL E 182 -26.46 5.93 22.38
C VAL E 182 -25.10 5.62 22.98
N ILE E 183 -24.12 5.26 22.15
CA ILE E 183 -22.79 4.96 22.66
C ILE E 183 -22.16 6.21 23.27
N ALA E 184 -22.32 7.36 22.61
CA ALA E 184 -21.79 8.60 23.15
C ALA E 184 -22.44 8.96 24.47
N GLN E 185 -23.73 8.67 24.62
CA GLN E 185 -24.43 9.03 25.85
C GLN E 185 -24.17 8.00 26.95
N LEU E 186 -23.65 6.82 26.60
CA LEU E 186 -23.28 5.85 27.61
C LEU E 186 -21.95 6.22 28.27
N THR E 187 -21.10 6.94 27.54
CA THR E 187 -19.88 7.48 28.15
C THR E 187 -20.22 8.48 29.25
N ILE E 188 -21.19 9.35 28.99
CA ILE E 188 -21.63 10.31 30.01
C ILE E 188 -22.34 9.59 31.15
N ALA E 189 -23.12 8.55 30.81
CA ALA E 189 -23.82 7.78 31.84
C ALA E 189 -22.84 7.11 32.79
N ARG E 190 -21.67 6.72 32.29
CA ARG E 190 -20.63 6.16 33.15
C ARG E 190 -20.15 7.20 34.16
N ALA E 191 -20.02 8.46 33.72
CA ALA E 191 -19.59 9.51 34.63
C ALA E 191 -20.70 9.89 35.60
N ALA E 192 -21.95 9.76 35.18
CA ALA E 192 -23.07 10.15 36.02
C ALA E 192 -23.13 9.32 37.30
N LEU E 193 -22.93 8.01 37.18
CA LEU E 193 -22.96 7.15 38.36
C LEU E 193 -21.71 7.35 39.22
N THR E 194 -20.57 7.60 38.58
CA THR E 194 -19.33 7.79 39.33
C THR E 194 -19.38 9.04 40.21
N LYS E 195 -19.97 10.12 39.72
CA LYS E 195 -20.09 11.34 40.51
C LYS E 195 -20.91 11.12 41.77
N ASN E 196 -21.81 10.14 41.78
CA ASN E 196 -22.62 9.81 42.94
C ASN E 196 -22.01 8.69 43.78
N TYR E 197 -20.77 8.32 43.50
CA TYR E 197 -20.03 7.27 44.21
C TYR E 197 -20.67 5.90 44.06
N VAL E 198 -21.47 5.70 43.01
CA VAL E 198 -22.02 4.37 42.74
C VAL E 198 -20.90 3.43 42.36
N PRO E 199 -20.78 2.25 42.98
CA PRO E 199 -19.63 1.39 42.72
C PRO E 199 -19.55 0.95 41.27
N ALA E 200 -18.32 0.85 40.76
CA ALA E 200 -18.10 0.24 39.46
C ALA E 200 -18.38 -1.26 39.53
N ASN E 201 -18.73 -1.82 38.38
CA ASN E 201 -19.18 -3.19 38.06
C ASN E 201 -20.58 -3.39 38.63
N ASP E 202 -21.22 -4.50 38.25
CA ASP E 202 -22.62 -4.77 38.59
C ASP E 202 -23.54 -3.69 38.01
N ARG E 203 -23.10 -3.09 36.91
CA ARG E 203 -23.90 -2.11 36.17
C ARG E 203 -24.40 -2.77 34.89
N THR E 204 -25.65 -2.51 34.53
CA THR E 204 -26.26 -3.11 33.36
C THR E 204 -27.12 -2.08 32.64
N PHE E 205 -27.36 -2.32 31.36
CA PHE E 205 -28.14 -1.45 30.50
C PHE E 205 -29.25 -2.26 29.85
N TYR E 206 -30.50 -1.85 30.10
CA TYR E 206 -31.67 -2.51 29.54
C TYR E 206 -32.15 -1.69 28.34
N THR E 207 -32.36 -2.35 27.21
CA THR E 207 -32.80 -1.66 26.01
C THR E 207 -33.55 -2.62 25.11
N THR E 208 -34.31 -2.04 24.18
CA THR E 208 -35.08 -2.82 23.23
C THR E 208 -34.15 -3.44 22.18
N PRO E 209 -34.58 -4.53 21.54
CA PRO E 209 -33.74 -5.13 20.47
C PRO E 209 -33.49 -4.17 19.31
N ASP E 210 -34.41 -3.26 19.03
CA ASP E 210 -34.21 -2.31 17.94
C ASP E 210 -33.02 -1.40 18.21
N VAL E 211 -32.93 -0.87 19.44
CA VAL E 211 -31.78 -0.05 19.81
C VAL E 211 -30.53 -0.91 19.94
N TYR E 212 -30.71 -2.17 20.35
CA TYR E 212 -29.60 -3.11 20.44
C TYR E 212 -28.92 -3.29 19.08
N SER E 213 -29.72 -3.35 18.02
CA SER E 213 -29.14 -3.47 16.67
C SER E 213 -28.58 -2.13 16.21
N ALA E 214 -29.10 -1.03 16.75
CA ALA E 214 -28.57 0.29 16.39
C ALA E 214 -27.13 0.45 16.87
N ILE E 215 -26.83 -0.03 18.07
CA ILE E 215 -25.45 -0.03 18.55
C ILE E 215 -24.60 -0.95 17.71
N LEU E 216 -25.17 -2.08 17.28
CA LEU E 216 -24.44 -3.00 16.41
C LEU E 216 -24.07 -2.34 15.09
N ALA E 217 -24.99 -1.57 14.51
CA ALA E 217 -24.71 -0.91 13.23
C ALA E 217 -23.75 0.26 13.41
N ALA E 218 -23.72 0.86 14.60
CA ALA E 218 -22.88 2.03 14.83
C ALA E 218 -21.40 1.65 14.86
N LEU E 219 -21.10 0.42 15.27
CA LEU E 219 -19.73 -0.05 15.36
C LEU E 219 -19.33 -0.96 14.20
N MET E 220 -20.13 -1.00 13.14
CA MET E 220 -19.82 -1.80 11.98
C MET E 220 -18.66 -1.17 11.20
N PRO E 221 -17.99 -1.94 10.34
CA PRO E 221 -16.86 -1.38 9.58
C PRO E 221 -17.17 -0.09 8.85
N ASN E 222 -18.42 0.11 8.43
CA ASN E 222 -18.75 1.31 7.67
C ASN E 222 -18.67 2.57 8.53
N ALA E 223 -18.99 2.46 9.82
CA ALA E 223 -19.10 3.65 10.65
C ALA E 223 -17.93 3.79 11.60
N ALA E 224 -17.39 2.67 12.09
CA ALA E 224 -16.35 2.70 13.12
C ALA E 224 -14.98 2.66 12.47
N ASN E 225 -14.05 3.43 13.03
CA ASN E 225 -12.71 3.52 12.45
C ASN E 225 -11.89 2.27 12.76
N TYR E 226 -12.15 1.61 13.89
CA TYR E 226 -11.46 0.39 14.24
C TYR E 226 -12.39 -0.53 15.03
N ALA E 227 -12.00 -1.80 15.09
CA ALA E 227 -12.86 -2.82 15.69
C ALA E 227 -12.81 -2.74 17.21
N ALA E 228 -13.99 -2.73 17.82
CA ALA E 228 -14.12 -2.75 19.28
C ALA E 228 -15.53 -3.20 19.64
N LEU E 229 -15.64 -3.77 20.84
CA LEU E 229 -16.94 -4.14 21.43
C LEU E 229 -17.57 -5.23 20.58
N ILE E 230 -18.39 -4.90 19.58
CA ILE E 230 -19.21 -5.91 18.91
C ILE E 230 -18.33 -6.92 18.18
N ASP E 231 -18.92 -8.10 17.91
CA ASP E 231 -18.41 -8.99 16.89
C ASP E 231 -19.43 -9.16 15.77
N PRO E 232 -19.07 -8.76 14.54
CA PRO E 232 -20.08 -8.79 13.45
C PRO E 232 -20.58 -10.17 13.13
N GLU E 233 -19.82 -11.22 13.47
CA GLU E 233 -20.24 -12.57 13.14
C GLU E 233 -21.39 -13.03 14.03
N ARG E 234 -21.15 -13.09 15.34
CA ARG E 234 -22.20 -13.50 16.27
C ARG E 234 -23.35 -12.51 16.29
N GLY E 235 -23.03 -11.23 16.17
CA GLY E 235 -24.04 -10.19 16.20
C GLY E 235 -24.36 -9.77 17.62
N SER E 236 -23.52 -10.20 18.57
CA SER E 236 -23.72 -9.89 19.97
C SER E 236 -22.70 -8.89 20.52
N ILE E 237 -23.19 -7.81 21.11
CA ILE E 237 -22.35 -6.78 21.71
C ILE E 237 -21.67 -7.22 22.99
N ARG E 238 -20.45 -6.76 23.21
CA ARG E 238 -19.71 -7.04 24.42
C ARG E 238 -20.05 -5.99 25.47
N ASN E 239 -19.34 -6.01 26.59
CA ASN E 239 -19.65 -5.16 27.72
C ASN E 239 -19.31 -3.70 27.41
N VAL E 240 -20.20 -3.00 26.70
CA VAL E 240 -19.94 -1.62 26.34
C VAL E 240 -19.85 -0.76 27.59
N MET E 241 -18.63 -0.29 27.89
CA MET E 241 -18.34 0.47 29.09
C MET E 241 -18.72 -0.34 30.33
N GLY E 242 -18.87 0.34 31.47
CA GLY E 242 -19.24 -0.36 32.69
C GLY E 242 -20.56 -1.07 32.57
N PHE E 243 -21.52 -0.48 31.87
CA PHE E 243 -22.85 -1.04 31.76
C PHE E 243 -22.85 -2.30 30.90
N GLU E 244 -23.59 -3.31 31.35
CA GLU E 244 -23.77 -4.55 30.61
C GLU E 244 -24.98 -4.40 29.71
N VAL E 245 -24.77 -4.48 28.39
CA VAL E 245 -25.87 -4.28 27.45
C VAL E 245 -26.76 -5.51 27.43
N VAL E 246 -28.04 -5.32 27.74
CA VAL E 246 -29.02 -6.39 27.75
C VAL E 246 -30.18 -5.98 26.88
N GLU E 247 -30.59 -6.88 25.98
CA GLU E 247 -31.74 -6.67 25.11
C GLU E 247 -32.93 -7.44 25.67
N VAL E 248 -34.07 -6.77 25.75
CA VAL E 248 -35.31 -7.36 26.23
C VAL E 248 -36.42 -7.03 25.25
N PRO E 249 -37.12 -8.03 24.71
CA PRO E 249 -38.28 -7.71 23.85
C PRO E 249 -39.37 -6.96 24.60
N HIS E 250 -39.41 -7.06 25.92
CA HIS E 250 -40.49 -6.48 26.71
C HIS E 250 -39.93 -5.34 27.58
N LEU E 251 -39.86 -4.15 26.99
CA LEU E 251 -39.84 -2.90 27.75
C LEU E 251 -41.19 -2.24 27.58
N THR E 252 -41.42 -1.19 28.37
CA THR E 252 -42.67 -0.43 28.33
C THR E 252 -43.88 -1.33 28.56
N ALA E 253 -43.64 -2.50 29.14
CA ALA E 253 -44.70 -3.43 29.53
C ALA E 253 -44.68 -3.53 31.05
N GLY E 254 -45.79 -3.16 31.68
CA GLY E 254 -45.83 -3.14 33.12
C GLY E 254 -46.18 -4.48 33.72
N GLY E 255 -46.47 -4.46 35.02
CA GLY E 255 -46.91 -5.66 35.70
C GLY E 255 -48.36 -5.98 35.37
N ALA E 256 -48.78 -7.17 35.80
CA ALA E 256 -50.13 -7.62 35.52
C ALA E 256 -51.15 -6.81 36.32
N GLY E 257 -52.36 -6.68 35.77
CA GLY E 257 -53.44 -5.98 36.41
C GLY E 257 -54.67 -6.86 36.60
N ASP E 258 -55.75 -6.21 37.02
CA ASP E 258 -57.02 -6.90 37.16
C ASP E 258 -57.60 -7.24 35.80
N ASP E 259 -57.87 -8.54 35.59
CA ASP E 259 -58.41 -9.23 34.42
C ASP E 259 -57.30 -9.61 33.45
N ARG E 260 -57.62 -10.40 32.44
CA ARG E 260 -56.66 -10.76 31.41
C ARG E 260 -56.94 -9.96 30.16
N PRO E 261 -56.05 -9.05 29.77
CA PRO E 261 -56.31 -8.21 28.59
C PRO E 261 -56.25 -9.01 27.31
N ASP E 262 -56.82 -8.42 26.26
CA ASP E 262 -56.79 -9.03 24.93
C ASP E 262 -55.44 -8.74 24.27
N GLU E 263 -55.34 -9.03 22.97
CA GLU E 263 -54.08 -8.80 22.26
C GLU E 263 -53.75 -7.32 22.18
N GLY E 264 -54.75 -6.49 21.90
CA GLY E 264 -54.51 -5.06 21.75
C GLY E 264 -55.17 -4.24 22.84
N ALA E 265 -55.13 -4.73 24.08
CA ALA E 265 -55.75 -4.04 25.20
C ALA E 265 -54.81 -4.06 26.39
N GLU E 266 -55.03 -3.13 27.31
CA GLU E 266 -54.24 -3.02 28.53
C GLU E 266 -55.05 -3.48 29.73
N ALA E 267 -54.35 -3.93 30.76
CA ALA E 267 -55.01 -4.35 31.98
C ALA E 267 -55.73 -3.17 32.63
N THR E 268 -56.84 -3.48 33.31
CA THR E 268 -57.68 -2.42 33.87
C THR E 268 -56.94 -1.60 34.92
N ASN E 269 -56.26 -2.27 35.85
CA ASN E 269 -55.54 -1.60 36.92
C ASN E 269 -54.16 -2.21 37.06
N GLN E 270 -53.19 -1.67 36.34
CA GLN E 270 -51.82 -2.17 36.35
C GLN E 270 -51.14 -1.72 37.63
N LYS E 271 -50.59 -2.68 38.38
CA LYS E 271 -49.94 -2.34 39.64
C LYS E 271 -48.69 -1.51 39.42
N HIS E 272 -47.81 -1.97 38.53
CA HIS E 272 -46.60 -1.25 38.16
C HIS E 272 -46.61 -1.06 36.67
N ALA E 273 -46.94 0.16 36.22
CA ALA E 273 -47.16 0.42 34.81
C ALA E 273 -46.09 1.37 34.29
N PHE E 274 -45.72 1.16 33.03
CA PHE E 274 -44.78 2.04 32.35
C PHE E 274 -45.54 3.19 31.73
N PRO E 275 -45.27 4.44 32.09
CA PRO E 275 -46.09 5.56 31.63
C PRO E 275 -46.08 5.67 30.11
N ALA E 276 -47.24 6.01 29.55
CA ALA E 276 -47.35 6.13 28.10
C ALA E 276 -46.98 7.53 27.63
N ALA E 277 -47.39 8.56 28.38
CA ALA E 277 -47.10 9.95 28.02
C ALA E 277 -46.68 10.72 29.29
N GLY E 278 -45.87 10.07 30.11
CA GLY E 278 -45.41 10.69 31.33
C GLY E 278 -44.39 11.78 31.08
N GLY E 279 -44.01 12.46 32.16
CA GLY E 279 -43.07 13.57 32.04
C GLY E 279 -41.69 13.13 31.58
N LYS E 280 -41.16 12.08 32.18
CA LYS E 280 -39.82 11.59 31.86
C LYS E 280 -39.88 10.10 31.54
N VAL E 281 -38.97 9.65 30.68
CA VAL E 281 -38.73 8.25 30.34
C VAL E 281 -40.05 7.51 30.12
N ASN E 282 -40.99 8.16 29.46
CA ASN E 282 -42.28 7.52 29.19
C ASN E 282 -42.14 6.52 28.04
N LYS E 283 -43.28 5.99 27.60
CA LYS E 283 -43.26 4.98 26.55
C LYS E 283 -42.95 5.61 25.19
N GLU E 284 -43.31 6.88 25.00
CA GLU E 284 -43.12 7.51 23.70
C GLU E 284 -41.64 7.69 23.36
N ASN E 285 -40.87 8.26 24.26
CA ASN E 285 -39.44 8.51 24.01
C ASN E 285 -38.60 7.80 25.06
N VAL E 286 -38.28 6.53 24.79
CA VAL E 286 -37.41 5.75 25.66
C VAL E 286 -36.45 4.97 24.78
N VAL E 287 -35.19 4.93 25.19
CA VAL E 287 -34.15 4.21 24.44
C VAL E 287 -33.63 3.07 25.32
N GLY E 288 -33.32 3.38 26.57
CA GLY E 288 -32.80 2.37 27.47
C GLY E 288 -32.87 2.79 28.91
N LEU E 289 -32.67 1.80 29.79
CA LEU E 289 -32.63 2.02 31.23
C LEU E 289 -31.35 1.38 31.77
N PHE E 290 -30.52 2.19 32.43
CA PHE E 290 -29.29 1.70 33.04
C PHE E 290 -29.36 1.88 34.54
N GLN E 291 -28.83 0.91 35.28
CA GLN E 291 -28.95 0.89 36.73
C GLN E 291 -27.83 0.04 37.32
N HIS E 292 -27.60 0.24 38.63
CA HIS E 292 -26.62 -0.52 39.38
C HIS E 292 -27.34 -1.53 40.25
N ARG E 293 -26.64 -2.61 40.60
CA ARG E 293 -27.20 -3.78 41.31
C ARG E 293 -28.24 -3.39 42.36
N SER E 294 -27.93 -2.38 43.17
CA SER E 294 -28.83 -1.92 44.22
C SER E 294 -29.64 -0.71 43.77
N ALA E 295 -30.56 -0.95 42.82
CA ALA E 295 -31.45 0.09 42.34
C ALA E 295 -32.93 -0.27 42.45
N VAL E 296 -33.25 -1.57 42.47
CA VAL E 296 -34.63 -2.04 42.57
C VAL E 296 -34.60 -3.28 43.47
N GLY E 297 -35.69 -3.50 44.18
CA GLY E 297 -35.81 -4.67 45.04
C GLY E 297 -37.21 -5.23 45.03
N THR E 298 -37.31 -6.52 45.31
CA THR E 298 -38.59 -7.21 45.38
C THR E 298 -38.72 -7.91 46.73
N VAL E 299 -39.93 -7.96 47.24
CA VAL E 299 -40.24 -8.64 48.50
C VAL E 299 -41.20 -9.79 48.19
N LYS E 300 -40.83 -11.00 48.59
CA LYS E 300 -41.54 -12.21 48.22
C LYS E 300 -42.31 -12.75 49.41
N LEU E 301 -43.60 -13.03 49.21
CA LEU E 301 -44.45 -13.66 50.20
C LEU E 301 -45.16 -14.85 49.56
N LYS E 302 -45.25 -15.95 50.30
CA LYS E 302 -45.88 -17.21 49.90
C LYS E 302 -45.07 -17.98 48.86
N ASP E 303 -43.99 -17.41 48.35
CA ASP E 303 -43.13 -18.05 47.31
C ASP E 303 -44.04 -18.40 46.12
N LEU E 304 -43.77 -19.48 45.40
CA LEU E 304 -44.55 -19.88 44.24
C LEU E 304 -45.14 -21.26 44.48
N ALA E 305 -46.43 -21.40 44.23
CA ALA E 305 -47.14 -22.66 44.41
C ALA E 305 -48.03 -22.93 43.21
N LEU E 306 -48.26 -24.21 42.93
CA LEU E 306 -49.12 -24.65 41.83
C LEU E 306 -50.10 -25.68 42.39
N GLU E 307 -51.39 -25.45 42.11
CA GLU E 307 -52.46 -26.26 42.69
C GLU E 307 -53.39 -26.73 41.58
N ARG E 308 -53.83 -27.99 41.67
CA ARG E 308 -54.79 -28.56 40.73
C ARG E 308 -56.01 -29.05 41.50
N ALA E 309 -57.19 -28.65 41.04
CA ALA E 309 -58.45 -29.06 41.63
C ALA E 309 -59.41 -29.49 40.54
N ARG E 310 -60.30 -30.43 40.87
CA ARG E 310 -61.31 -30.93 39.94
C ARG E 310 -62.66 -30.31 40.24
N ARG E 311 -63.39 -29.94 39.19
CA ARG E 311 -64.73 -29.37 39.31
C ARG E 311 -65.70 -30.34 38.66
N THR E 312 -66.36 -31.17 39.48
CA THR E 312 -67.18 -32.25 38.95
C THR E 312 -68.45 -31.74 38.28
N GLU E 313 -69.00 -30.62 38.77
CA GLU E 313 -70.24 -30.10 38.21
C GLU E 313 -70.08 -29.72 36.75
N TYR E 314 -68.85 -29.41 36.33
CA TYR E 314 -68.56 -29.09 34.94
C TYR E 314 -67.83 -30.21 34.21
N GLN E 315 -67.50 -31.30 34.90
CA GLN E 315 -66.73 -32.40 34.32
C GLN E 315 -65.41 -31.89 33.74
N ALA E 316 -64.67 -31.11 34.52
CA ALA E 316 -63.45 -30.48 34.06
C ALA E 316 -62.40 -30.54 35.15
N ASP E 317 -61.16 -30.27 34.75
CA ASP E 317 -60.02 -30.21 35.66
C ASP E 317 -59.37 -28.83 35.54
N GLN E 318 -58.95 -28.28 36.67
CA GLN E 318 -58.41 -26.93 36.74
C GLN E 318 -57.03 -26.95 37.37
N ILE E 319 -56.09 -26.26 36.74
CA ILE E 319 -54.73 -26.11 37.24
C ILE E 319 -54.45 -24.61 37.39
N VAL E 320 -53.93 -24.22 38.55
CA VAL E 320 -53.67 -22.82 38.86
C VAL E 320 -52.30 -22.71 39.51
N ALA E 321 -51.53 -21.70 39.10
CA ALA E 321 -50.27 -21.33 39.73
C ALA E 321 -50.38 -19.90 40.22
N LYS E 322 -49.68 -19.57 41.30
CA LYS E 322 -49.91 -18.32 41.99
C LYS E 322 -48.72 -17.95 42.85
N TYR E 323 -48.56 -16.64 43.09
CA TYR E 323 -47.61 -16.15 44.06
C TYR E 323 -48.03 -14.75 44.50
N ALA E 324 -47.37 -14.25 45.54
CA ALA E 324 -47.54 -12.88 46.03
C ALA E 324 -46.17 -12.21 46.07
N MET E 325 -46.08 -11.00 45.55
CA MET E 325 -44.81 -10.30 45.46
C MET E 325 -45.04 -8.80 45.56
N GLY E 326 -43.97 -8.09 45.93
CA GLY E 326 -44.00 -6.64 45.99
C GLY E 326 -42.79 -6.03 45.31
N HIS E 327 -43.01 -5.05 44.46
CA HIS E 327 -41.95 -4.42 43.68
C HIS E 327 -41.86 -2.96 44.07
N GLY E 328 -40.64 -2.46 44.22
CA GLY E 328 -40.44 -1.07 44.60
C GLY E 328 -39.06 -0.58 44.22
N GLY E 329 -38.92 0.75 44.24
CA GLY E 329 -37.67 1.40 43.88
C GLY E 329 -36.97 1.92 45.13
N LEU E 330 -35.66 1.70 45.19
CA LEU E 330 -34.82 2.14 46.28
C LEU E 330 -33.44 2.50 45.72
N ARG E 331 -32.77 3.44 46.40
CA ARG E 331 -31.52 4.02 45.90
C ARG E 331 -31.74 4.64 44.53
N PRO E 332 -32.48 5.75 44.43
CA PRO E 332 -32.67 6.37 43.10
C PRO E 332 -31.38 6.88 42.48
N GLU E 333 -30.33 7.07 43.27
CA GLU E 333 -29.07 7.58 42.73
C GLU E 333 -28.44 6.60 41.75
N SER E 334 -28.66 5.30 41.96
CA SER E 334 -28.07 4.30 41.08
C SER E 334 -28.94 4.05 39.86
N ALA E 335 -30.12 4.68 39.81
CA ALA E 335 -30.99 4.52 38.66
C ALA E 335 -30.55 5.44 37.52
N GLY E 336 -31.17 5.26 36.35
CA GLY E 336 -30.87 6.10 35.21
C GLY E 336 -31.79 5.77 34.06
N ALA E 337 -31.67 6.57 33.00
CA ALA E 337 -32.49 6.39 31.81
C ALA E 337 -31.79 6.97 30.59
N LEU E 338 -32.25 6.56 29.42
CA LEU E 338 -31.78 7.09 28.14
C LEU E 338 -32.99 7.31 27.25
N VAL E 339 -33.25 8.57 26.90
CA VAL E 339 -34.50 8.93 26.23
C VAL E 339 -34.22 9.85 25.05
N PHE E 340 -35.20 9.93 24.16
CA PHE E 340 -35.15 10.89 23.06
C PHE E 340 -35.47 12.29 23.57
N THR E 341 -34.89 13.29 22.91
CA THR E 341 -35.17 14.68 23.27
C THR E 341 -36.62 15.02 22.94
N ALA E 342 -37.28 15.69 23.88
CA ALA E 342 -38.68 16.07 23.68
C ALA E 342 -38.81 17.02 22.50
N ALA E 343 -39.83 16.77 21.67
CA ALA E 343 -40.05 17.57 20.48
C ALA E 343 -40.48 18.98 20.84
N SER E 344 -40.35 19.91 19.90
CA SER E 344 -40.71 21.30 20.14
C SER E 344 -42.20 21.45 20.38
N ALA E 345 -42.57 22.34 21.31
CA ALA E 345 -43.97 22.55 21.65
C ALA E 345 -44.22 23.99 22.06
N ALA F 2 -69.61 -12.52 40.38
CA ALA F 2 -69.85 -13.64 41.29
C ALA F 2 -68.91 -13.58 42.49
N ASN F 3 -68.71 -12.39 43.03
CA ASN F 3 -67.86 -12.22 44.19
C ASN F 3 -68.46 -12.90 45.40
N MET F 4 -67.63 -13.59 46.17
CA MET F 4 -68.10 -14.28 47.36
C MET F 4 -68.55 -13.29 48.41
N GLN F 5 -69.65 -13.60 49.08
CA GLN F 5 -70.25 -12.74 50.08
C GLN F 5 -70.03 -13.33 51.47
N GLY F 6 -69.56 -12.50 52.40
CA GLY F 6 -69.36 -12.93 53.77
C GLY F 6 -68.01 -13.53 54.07
N GLY F 7 -67.02 -13.36 53.20
CA GLY F 7 -65.70 -13.86 53.49
C GLY F 7 -65.04 -13.07 54.61
N GLN F 8 -64.10 -13.72 55.30
CA GLN F 8 -63.41 -13.06 56.41
C GLN F 8 -62.47 -11.99 55.89
N ARG F 9 -62.58 -10.80 56.48
CA ARG F 9 -61.71 -9.66 56.14
C ARG F 9 -60.78 -9.43 57.32
N LEU F 10 -59.62 -10.09 57.30
CA LEU F 10 -58.71 -10.01 58.43
C LEU F 10 -57.99 -8.68 58.50
N GLY F 11 -58.03 -7.90 57.41
CA GLY F 11 -57.31 -6.65 57.36
C GLY F 11 -58.19 -5.43 57.30
N THR F 12 -59.46 -5.58 57.62
CA THR F 12 -60.41 -4.47 57.63
C THR F 12 -60.75 -4.10 59.07
N ASN F 13 -60.84 -2.81 59.34
CA ASN F 13 -60.98 -2.35 60.72
C ASN F 13 -62.30 -2.80 61.33
N GLN F 14 -63.39 -2.72 60.57
CA GLN F 14 -64.74 -3.00 61.07
C GLN F 14 -64.96 -2.06 62.25
N GLY F 15 -65.22 -2.57 63.46
CA GLY F 15 -65.33 -1.73 64.62
C GLY F 15 -66.65 -0.97 64.69
N LYS F 16 -66.84 -0.30 65.82
CA LYS F 16 -68.09 0.43 66.04
C LYS F 16 -68.18 1.65 65.14
N GLY F 17 -67.11 2.44 65.07
CA GLY F 17 -67.13 3.67 64.30
C GLY F 17 -65.95 3.86 63.37
N GLN F 18 -65.14 2.83 63.20
CA GLN F 18 -63.97 2.94 62.35
C GLN F 18 -64.38 3.04 60.88
N SER F 19 -63.49 3.62 60.07
CA SER F 19 -63.82 3.86 58.67
C SER F 19 -64.02 2.56 57.91
N ALA F 20 -63.13 1.59 58.12
CA ALA F 20 -63.17 0.29 57.43
C ALA F 20 -63.07 0.45 55.92
N ALA F 21 -62.50 1.57 55.46
CA ALA F 21 -62.33 1.77 54.02
C ALA F 21 -61.06 1.10 53.52
N ASP F 22 -60.01 1.09 54.34
CA ASP F 22 -58.73 0.48 53.98
C ASP F 22 -58.83 -1.02 54.22
N LYS F 23 -58.56 -1.81 53.17
CA LYS F 23 -58.69 -3.25 53.27
C LYS F 23 -57.48 -3.89 53.92
N LEU F 24 -56.42 -3.11 54.19
CA LEU F 24 -55.19 -3.62 54.75
C LEU F 24 -54.79 -2.91 56.04
N ALA F 25 -55.75 -2.36 56.79
CA ALA F 25 -55.41 -1.56 57.96
C ALA F 25 -54.85 -2.42 59.09
N LEU F 26 -55.50 -3.55 59.38
CA LEU F 26 -55.08 -4.35 60.52
C LEU F 26 -53.73 -5.01 60.29
N PHE F 27 -53.41 -5.32 59.03
CA PHE F 27 -52.07 -5.79 58.72
C PHE F 27 -51.07 -4.67 58.95
N LEU F 28 -49.89 -5.04 59.48
CA LEU F 28 -48.91 -4.07 59.92
C LEU F 28 -47.61 -4.22 59.13
N LYS F 29 -47.01 -3.08 58.82
CA LYS F 29 -45.74 -3.06 58.09
C LYS F 29 -44.62 -3.62 58.98
N VAL F 30 -43.74 -4.40 58.36
CA VAL F 30 -42.65 -5.05 59.07
C VAL F 30 -41.32 -4.47 58.60
N PHE F 31 -40.29 -4.69 59.40
CA PHE F 31 -38.96 -4.21 59.07
C PHE F 31 -38.37 -5.00 57.91
N GLY F 32 -37.77 -4.28 56.96
CA GLY F 32 -37.05 -4.94 55.89
C GLY F 32 -35.81 -5.64 56.39
N GLY F 33 -35.28 -6.53 55.54
CA GLY F 33 -34.15 -7.34 55.95
C GLY F 33 -32.89 -6.52 56.24
N GLU F 34 -32.62 -5.53 55.40
CA GLU F 34 -31.36 -4.80 55.47
C GLU F 34 -31.62 -3.30 55.36
N VAL F 35 -30.69 -2.52 55.91
CA VAL F 35 -30.78 -1.07 55.97
C VAL F 35 -29.83 -0.49 54.94
N LEU F 36 -30.31 0.51 54.19
CA LEU F 36 -29.50 1.12 53.15
C LEU F 36 -28.53 2.13 53.76
N THR F 37 -27.24 1.92 53.51
CA THR F 37 -26.21 2.85 53.91
C THR F 37 -25.60 3.49 52.67
N ALA F 38 -25.30 4.78 52.79
CA ALA F 38 -24.83 5.54 51.64
C ALA F 38 -23.49 5.02 51.15
N PHE F 39 -23.25 5.18 49.85
CA PHE F 39 -22.05 4.62 49.23
C PHE F 39 -20.80 5.27 49.79
N ALA F 40 -19.77 4.45 50.04
CA ALA F 40 -18.54 4.93 50.63
C ALA F 40 -17.75 5.79 49.65
N ARG F 41 -17.00 6.75 50.18
CA ARG F 41 -16.12 7.60 49.40
C ARG F 41 -14.68 7.23 49.71
N THR F 42 -13.86 7.14 48.66
CA THR F 42 -12.49 6.65 48.77
C THR F 42 -11.51 7.80 48.56
N SER F 43 -10.43 7.79 49.33
CA SER F 43 -9.42 8.83 49.29
C SER F 43 -8.43 8.54 48.16
N VAL F 44 -8.04 9.58 47.42
CA VAL F 44 -7.18 9.39 46.26
C VAL F 44 -5.77 9.87 46.55
N THR F 45 -5.62 10.90 47.38
CA THR F 45 -4.34 11.55 47.61
C THR F 45 -3.57 10.95 48.77
N THR F 46 -4.04 9.83 49.33
CA THR F 46 -3.40 9.28 50.52
C THR F 46 -1.94 8.92 50.27
N ASN F 47 -1.65 8.26 49.14
CA ASN F 47 -0.30 7.81 48.85
C ASN F 47 0.37 8.61 47.73
N ARG F 48 -0.13 9.79 47.40
CA ARG F 48 0.41 10.59 46.32
C ARG F 48 1.25 11.77 46.80
N HIS F 49 1.51 11.89 48.09
CA HIS F 49 2.34 12.96 48.61
C HIS F 49 3.02 12.55 49.92
N MET F 50 3.54 13.57 50.62
CA MET F 50 4.61 13.35 51.59
C MET F 50 4.16 12.52 52.80
N GLN F 51 3.09 12.94 53.47
CA GLN F 51 2.66 12.32 54.74
C GLN F 51 3.76 12.34 55.79
N ARG F 52 4.16 13.54 56.21
CA ARG F 52 5.13 13.68 57.28
C ARG F 52 4.43 13.83 58.63
N GLN F 53 5.13 13.51 59.71
CA GLN F 53 4.58 13.55 61.06
C GLN F 53 5.57 14.23 62.00
N ILE F 54 5.07 15.12 62.85
CA ILE F 54 5.87 15.79 63.88
C ILE F 54 5.17 15.64 65.22
N SER F 55 5.92 15.80 66.30
CA SER F 55 5.41 15.72 67.65
C SER F 55 5.67 17.02 68.40
N SER F 56 4.62 17.60 68.97
CA SER F 56 4.72 18.79 69.82
C SER F 56 5.38 19.96 69.09
N GLY F 57 4.73 20.44 68.03
CA GLY F 57 5.24 21.58 67.31
C GLY F 57 4.17 22.43 66.68
N LYS F 58 4.41 23.75 66.63
CA LYS F 58 3.48 24.65 65.96
C LYS F 58 3.42 24.37 64.47
N SER F 59 4.57 24.18 63.83
CA SER F 59 4.65 24.00 62.40
C SER F 59 5.99 23.37 62.06
N ALA F 60 6.06 22.77 60.87
CA ALA F 60 7.28 22.15 60.38
C ALA F 60 7.78 22.95 59.18
N GLN F 61 9.08 23.21 59.15
CA GLN F 61 9.71 23.98 58.08
C GLN F 61 10.69 23.10 57.32
N PHE F 62 10.69 23.25 55.99
CA PHE F 62 11.55 22.47 55.13
C PHE F 62 12.46 23.41 54.35
N PRO F 63 13.77 23.42 54.61
CA PRO F 63 14.65 24.32 53.88
C PRO F 63 14.90 23.82 52.45
N VAL F 64 15.17 24.76 51.55
CA VAL F 64 15.46 24.44 50.16
C VAL F 64 16.82 25.04 49.81
N ILE F 65 17.45 24.48 48.79
CA ILE F 65 18.79 24.91 48.35
C ILE F 65 18.74 25.12 46.85
N GLY F 66 19.30 26.25 46.39
CA GLY F 66 19.31 26.55 44.98
C GLY F 66 20.52 26.01 44.26
N ARG F 67 20.76 26.55 43.07
CA ARG F 67 21.87 26.13 42.24
C ARG F 67 22.89 27.26 42.10
N THR F 68 23.97 26.98 41.37
CA THR F 68 25.09 27.91 41.23
C THR F 68 25.59 27.94 39.80
N LYS F 69 26.30 29.01 39.45
CA LYS F 69 26.90 29.15 38.14
C LYS F 69 28.40 28.87 38.20
N ALA F 70 29.06 29.07 37.05
CA ALA F 70 30.50 28.89 36.93
C ALA F 70 31.09 30.09 36.18
N ALA F 71 32.38 30.32 36.38
CA ALA F 71 33.05 31.46 35.78
C ALA F 71 34.49 31.10 35.44
N TYR F 72 35.08 31.87 34.53
CA TYR F 72 36.46 31.67 34.14
C TYR F 72 37.41 32.48 35.03
N LEU F 73 38.52 31.86 35.41
CA LEU F 73 39.51 32.46 36.27
C LEU F 73 40.81 32.66 35.49
N GLN F 74 41.04 33.88 35.04
CA GLN F 74 42.27 34.19 34.33
C GLN F 74 43.46 34.06 35.28
N PRO F 75 44.65 33.76 34.77
CA PRO F 75 45.82 33.68 35.64
C PRO F 75 46.08 35.00 36.35
N GLY F 76 46.40 34.91 37.64
CA GLY F 76 46.58 36.10 38.45
C GLY F 76 45.32 36.74 38.96
N GLU F 77 44.18 36.07 38.86
CA GLU F 77 42.90 36.58 39.33
C GLU F 77 42.50 35.88 40.60
N SER F 78 42.09 36.66 41.60
CA SER F 78 41.68 36.08 42.88
C SER F 78 40.33 35.39 42.74
N LEU F 79 40.22 34.20 43.32
CA LEU F 79 38.97 33.45 43.26
C LEU F 79 37.91 34.05 44.18
N ASP F 80 38.33 34.86 45.15
CA ASP F 80 37.38 35.43 46.11
C ASP F 80 36.63 36.61 45.52
N ASP F 81 37.11 37.17 44.42
CA ASP F 81 36.52 38.39 43.88
C ASP F 81 35.21 38.10 43.15
N LYS F 82 35.12 36.94 42.49
CA LYS F 82 33.99 36.63 41.63
C LYS F 82 33.02 35.62 42.24
N ARG F 83 33.16 35.28 43.52
CA ARG F 83 32.25 34.35 44.14
C ARG F 83 30.86 34.97 44.29
N LYS F 84 29.82 34.13 44.17
CA LYS F 84 28.44 34.61 44.22
C LYS F 84 27.60 34.01 45.34
N ASP F 85 27.79 32.71 45.64
CA ASP F 85 27.17 31.88 46.67
C ASP F 85 25.88 31.23 46.18
N ILE F 86 25.34 30.30 46.97
CA ILE F 86 24.15 29.55 46.64
C ILE F 86 23.01 30.03 47.53
N LYS F 87 21.87 30.35 46.92
CA LYS F 87 20.76 30.93 47.65
C LYS F 87 20.12 29.90 48.58
N HIS F 88 19.42 30.41 49.60
CA HIS F 88 18.71 29.58 50.56
C HIS F 88 17.38 30.23 50.91
N THR F 89 16.36 29.42 51.15
CA THR F 89 15.12 29.86 51.77
C THR F 89 14.40 28.64 52.31
N GLU F 90 13.20 28.87 52.86
CA GLU F 90 12.49 27.86 53.61
C GLU F 90 11.04 27.76 53.17
N LYS F 91 10.49 26.55 53.25
CA LYS F 91 9.06 26.29 53.08
C LYS F 91 8.53 25.74 54.38
N THR F 92 7.48 26.37 54.91
CA THR F 92 6.89 25.99 56.19
C THR F 92 5.46 25.51 55.98
N ILE F 93 5.10 24.43 56.69
CA ILE F 93 3.74 23.91 56.71
C ILE F 93 3.22 24.05 58.13
N ASN F 94 2.16 24.84 58.30
CA ASN F 94 1.62 25.16 59.61
C ASN F 94 0.37 24.33 59.90
N ILE F 95 0.35 23.70 61.07
CA ILE F 95 -0.77 22.85 61.44
C ILE F 95 -1.99 23.70 61.78
N ASP F 96 -3.14 23.29 61.27
CA ASP F 96 -4.39 24.00 61.50
C ASP F 96 -4.97 23.60 62.85
N GLY F 97 -6.17 24.09 63.13
CA GLY F 97 -6.83 23.74 64.37
C GLY F 97 -7.24 22.27 64.40
N LEU F 98 -7.99 21.93 65.45
CA LEU F 98 -8.51 20.58 65.58
C LEU F 98 -9.73 20.40 64.70
N LEU F 99 -9.76 19.31 63.93
CA LEU F 99 -10.85 19.00 63.02
C LEU F 99 -11.69 17.89 63.63
N THR F 100 -12.97 18.15 63.85
CA THR F 100 -13.84 17.26 64.59
C THR F 100 -15.13 16.98 63.80
N ALA F 101 -15.68 15.79 64.02
CA ALA F 101 -17.02 15.44 63.58
C ALA F 101 -17.66 14.58 64.66
N ASP F 102 -18.92 14.84 64.96
CA ASP F 102 -19.61 14.16 66.04
C ASP F 102 -21.09 13.98 65.73
N VAL F 103 -21.70 13.04 66.44
CA VAL F 103 -23.14 12.81 66.39
C VAL F 103 -23.65 12.67 67.82
N LEU F 104 -24.92 12.98 68.03
CA LEU F 104 -25.57 12.87 69.34
C LEU F 104 -26.79 11.98 69.21
N ILE F 105 -26.84 10.93 70.04
CA ILE F 105 -27.91 9.93 69.99
C ILE F 105 -28.67 9.99 71.30
N TYR F 106 -29.97 10.27 71.22
CA TYR F 106 -30.83 10.36 72.40
C TYR F 106 -31.25 8.98 72.86
N ASP F 107 -31.43 8.83 74.18
CA ASP F 107 -31.68 7.52 74.75
C ASP F 107 -33.08 7.00 74.41
N ILE F 108 -34.07 7.90 74.38
CA ILE F 108 -35.45 7.45 74.19
C ILE F 108 -35.67 6.95 72.78
N GLU F 109 -35.17 7.68 71.78
CA GLU F 109 -35.40 7.28 70.40
C GLU F 109 -34.42 6.19 69.98
N ASP F 110 -33.35 5.99 70.74
CA ASP F 110 -32.50 4.82 70.52
C ASP F 110 -33.21 3.55 70.94
N ALA F 111 -33.95 3.60 72.06
CA ALA F 111 -34.71 2.44 72.50
C ALA F 111 -35.87 2.16 71.56
N MET F 112 -36.52 3.20 71.04
CA MET F 112 -37.62 3.01 70.11
C MET F 112 -37.14 2.47 68.78
N ASN F 113 -35.85 2.60 68.49
CA ASN F 113 -35.31 2.19 67.20
C ASN F 113 -35.28 0.67 67.09
N HIS F 114 -35.50 0.17 65.88
CA HIS F 114 -35.54 -1.27 65.68
C HIS F 114 -34.28 -1.79 65.00
N TYR F 115 -33.42 -0.88 64.53
CA TYR F 115 -32.14 -1.23 63.94
C TYR F 115 -31.03 -0.40 64.57
N ASP F 116 -29.80 -0.93 64.48
CA ASP F 116 -28.65 -0.33 65.13
C ASP F 116 -27.97 0.64 64.17
N VAL F 117 -27.57 1.80 64.68
CA VAL F 117 -26.97 2.85 63.86
C VAL F 117 -25.60 3.29 64.38
N ARG F 118 -25.19 2.82 65.55
CA ARG F 118 -23.96 3.32 66.16
C ARG F 118 -22.74 2.97 65.33
N SER F 119 -22.70 1.75 64.77
CA SER F 119 -21.55 1.34 63.98
C SER F 119 -21.47 2.13 62.67
N GLU F 120 -22.62 2.41 62.06
CA GLU F 120 -22.62 3.16 60.81
C GLU F 120 -22.25 4.62 61.04
N TYR F 121 -22.67 5.18 62.17
CA TYR F 121 -22.33 6.56 62.49
C TYR F 121 -20.83 6.75 62.63
N THR F 122 -20.15 5.78 63.27
CA THR F 122 -18.70 5.87 63.42
C THR F 122 -18.01 5.86 62.06
N SER F 123 -18.49 5.03 61.14
CA SER F 123 -17.89 4.99 59.80
C SER F 123 -18.09 6.32 59.07
N GLN F 124 -19.28 6.93 59.21
CA GLN F 124 -19.53 8.20 58.53
C GLN F 124 -18.69 9.33 59.12
N ILE F 125 -18.49 9.31 60.45
CA ILE F 125 -17.70 10.35 61.09
C ILE F 125 -16.25 10.29 60.61
N GLY F 126 -15.66 9.09 60.63
CA GLY F 126 -14.29 8.96 60.17
C GLY F 126 -14.13 9.26 58.70
N GLU F 127 -15.14 8.89 57.89
CA GLU F 127 -15.09 9.16 56.46
C GLU F 127 -15.19 10.66 56.18
N SER F 128 -15.95 11.38 57.00
CA SER F 128 -16.05 12.83 56.82
C SER F 128 -14.70 13.50 57.05
N LEU F 129 -13.93 13.01 58.03
CA LEU F 129 -12.60 13.54 58.26
C LEU F 129 -11.67 13.24 57.10
N ALA F 130 -11.77 12.04 56.53
CA ALA F 130 -10.91 11.67 55.41
C ALA F 130 -11.17 12.54 54.19
N MET F 131 -12.45 12.86 53.93
CA MET F 131 -12.78 13.66 52.75
C MET F 131 -12.27 15.08 52.89
N ALA F 132 -12.16 15.58 54.12
CA ALA F 132 -11.63 16.93 54.33
C ALA F 132 -10.15 16.98 54.00
N ALA F 133 -9.42 15.90 54.27
CA ALA F 133 -7.99 15.85 53.94
C ALA F 133 -7.77 15.89 52.43
N ASP F 134 -8.58 15.14 51.67
CA ASP F 134 -8.42 15.12 50.22
C ASP F 134 -8.66 16.49 49.61
N GLY F 135 -9.76 17.15 49.98
CA GLY F 135 -10.03 18.47 49.45
C GLY F 135 -8.97 19.48 49.84
N ALA F 136 -8.43 19.35 51.05
CA ALA F 136 -7.36 20.24 51.48
C ALA F 136 -6.10 20.06 50.63
N VAL F 137 -5.74 18.81 50.36
CA VAL F 137 -4.51 18.55 49.59
C VAL F 137 -4.67 19.07 48.17
N LEU F 138 -5.82 18.82 47.56
CA LEU F 138 -6.06 19.32 46.20
C LEU F 138 -6.15 20.84 46.18
N ALA F 139 -6.53 21.44 47.31
CA ALA F 139 -6.59 22.90 47.40
C ALA F 139 -5.18 23.50 47.39
N GLU F 140 -4.24 22.84 48.05
CA GLU F 140 -2.85 23.29 48.00
C GLU F 140 -2.28 23.18 46.60
N LEU F 141 -2.64 22.12 45.88
CA LEU F 141 -2.15 21.94 44.52
C LEU F 141 -2.61 23.08 43.61
N ALA F 142 -3.86 23.51 43.76
CA ALA F 142 -4.31 24.68 43.03
C ALA F 142 -3.74 25.96 43.62
N GLY F 143 -3.36 25.93 44.90
CA GLY F 143 -2.79 27.11 45.52
C GLY F 143 -1.44 27.48 44.94
N LEU F 144 -0.62 26.47 44.61
CA LEU F 144 0.68 26.75 44.01
C LEU F 144 0.53 27.40 42.64
N VAL F 145 -0.46 26.95 41.87
CA VAL F 145 -0.73 27.57 40.57
C VAL F 145 -1.19 29.01 40.75
N ASN F 146 -1.88 29.30 41.85
CA ASN F 146 -2.40 30.64 42.10
C ASN F 146 -1.36 31.59 42.69
N LEU F 147 -0.13 31.14 42.91
CA LEU F 147 0.90 32.00 43.48
C LEU F 147 1.12 33.23 42.62
N ALA F 148 1.29 34.37 43.27
CA ALA F 148 1.44 35.63 42.57
C ALA F 148 2.74 35.67 41.78
N ASP F 149 2.86 36.69 40.91
CA ASP F 149 4.03 36.81 40.06
C ASP F 149 5.31 37.00 40.88
N SER F 150 5.19 37.58 42.07
CA SER F 150 6.36 37.81 42.91
C SER F 150 6.83 36.53 43.57
N VAL F 151 5.91 35.63 43.91
CA VAL F 151 6.21 34.47 44.73
C VAL F 151 5.88 33.16 44.00
N ASN F 152 6.06 33.10 42.69
CA ASN F 152 5.75 31.88 41.94
C ASN F 152 6.58 30.71 42.43
N GLU F 153 7.85 30.96 42.74
CA GLU F 153 8.86 29.91 42.88
C GLU F 153 9.75 30.16 44.08
N ASN F 154 10.33 29.08 44.61
CA ASN F 154 11.15 29.20 45.82
C ASN F 154 12.36 30.10 45.60
N ILE F 155 13.14 29.81 44.57
CA ILE F 155 14.32 30.59 44.21
C ILE F 155 14.27 30.87 42.72
N ALA F 156 14.66 32.09 42.34
CA ALA F 156 14.60 32.49 40.94
C ALA F 156 15.39 31.52 40.07
N GLY F 157 14.70 30.93 39.08
CA GLY F 157 15.32 30.02 38.15
C GLY F 157 15.11 28.55 38.42
N LEU F 158 14.36 28.19 39.46
CA LEU F 158 14.19 26.77 39.78
C LEU F 158 13.07 26.15 38.95
N GLY F 159 11.88 26.74 38.98
CA GLY F 159 10.77 26.20 38.20
C GLY F 159 9.51 27.03 38.36
N LYS F 160 8.59 26.84 37.42
CA LYS F 160 7.37 27.64 37.35
C LYS F 160 6.17 26.71 37.28
N PRO F 161 5.10 27.01 38.03
CA PRO F 161 3.96 26.09 38.07
C PRO F 161 3.27 25.87 36.72
N SER F 162 3.21 26.88 35.86
CA SER F 162 2.59 26.81 34.54
C SER F 162 1.07 26.68 34.64
N LEU F 163 0.34 27.20 33.65
CA LEU F 163 -1.11 27.30 33.74
C LEU F 163 -1.83 26.42 32.72
N LEU F 164 -1.51 26.60 31.44
CA LEU F 164 -2.06 25.81 30.34
C LEU F 164 -3.54 26.11 30.10
N GLU F 165 -3.97 26.10 28.84
CA GLU F 165 -5.34 26.42 28.48
C GLU F 165 -5.81 25.47 27.38
N VAL F 166 -7.00 24.91 27.54
CA VAL F 166 -7.53 23.92 26.61
C VAL F 166 -8.45 24.53 25.57
N GLY F 167 -9.35 25.41 25.98
CA GLY F 167 -10.31 25.98 25.05
C GLY F 167 -11.19 27.01 25.70
N LEU F 168 -12.05 27.62 24.87
CA LEU F 168 -12.85 28.75 25.33
C LEU F 168 -14.06 28.29 26.13
N LYS F 169 -14.39 26.99 26.03
CA LYS F 169 -15.48 26.35 26.78
C LYS F 169 -16.83 26.77 26.24
N ALA F 170 -16.85 27.73 25.31
CA ALA F 170 -18.09 28.08 24.63
C ALA F 170 -18.31 27.19 23.41
N ASP F 171 -17.25 26.92 22.65
CA ASP F 171 -17.30 26.01 21.53
C ASP F 171 -16.63 24.67 21.82
N LEU F 172 -16.23 24.44 23.07
CA LEU F 172 -15.58 23.18 23.41
C LEU F 172 -16.55 22.25 24.14
N THR F 173 -17.85 22.52 24.02
CA THR F 173 -18.88 21.78 24.75
C THR F 173 -18.97 20.33 24.33
N ASP F 174 -18.57 20.01 23.10
CA ASP F 174 -18.67 18.64 22.61
C ASP F 174 -17.73 17.74 23.40
N PRO F 175 -18.22 16.67 24.02
CA PRO F 175 -17.34 15.81 24.82
C PRO F 175 -16.21 15.18 24.01
N VAL F 176 -16.46 14.86 22.74
CA VAL F 176 -15.38 14.37 21.88
C VAL F 176 -14.36 15.47 21.61
N LYS F 177 -14.86 16.67 21.33
CA LYS F 177 -13.96 17.79 21.06
C LYS F 177 -13.19 18.20 22.31
N LEU F 178 -13.85 18.14 23.47
CA LEU F 178 -13.17 18.44 24.72
C LEU F 178 -12.06 17.44 25.02
N GLY F 179 -12.31 16.16 24.76
CA GLY F 179 -11.30 15.15 25.02
C GLY F 179 -10.06 15.30 24.17
N GLN F 180 -10.24 15.73 22.92
CA GLN F 180 -9.09 15.96 22.04
C GLN F 180 -8.23 17.10 22.58
N ALA F 181 -8.86 18.18 23.06
CA ALA F 181 -8.11 19.30 23.60
C ALA F 181 -7.32 18.90 24.84
N VAL F 182 -7.94 18.10 25.72
CA VAL F 182 -7.26 17.70 26.95
C VAL F 182 -6.07 16.79 26.63
N ILE F 183 -6.27 15.83 25.72
CA ILE F 183 -5.19 14.92 25.36
C ILE F 183 -4.06 15.69 24.69
N ALA F 184 -4.40 16.60 23.77
CA ALA F 184 -3.38 17.41 23.11
C ALA F 184 -2.67 18.31 24.11
N GLN F 185 -3.38 18.80 25.12
CA GLN F 185 -2.77 19.69 26.09
C GLN F 185 -2.07 18.90 27.20
N LEU F 186 -2.40 17.62 27.35
CA LEU F 186 -1.69 16.79 28.30
C LEU F 186 -0.25 16.53 27.85
N THR F 187 0.02 16.72 26.56
CA THR F 187 1.39 16.65 26.08
C THR F 187 2.22 17.81 26.62
N ILE F 188 1.69 19.03 26.53
CA ILE F 188 2.41 20.20 27.02
C ILE F 188 2.59 20.12 28.53
N ALA F 189 1.62 19.51 29.22
CA ALA F 189 1.75 19.32 30.66
C ALA F 189 2.94 18.44 31.00
N ARG F 190 3.17 17.39 30.19
CA ARG F 190 4.35 16.55 30.39
C ARG F 190 5.63 17.34 30.14
N ALA F 191 5.59 18.27 29.18
CA ALA F 191 6.76 19.10 28.90
C ALA F 191 7.01 20.11 29.99
N ALA F 192 5.95 20.55 30.67
CA ALA F 192 6.09 21.54 31.73
C ALA F 192 6.94 21.01 32.87
N LEU F 193 6.71 19.76 33.27
CA LEU F 193 7.51 19.17 34.34
C LEU F 193 8.93 18.88 33.87
N THR F 194 9.09 18.39 32.64
CA THR F 194 10.43 18.11 32.12
C THR F 194 11.25 19.38 31.99
N LYS F 195 10.62 20.48 31.56
CA LYS F 195 11.30 21.76 31.45
C LYS F 195 11.91 22.19 32.78
N ASN F 196 11.29 21.80 33.89
CA ASN F 196 11.76 22.15 35.23
C ASN F 196 12.57 21.03 35.87
N TYR F 197 13.01 20.05 35.08
CA TYR F 197 13.80 18.91 35.54
C TYR F 197 13.06 18.04 36.54
N VAL F 198 11.74 18.09 36.56
CA VAL F 198 10.97 17.21 37.44
C VAL F 198 11.13 15.77 36.96
N PRO F 199 11.44 14.82 37.84
CA PRO F 199 11.70 13.45 37.39
C PRO F 199 10.48 12.82 36.74
N ALA F 200 10.73 11.95 35.76
CA ALA F 200 9.66 11.17 35.17
C ALA F 200 9.18 10.12 36.16
N ASN F 201 7.92 9.69 35.97
CA ASN F 201 7.16 8.75 36.80
C ASN F 201 6.75 9.44 38.09
N ASP F 202 5.88 8.78 38.87
CA ASP F 202 5.27 9.38 40.06
C ASP F 202 4.49 10.64 39.69
N ARG F 203 3.95 10.66 38.47
CA ARG F 203 3.17 11.77 37.95
C ARG F 203 1.71 11.32 37.84
N THR F 204 0.79 12.21 38.19
CA THR F 204 -0.63 11.90 38.13
C THR F 204 -1.43 13.13 37.73
N PHE F 205 -2.61 12.88 37.17
CA PHE F 205 -3.50 13.92 36.68
C PHE F 205 -4.85 13.76 37.38
N TYR F 206 -5.27 14.80 38.10
CA TYR F 206 -6.53 14.80 38.84
C TYR F 206 -7.56 15.55 38.03
N THR F 207 -8.69 14.90 37.75
CA THR F 207 -9.73 15.50 36.93
C THR F 207 -11.09 14.99 37.38
N THR F 208 -12.12 15.72 36.96
CA THR F 208 -13.50 15.35 37.28
C THR F 208 -13.95 14.17 36.42
N PRO F 209 -14.96 13.43 36.88
CA PRO F 209 -15.46 12.31 36.05
C PRO F 209 -15.99 12.75 34.70
N ASP F 210 -16.49 13.98 34.58
CA ASP F 210 -16.98 14.45 33.29
C ASP F 210 -15.85 14.60 32.27
N VAL F 211 -14.75 15.23 32.68
CA VAL F 211 -13.60 15.36 31.79
C VAL F 211 -12.95 13.99 31.58
N TYR F 212 -13.03 13.12 32.58
CA TYR F 212 -12.51 11.76 32.44
C TYR F 212 -13.26 11.01 31.35
N SER F 213 -14.58 11.17 31.28
CA SER F 213 -15.34 10.53 30.21
C SER F 213 -15.18 11.26 28.89
N ALA F 214 -14.74 12.52 28.93
CA ALA F 214 -14.45 13.24 27.69
C ALA F 214 -13.23 12.65 27.00
N ILE F 215 -12.22 12.23 27.77
CA ILE F 215 -11.06 11.56 27.20
C ILE F 215 -11.47 10.21 26.63
N LEU F 216 -12.39 9.52 27.31
CA LEU F 216 -12.88 8.25 26.81
C LEU F 216 -13.59 8.42 25.47
N ALA F 217 -14.42 9.45 25.34
CA ALA F 217 -15.17 9.66 24.11
C ALA F 217 -14.26 10.05 22.96
N ALA F 218 -13.18 10.78 23.26
CA ALA F 218 -12.29 11.23 22.20
C ALA F 218 -11.52 10.08 21.57
N LEU F 219 -11.37 8.97 22.29
CA LEU F 219 -10.61 7.83 21.81
C LEU F 219 -11.49 6.64 21.41
N MET F 220 -12.80 6.83 21.29
CA MET F 220 -13.70 5.78 20.86
C MET F 220 -13.52 5.52 19.37
N PRO F 221 -13.98 4.36 18.88
CA PRO F 221 -13.83 4.06 17.44
C PRO F 221 -14.43 5.10 16.52
N ASN F 222 -15.46 5.81 16.97
CA ASN F 222 -16.06 6.86 16.14
C ASN F 222 -15.06 7.97 15.85
N ALA F 223 -14.30 8.37 16.86
CA ALA F 223 -13.43 9.53 16.70
C ALA F 223 -11.97 9.14 16.43
N ALA F 224 -11.49 8.12 17.12
CA ALA F 224 -10.08 7.74 17.07
C ALA F 224 -9.82 6.85 15.88
N ASN F 225 -8.76 7.16 15.12
CA ASN F 225 -8.44 6.37 13.93
C ASN F 225 -7.92 4.99 14.28
N TYR F 226 -7.24 4.87 15.42
CA TYR F 226 -6.71 3.59 15.88
C TYR F 226 -6.80 3.49 17.39
N ALA F 227 -6.82 2.26 17.90
CA ALA F 227 -6.97 2.03 19.32
C ALA F 227 -5.71 2.44 20.08
N ALA F 228 -5.91 3.15 21.19
CA ALA F 228 -4.80 3.55 22.05
C ALA F 228 -5.33 3.84 23.44
N LEU F 229 -4.53 3.50 24.46
CA LEU F 229 -4.82 3.84 25.85
C LEU F 229 -6.08 3.17 26.37
N ILE F 230 -7.25 3.69 26.02
CA ILE F 230 -8.48 3.25 26.66
C ILE F 230 -8.79 1.80 26.27
N ASP F 231 -9.62 1.15 27.08
CA ASP F 231 -10.31 -0.06 26.67
C ASP F 231 -11.80 0.20 26.76
N PRO F 232 -12.55 0.12 25.64
CA PRO F 232 -13.96 0.56 25.69
C PRO F 232 -14.83 -0.29 26.58
N GLU F 233 -14.43 -1.53 26.84
CA GLU F 233 -15.26 -2.42 27.67
C GLU F 233 -15.44 -2.00 29.12
N ARG F 234 -14.37 -1.58 29.78
CA ARG F 234 -14.47 -1.18 31.18
C ARG F 234 -14.53 0.32 31.40
N GLY F 235 -14.40 1.10 30.33
CA GLY F 235 -14.40 2.54 30.45
C GLY F 235 -13.29 3.06 31.34
N SER F 236 -12.11 2.45 31.24
CA SER F 236 -10.95 2.81 32.04
C SER F 236 -9.83 3.22 31.12
N ILE F 237 -9.14 4.31 31.47
CA ILE F 237 -8.04 4.76 30.65
C ILE F 237 -6.74 4.39 31.32
N ARG F 238 -5.94 3.54 30.70
CA ARG F 238 -4.65 3.24 31.29
C ARG F 238 -3.71 4.44 31.14
N ASN F 239 -2.55 4.35 31.79
CA ASN F 239 -1.60 5.45 31.92
C ASN F 239 -1.44 6.26 30.64
N VAL F 240 -1.64 7.57 30.73
CA VAL F 240 -1.56 8.47 29.59
C VAL F 240 -0.34 9.37 29.81
N MET F 241 0.72 9.11 29.05
CA MET F 241 2.01 9.78 29.24
C MET F 241 2.50 9.55 30.66
N GLY F 242 3.32 10.46 31.17
CA GLY F 242 3.79 10.31 32.54
C GLY F 242 2.65 10.33 33.54
N PHE F 243 1.62 11.11 33.27
CA PHE F 243 0.53 11.29 34.22
C PHE F 243 -0.36 10.05 34.28
N GLU F 244 -0.66 9.62 35.50
CA GLU F 244 -1.66 8.60 35.75
C GLU F 244 -2.99 9.30 35.97
N VAL F 245 -3.95 9.06 35.08
CA VAL F 245 -5.20 9.80 35.12
C VAL F 245 -6.06 9.30 36.27
N VAL F 246 -6.48 10.22 37.13
CA VAL F 246 -7.29 9.90 38.30
C VAL F 246 -8.56 10.73 38.24
N GLU F 247 -9.71 10.07 38.37
CA GLU F 247 -11.01 10.71 38.39
C GLU F 247 -11.45 10.87 39.84
N VAL F 248 -11.83 12.07 40.22
CA VAL F 248 -12.24 12.39 41.58
C VAL F 248 -13.58 13.10 41.51
N PRO F 249 -14.64 12.57 42.13
CA PRO F 249 -15.92 13.30 42.16
C PRO F 249 -15.82 14.64 42.85
N HIS F 250 -14.86 14.80 43.77
CA HIS F 250 -14.75 16.02 44.56
C HIS F 250 -13.47 16.77 44.20
N LEU F 251 -13.53 17.56 43.15
CA LEU F 251 -12.62 18.69 42.97
C LEU F 251 -13.36 19.95 43.37
N THR F 252 -12.63 21.06 43.42
CA THR F 252 -13.21 22.37 43.72
C THR F 252 -13.95 22.36 45.05
N ALA F 253 -13.59 21.43 45.92
CA ALA F 253 -14.13 21.34 47.27
C ALA F 253 -12.97 21.23 48.24
N GLY F 254 -12.62 22.34 48.89
CA GLY F 254 -11.45 22.35 49.73
C GLY F 254 -11.68 21.75 51.09
N GLY F 255 -10.79 22.07 52.01
CA GLY F 255 -10.87 21.53 53.36
C GLY F 255 -12.05 22.08 54.13
N ALA F 256 -12.25 21.52 55.32
CA ALA F 256 -13.36 21.93 56.15
C ALA F 256 -13.07 23.28 56.80
N GLY F 257 -14.15 23.96 57.21
CA GLY F 257 -14.06 25.24 57.87
C GLY F 257 -14.86 25.31 59.16
N ASP F 258 -14.91 26.51 59.72
CA ASP F 258 -15.69 26.73 60.94
C ASP F 258 -17.18 26.69 60.62
N ASP F 259 -17.86 25.74 61.28
CA ASP F 259 -19.26 25.30 61.16
C ASP F 259 -19.37 24.23 60.09
N ARG F 260 -20.54 23.58 60.00
CA ARG F 260 -20.77 22.57 59.00
C ARG F 260 -21.78 23.08 57.98
N PRO F 261 -21.36 23.28 56.73
CA PRO F 261 -22.24 23.96 55.76
C PRO F 261 -23.44 23.10 55.39
N ASP F 262 -24.43 23.76 54.82
CA ASP F 262 -25.63 23.08 54.32
C ASP F 262 -25.32 22.48 52.96
N GLU F 263 -26.35 22.00 52.25
CA GLU F 263 -26.11 21.35 50.96
C GLU F 263 -25.67 22.36 49.90
N GLY F 264 -26.23 23.56 49.93
CA GLY F 264 -25.91 24.55 48.92
C GLY F 264 -25.16 25.76 49.45
N ALA F 265 -24.23 25.52 50.37
CA ALA F 265 -23.46 26.61 50.97
C ALA F 265 -22.04 26.11 51.24
N GLU F 266 -21.18 27.05 51.62
CA GLU F 266 -19.80 26.76 51.97
C GLU F 266 -19.57 27.10 53.44
N ALA F 267 -18.45 26.61 53.97
CA ALA F 267 -18.11 26.86 55.35
C ALA F 267 -17.86 28.36 55.57
N THR F 268 -18.08 28.80 56.81
CA THR F 268 -17.94 30.22 57.13
C THR F 268 -16.51 30.70 56.92
N ASN F 269 -15.55 30.02 57.53
CA ASN F 269 -14.13 30.31 57.36
C ASN F 269 -13.42 29.04 56.92
N GLN F 270 -13.30 28.86 55.61
CA GLN F 270 -12.73 27.65 55.03
C GLN F 270 -11.22 27.78 55.02
N LYS F 271 -10.54 26.84 55.69
CA LYS F 271 -9.09 26.91 55.80
C LYS F 271 -8.43 26.83 54.42
N HIS F 272 -8.63 25.72 53.72
CA HIS F 272 -8.11 25.56 52.37
C HIS F 272 -9.29 25.57 51.41
N ALA F 273 -9.35 26.58 50.55
CA ALA F 273 -10.50 26.76 49.68
C ALA F 273 -10.04 26.76 48.24
N PHE F 274 -10.92 26.23 47.38
CA PHE F 274 -10.72 26.31 45.94
C PHE F 274 -11.38 27.58 45.44
N PRO F 275 -10.64 28.53 44.87
CA PRO F 275 -11.23 29.84 44.56
C PRO F 275 -12.42 29.71 43.61
N ALA F 276 -13.50 30.43 43.91
CA ALA F 276 -14.67 30.39 43.05
C ALA F 276 -14.46 31.22 41.79
N ALA F 277 -13.88 32.41 41.94
CA ALA F 277 -13.65 33.32 40.82
C ALA F 277 -12.25 33.95 40.94
N GLY F 278 -11.28 33.11 41.30
CA GLY F 278 -9.92 33.61 41.46
C GLY F 278 -9.26 33.88 40.12
N GLY F 279 -8.02 34.38 40.19
CA GLY F 279 -7.31 34.73 38.97
C GLY F 279 -6.95 33.52 38.11
N LYS F 280 -6.45 32.46 38.74
CA LYS F 280 -5.99 31.27 38.04
C LYS F 280 -6.60 30.03 38.66
N VAL F 281 -6.91 29.04 37.82
CA VAL F 281 -7.38 27.71 38.21
C VAL F 281 -8.48 27.80 39.26
N ASN F 282 -9.40 28.74 39.09
CA ASN F 282 -10.51 28.88 40.00
C ASN F 282 -11.57 27.79 39.74
N LYS F 283 -12.69 27.91 40.46
CA LYS F 283 -13.73 26.89 40.36
C LYS F 283 -14.51 27.00 39.05
N GLU F 284 -14.61 28.21 38.50
CA GLU F 284 -15.47 28.43 37.34
C GLU F 284 -14.97 27.66 36.12
N ASN F 285 -13.70 27.82 35.77
CA ASN F 285 -13.11 27.14 34.62
C ASN F 285 -11.87 26.36 35.04
N VAL F 286 -12.07 25.08 35.35
CA VAL F 286 -10.97 24.18 35.68
C VAL F 286 -11.24 22.83 35.01
N VAL F 287 -10.19 22.23 34.48
CA VAL F 287 -10.28 20.94 33.80
C VAL F 287 -9.57 19.86 34.61
N GLY F 288 -8.34 20.11 35.02
CA GLY F 288 -7.58 19.10 35.74
C GLY F 288 -6.41 19.70 36.48
N LEU F 289 -5.81 18.88 37.34
CA LEU F 289 -4.65 19.25 38.12
C LEU F 289 -3.61 18.15 38.03
N PHE F 290 -2.44 18.47 37.48
CA PHE F 290 -1.34 17.52 37.34
C PHE F 290 -0.20 17.95 38.25
N GLN F 291 0.47 16.96 38.84
CA GLN F 291 1.46 17.22 39.87
C GLN F 291 2.38 16.02 40.03
N HIS F 292 3.56 16.27 40.59
CA HIS F 292 4.54 15.23 40.86
C HIS F 292 4.59 14.98 42.36
N ARG F 293 5.09 13.80 42.74
CA ARG F 293 5.09 13.32 44.12
C ARG F 293 5.41 14.39 45.16
N SER F 294 6.33 15.29 44.83
CA SER F 294 6.80 16.32 45.77
C SER F 294 6.03 17.63 45.66
N ALA F 295 4.88 17.67 44.99
CA ALA F 295 4.21 18.97 44.77
C ALA F 295 3.51 19.46 46.03
N VAL F 296 3.02 18.54 46.87
CA VAL F 296 2.29 18.89 48.08
C VAL F 296 2.75 17.97 49.20
N GLY F 297 2.61 18.44 50.44
CA GLY F 297 2.92 17.63 51.60
C GLY F 297 2.00 17.98 52.75
N THR F 298 1.89 17.03 53.68
CA THR F 298 1.07 17.20 54.87
C THR F 298 1.87 16.84 56.11
N VAL F 299 1.53 17.47 57.23
CA VAL F 299 2.18 17.24 58.52
C VAL F 299 1.12 16.85 59.53
N LYS F 300 1.37 15.78 60.28
CA LYS F 300 0.37 15.16 61.13
C LYS F 300 0.75 15.35 62.60
N LEU F 301 -0.25 15.69 63.42
CA LEU F 301 -0.10 15.83 64.86
C LEU F 301 -1.33 15.24 65.54
N LYS F 302 -1.11 14.47 66.60
CA LYS F 302 -2.11 13.77 67.43
C LYS F 302 -2.73 12.56 66.74
N ASP F 303 -2.43 12.31 65.48
CA ASP F 303 -3.01 11.18 64.72
C ASP F 303 -4.53 11.32 64.77
N LEU F 304 -5.28 10.22 64.70
CA LEU F 304 -6.74 10.25 64.73
C LEU F 304 -7.23 9.42 65.91
N ALA F 305 -8.21 9.94 66.64
CA ALA F 305 -8.73 9.29 67.83
C ALA F 305 -10.25 9.39 67.85
N LEU F 306 -10.88 8.49 68.61
CA LEU F 306 -12.33 8.44 68.75
C LEU F 306 -12.68 8.49 70.23
N GLU F 307 -13.61 9.35 70.60
CA GLU F 307 -13.96 9.57 72.00
C GLU F 307 -15.47 9.53 72.17
N ARG F 308 -15.91 8.90 73.27
CA ARG F 308 -17.32 8.79 73.62
C ARG F 308 -17.58 9.55 74.91
N ALA F 309 -18.72 10.23 74.97
CA ALA F 309 -19.10 11.00 76.15
C ALA F 309 -20.57 10.73 76.49
N ARG F 310 -20.92 10.96 77.75
CA ARG F 310 -22.28 10.78 78.25
C ARG F 310 -22.83 12.13 78.67
N ARG F 311 -23.98 12.50 78.11
CA ARG F 311 -24.64 13.77 78.40
C ARG F 311 -25.91 13.48 79.20
N THR F 312 -25.77 13.48 80.53
CA THR F 312 -26.90 13.10 81.39
C THR F 312 -28.00 14.14 81.35
N GLU F 313 -27.64 15.41 81.27
CA GLU F 313 -28.66 16.46 81.30
C GLU F 313 -29.55 16.43 80.06
N TYR F 314 -29.07 15.82 78.98
CA TYR F 314 -29.85 15.63 77.78
C TYR F 314 -30.27 14.18 77.57
N GLN F 315 -29.79 13.26 78.40
CA GLN F 315 -30.05 11.83 78.24
C GLN F 315 -29.64 11.35 76.85
N ALA F 316 -28.38 11.62 76.48
CA ALA F 316 -27.89 11.30 75.16
C ALA F 316 -26.43 10.86 75.23
N ASP F 317 -26.01 10.12 74.22
CA ASP F 317 -24.62 9.70 74.04
C ASP F 317 -24.07 10.35 72.78
N GLN F 318 -22.86 10.89 72.86
CA GLN F 318 -22.20 11.50 71.71
C GLN F 318 -20.89 10.78 71.43
N ILE F 319 -20.56 10.65 70.15
CA ILE F 319 -19.31 10.04 69.69
C ILE F 319 -18.60 11.07 68.82
N VAL F 320 -17.32 11.32 69.10
CA VAL F 320 -16.56 12.35 68.41
C VAL F 320 -15.24 11.75 67.93
N ALA F 321 -14.83 12.11 66.72
CA ALA F 321 -13.54 11.74 66.16
C ALA F 321 -12.82 13.01 65.71
N LYS F 322 -11.49 13.00 65.77
CA LYS F 322 -10.74 14.23 65.57
C LYS F 322 -9.30 13.91 65.17
N TYR F 323 -8.70 14.86 64.46
CA TYR F 323 -7.26 14.86 64.21
C TYR F 323 -6.81 16.30 64.02
N ALA F 324 -5.50 16.48 63.93
CA ALA F 324 -4.88 17.77 63.62
C ALA F 324 -3.81 17.55 62.55
N MET F 325 -4.00 18.18 61.39
CA MET F 325 -3.03 18.08 60.31
C MET F 325 -2.82 19.45 59.69
N GLY F 326 -1.67 19.62 59.05
CA GLY F 326 -1.37 20.84 58.32
C GLY F 326 -0.98 20.54 56.89
N HIS F 327 -1.63 21.22 55.94
CA HIS F 327 -1.41 21.00 54.53
C HIS F 327 -0.76 22.24 53.92
N GLY F 328 0.28 22.04 53.12
CA GLY F 328 1.00 23.15 52.54
C GLY F 328 1.61 22.76 51.21
N GLY F 329 1.94 23.79 50.42
CA GLY F 329 2.51 23.62 49.11
C GLY F 329 4.02 23.82 49.14
N LEU F 330 4.74 22.82 48.65
CA LEU F 330 6.19 22.85 48.53
C LEU F 330 6.58 22.28 47.17
N ARG F 331 7.72 22.75 46.64
CA ARG F 331 8.12 22.47 45.26
C ARG F 331 7.04 22.94 44.29
N PRO F 332 6.85 24.26 44.13
CA PRO F 332 5.82 24.74 43.20
C PRO F 332 6.07 24.35 41.75
N GLU F 333 7.32 24.00 41.41
CA GLU F 333 7.62 23.62 40.03
C GLU F 333 6.92 22.33 39.64
N SER F 334 6.63 21.46 40.61
CA SER F 334 5.96 20.20 40.30
C SER F 334 4.48 20.41 40.05
N ALA F 335 3.92 21.52 40.54
CA ALA F 335 2.49 21.75 40.42
C ALA F 335 2.12 22.16 39.00
N GLY F 336 0.84 22.04 38.67
CA GLY F 336 0.33 22.45 37.38
C GLY F 336 -1.18 22.41 37.37
N ALA F 337 -1.75 22.81 36.23
CA ALA F 337 -3.19 22.85 36.09
C ALA F 337 -3.57 22.79 34.62
N LEU F 338 -4.83 22.43 34.37
CA LEU F 338 -5.47 22.58 33.06
C LEU F 338 -6.78 23.32 33.26
N VAL F 339 -6.95 24.43 32.56
CA VAL F 339 -8.13 25.28 32.72
C VAL F 339 -8.65 25.69 31.35
N PHE F 340 -9.93 26.08 31.33
CA PHE F 340 -10.53 26.63 30.13
C PHE F 340 -10.03 28.05 29.89
N THR F 341 -9.99 28.44 28.62
CA THR F 341 -9.58 29.79 28.28
C THR F 341 -10.63 30.79 28.74
N ALA F 342 -10.17 31.89 29.34
CA ALA F 342 -11.07 32.91 29.84
C ALA F 342 -11.79 33.60 28.69
N ALA F 343 -13.11 33.71 28.81
CA ALA F 343 -13.94 34.35 27.80
C ALA F 343 -13.93 35.85 28.01
N SER F 344 -12.77 36.45 27.72
CA SER F 344 -12.52 37.87 27.94
C SER F 344 -12.93 38.29 29.34
N ALA F 345 -13.60 39.44 29.46
CA ALA F 345 -14.04 39.94 30.76
C ALA F 345 -15.42 39.40 31.10
N ALA G 2 -22.09 28.55 74.83
CA ALA G 2 -21.37 29.32 73.82
C ALA G 2 -19.87 29.17 74.00
N ASN G 3 -19.12 30.18 73.53
CA ASN G 3 -17.67 30.14 73.63
C ASN G 3 -17.24 30.22 75.10
N MET G 4 -16.28 29.37 75.46
CA MET G 4 -15.77 29.36 76.82
C MET G 4 -14.83 30.55 77.03
N GLN G 5 -14.88 31.09 78.24
CA GLN G 5 -14.06 32.24 78.62
C GLN G 5 -13.06 31.83 79.68
N GLY G 6 -11.87 32.42 79.64
CA GLY G 6 -10.85 32.14 80.63
C GLY G 6 -10.07 30.87 80.42
N GLY G 7 -10.14 30.27 79.24
CA GLY G 7 -9.33 29.09 78.98
C GLY G 7 -7.87 29.44 78.90
N GLN G 8 -7.01 28.44 79.13
CA GLN G 8 -5.58 28.67 79.11
C GLN G 8 -5.10 28.92 77.68
N ARG G 9 -4.33 29.99 77.51
CA ARG G 9 -3.76 30.35 76.21
C ARG G 9 -2.26 30.13 76.29
N LEU G 10 -1.81 28.91 75.97
CA LEU G 10 -0.40 28.59 76.06
C LEU G 10 0.41 29.30 74.98
N GLY G 11 -0.22 29.56 73.83
CA GLY G 11 0.51 30.16 72.73
C GLY G 11 0.67 31.66 72.86
N THR G 12 -0.32 32.33 73.45
CA THR G 12 -0.28 33.78 73.57
C THR G 12 0.89 34.19 74.47
N ASN G 13 1.62 35.21 74.02
CA ASN G 13 2.82 35.63 74.75
C ASN G 13 2.48 36.17 76.12
N GLN G 14 1.42 36.96 76.23
CA GLN G 14 1.03 37.65 77.47
C GLN G 14 2.19 38.57 77.82
N GLY G 15 2.79 38.46 79.01
CA GLY G 15 3.91 39.30 79.36
C GLY G 15 3.50 40.71 79.74
N LYS G 16 4.47 41.48 80.21
CA LYS G 16 4.18 42.83 80.68
C LYS G 16 4.10 43.80 79.50
N GLY G 17 5.08 43.77 78.61
CA GLY G 17 5.12 44.69 77.50
C GLY G 17 4.99 44.05 76.14
N GLN G 18 4.82 42.73 76.10
CA GLN G 18 4.74 42.02 74.83
C GLN G 18 3.42 42.31 74.12
N SER G 19 3.44 42.21 72.79
CA SER G 19 2.24 42.52 72.02
C SER G 19 1.13 41.52 72.29
N ALA G 20 1.46 40.22 72.31
CA ALA G 20 0.49 39.15 72.57
C ALA G 20 -0.68 39.19 71.59
N ALA G 21 -0.42 39.61 70.35
CA ALA G 21 -1.45 39.62 69.32
C ALA G 21 -1.44 38.36 68.46
N ASP G 22 -0.50 37.46 68.68
CA ASP G 22 -0.43 36.19 67.98
C ASP G 22 -0.94 35.09 68.89
N LYS G 23 -1.98 34.38 68.44
CA LYS G 23 -2.67 33.44 69.31
C LYS G 23 -1.79 32.24 69.65
N LEU G 24 -0.76 31.97 68.83
CA LEU G 24 0.06 30.77 68.97
C LEU G 24 1.54 31.16 68.80
N ALA G 25 1.92 32.26 69.43
CA ALA G 25 3.28 32.79 69.31
C ALA G 25 4.31 32.04 70.14
N LEU G 26 3.93 31.48 71.30
CA LEU G 26 4.94 30.87 72.16
C LEU G 26 5.32 29.48 71.69
N PHE G 27 4.46 28.82 70.91
CA PHE G 27 4.86 27.56 70.30
C PHE G 27 5.96 27.81 69.28
N LEU G 28 6.95 26.94 69.27
CA LEU G 28 8.16 27.11 68.47
C LEU G 28 8.10 26.22 67.23
N LYS G 29 8.48 26.81 66.10
CA LYS G 29 8.54 26.07 64.84
C LYS G 29 9.65 25.03 64.89
N VAL G 30 9.35 23.83 64.39
CA VAL G 30 10.28 22.72 64.45
C VAL G 30 10.80 22.42 63.04
N PHE G 31 11.88 21.66 62.98
CA PHE G 31 12.49 21.31 61.70
C PHE G 31 11.78 20.13 61.07
N GLY G 32 11.47 20.26 59.78
CA GLY G 32 10.87 19.16 59.05
C GLY G 32 11.83 18.00 58.87
N GLY G 33 11.25 16.87 58.44
CA GLY G 33 12.05 15.65 58.32
C GLY G 33 13.15 15.74 57.29
N GLU G 34 12.86 16.34 56.14
CA GLU G 34 13.77 16.32 55.00
C GLU G 34 14.06 17.73 54.51
N VAL G 35 15.17 17.85 53.80
CA VAL G 35 15.59 19.11 53.18
C VAL G 35 15.37 19.01 51.68
N LEU G 36 14.72 20.03 51.11
CA LEU G 36 14.46 20.04 49.68
C LEU G 36 15.68 20.55 48.92
N THR G 37 16.07 19.79 47.89
CA THR G 37 17.19 20.17 47.05
C THR G 37 16.73 20.28 45.61
N ALA G 38 17.44 21.12 44.83
CA ALA G 38 17.09 21.32 43.44
C ALA G 38 17.23 20.04 42.65
N PHE G 39 16.38 19.88 41.65
CA PHE G 39 16.38 18.65 40.86
C PHE G 39 17.66 18.54 40.05
N ALA G 40 18.18 17.32 39.96
CA ALA G 40 19.44 17.09 39.26
C ALA G 40 19.29 17.34 37.77
N ARG G 41 20.39 17.79 37.16
CA ARG G 41 20.44 18.09 35.74
C ARG G 41 21.39 17.12 35.04
N THR G 42 20.98 16.63 33.88
CA THR G 42 21.68 15.56 33.18
C THR G 42 22.28 16.09 31.88
N SER G 43 23.52 15.65 31.60
CA SER G 43 24.23 16.07 30.39
C SER G 43 23.79 15.21 29.22
N VAL G 44 23.57 15.85 28.07
CA VAL G 44 23.02 15.13 26.91
C VAL G 44 24.08 14.91 25.85
N THR G 45 24.87 15.95 25.54
CA THR G 45 25.80 15.91 24.42
C THR G 45 27.07 15.14 24.71
N THR G 46 27.15 14.45 25.85
CA THR G 46 28.41 13.85 26.28
C THR G 46 28.93 12.84 25.26
N ASN G 47 28.06 11.99 24.73
CA ASN G 47 28.46 10.95 23.80
C ASN G 47 28.03 11.21 22.37
N ARG G 48 27.75 12.46 22.00
CA ARG G 48 27.29 12.78 20.67
C ARG G 48 28.21 13.74 19.91
N HIS G 49 29.46 13.90 20.34
CA HIS G 49 30.43 14.64 19.55
C HIS G 49 31.84 14.12 19.85
N MET G 50 32.82 14.94 19.49
CA MET G 50 34.17 14.45 19.24
C MET G 50 34.90 14.03 20.51
N GLN G 51 35.08 14.94 21.47
CA GLN G 51 35.76 14.64 22.74
C GLN G 51 37.21 14.19 22.53
N ARG G 52 38.06 15.09 22.03
CA ARG G 52 39.49 14.80 21.97
C ARG G 52 40.20 15.22 23.26
N GLN G 53 41.42 14.74 23.42
CA GLN G 53 42.26 15.00 24.58
C GLN G 53 43.63 15.47 24.12
N ILE G 54 44.12 16.57 24.71
CA ILE G 54 45.45 17.09 24.42
C ILE G 54 46.20 17.28 25.73
N SER G 55 47.52 17.40 25.61
CA SER G 55 48.39 17.70 26.74
C SER G 55 49.36 18.80 26.32
N SER G 56 49.56 19.78 27.21
CA SER G 56 50.53 20.86 27.00
C SER G 56 50.31 21.58 25.69
N GLY G 57 49.10 22.10 25.47
CA GLY G 57 48.82 22.89 24.29
C GLY G 57 47.79 23.98 24.55
N LYS G 58 48.02 25.17 24.00
CA LYS G 58 47.05 26.25 24.17
C LYS G 58 45.85 26.06 23.25
N SER G 59 46.03 25.32 22.16
CA SER G 59 44.96 25.08 21.20
C SER G 59 45.28 23.83 20.39
N ALA G 60 44.26 23.30 19.73
CA ALA G 60 44.40 22.19 18.80
C ALA G 60 43.77 22.56 17.47
N GLN G 61 44.45 22.22 16.38
CA GLN G 61 44.00 22.58 15.04
C GLN G 61 43.70 21.31 14.27
N PHE G 62 42.61 21.33 13.50
CA PHE G 62 42.17 20.21 12.71
C PHE G 62 42.13 20.60 11.24
N PRO G 63 43.03 20.08 10.41
CA PRO G 63 43.03 20.45 8.99
C PRO G 63 41.92 19.76 8.24
N VAL G 64 41.47 20.40 7.15
CA VAL G 64 40.43 19.84 6.30
C VAL G 64 40.95 19.77 4.87
N ILE G 65 40.38 18.88 4.08
CA ILE G 65 40.76 18.69 2.68
C ILE G 65 39.51 18.77 1.83
N GLY G 66 39.57 19.53 0.74
CA GLY G 66 38.44 19.66 -0.15
C GLY G 66 38.39 18.57 -1.19
N ARG G 67 37.48 18.75 -2.15
CA ARG G 67 37.32 17.80 -3.24
C ARG G 67 38.02 18.30 -4.50
N THR G 68 37.93 17.51 -5.56
CA THR G 68 38.53 17.82 -6.84
C THR G 68 37.53 17.59 -7.95
N LYS G 69 37.85 18.11 -9.14
CA LYS G 69 36.98 18.00 -10.30
C LYS G 69 37.76 17.35 -11.44
N ALA G 70 37.00 16.81 -12.41
CA ALA G 70 37.55 16.12 -13.56
C ALA G 70 37.27 16.91 -14.82
N ALA G 71 38.21 16.87 -15.76
CA ALA G 71 38.10 17.59 -17.02
C ALA G 71 38.60 16.72 -18.16
N TYR G 72 38.14 17.02 -19.38
CA TYR G 72 38.58 16.29 -20.54
C TYR G 72 39.86 16.89 -21.11
N LEU G 73 40.86 16.05 -21.33
CA LEU G 73 42.15 16.47 -21.84
C LEU G 73 42.21 16.21 -23.33
N GLN G 74 42.05 17.26 -24.12
CA GLN G 74 42.17 17.14 -25.57
C GLN G 74 43.60 16.79 -25.95
N PRO G 75 43.81 16.10 -27.07
CA PRO G 75 45.17 15.81 -27.52
C PRO G 75 45.94 17.09 -27.79
N GLY G 76 47.18 17.13 -27.30
CA GLY G 76 48.00 18.32 -27.42
C GLY G 76 47.83 19.32 -26.32
N GLU G 77 47.15 18.98 -25.23
CA GLU G 77 46.95 19.88 -24.10
C GLU G 77 47.67 19.32 -22.88
N SER G 78 48.37 20.19 -22.17
CA SER G 78 49.11 19.77 -20.98
C SER G 78 48.21 19.79 -19.75
N LEU G 79 48.44 18.85 -18.85
CA LEU G 79 47.66 18.80 -17.61
C LEU G 79 47.93 20.01 -16.73
N ASP G 80 49.12 20.62 -16.88
CA ASP G 80 49.50 21.72 -16.00
C ASP G 80 48.63 22.96 -16.23
N ASP G 81 48.23 23.21 -17.48
CA ASP G 81 47.49 24.42 -17.79
C ASP G 81 46.12 24.44 -17.11
N LYS G 82 45.43 23.30 -17.10
CA LYS G 82 44.08 23.23 -16.56
C LYS G 82 44.02 22.60 -15.17
N ARG G 83 45.17 22.39 -14.52
CA ARG G 83 45.16 21.76 -13.20
C ARG G 83 44.72 22.75 -12.14
N LYS G 84 43.82 22.31 -11.26
CA LYS G 84 43.37 23.08 -10.11
C LYS G 84 43.68 22.29 -8.86
N ASP G 85 44.36 22.93 -7.90
CA ASP G 85 44.80 22.23 -6.70
C ASP G 85 43.65 21.99 -5.75
N ILE G 86 43.75 20.91 -4.97
CA ILE G 86 42.77 20.64 -3.92
C ILE G 86 43.00 21.61 -2.77
N LYS G 87 41.93 22.28 -2.35
CA LYS G 87 42.07 23.35 -1.37
C LYS G 87 42.33 22.79 0.02
N HIS G 88 42.89 23.64 0.89
CA HIS G 88 43.24 23.27 2.24
C HIS G 88 42.92 24.42 3.19
N THR G 89 42.43 24.09 4.38
CA THR G 89 42.35 25.03 5.49
C THR G 89 42.21 24.23 6.78
N GLU G 90 42.15 24.94 7.90
CA GLU G 90 42.17 24.31 9.21
C GLU G 90 41.03 24.81 10.06
N LYS G 91 40.59 23.97 11.00
CA LYS G 91 39.64 24.34 12.03
C LYS G 91 40.33 24.22 13.38
N THR G 92 40.32 25.30 14.15
CA THR G 92 41.05 25.37 15.41
C THR G 92 40.08 25.44 16.58
N ILE G 93 40.41 24.71 17.64
CA ILE G 93 39.60 24.72 18.87
C ILE G 93 40.52 25.09 20.02
N ASN G 94 40.56 26.37 20.36
CA ASN G 94 41.44 26.84 21.43
C ASN G 94 40.74 26.72 22.78
N ILE G 95 41.46 26.21 23.77
CA ILE G 95 40.88 26.02 25.09
C ILE G 95 40.76 27.35 25.79
N ASP G 96 39.79 27.46 26.68
CA ASP G 96 39.65 28.64 27.51
C ASP G 96 40.40 28.44 28.83
N GLY G 97 40.31 29.44 29.70
CA GLY G 97 40.94 29.33 31.00
C GLY G 97 40.23 28.32 31.89
N LEU G 98 40.64 28.32 33.16
CA LEU G 98 39.98 27.45 34.13
C LEU G 98 38.52 27.87 34.30
N LEU G 99 37.64 26.88 34.32
CA LEU G 99 36.24 27.08 34.68
C LEU G 99 36.05 26.61 36.11
N THR G 100 35.74 27.55 37.00
CA THR G 100 35.74 27.28 38.44
C THR G 100 34.39 27.59 39.04
N ALA G 101 33.98 26.76 39.99
CA ALA G 101 32.82 27.00 40.83
C ALA G 101 33.20 26.69 42.27
N ASP G 102 32.84 27.57 43.19
CA ASP G 102 33.28 27.43 44.57
C ASP G 102 32.23 27.97 45.53
N VAL G 103 32.29 27.50 46.77
CA VAL G 103 31.44 27.96 47.86
C VAL G 103 32.31 28.16 49.09
N LEU G 104 31.92 29.14 49.91
CA LEU G 104 32.60 29.44 51.16
C LEU G 104 31.62 29.30 52.32
N ILE G 105 31.96 28.45 53.28
CA ILE G 105 31.09 28.15 54.41
C ILE G 105 31.76 28.63 55.68
N TYR G 106 31.08 29.53 56.39
CA TYR G 106 31.62 30.11 57.62
C TYR G 106 31.34 29.18 58.79
N ASP G 107 32.32 29.10 59.71
CA ASP G 107 32.21 28.15 60.81
C ASP G 107 31.07 28.49 61.76
N ILE G 108 30.86 29.79 62.02
CA ILE G 108 29.82 30.19 62.97
C ILE G 108 28.44 29.90 62.39
N GLU G 109 28.25 30.16 61.10
CA GLU G 109 26.96 29.88 60.47
C GLU G 109 26.73 28.38 60.33
N ASP G 110 27.79 27.62 60.10
CA ASP G 110 27.67 26.17 60.04
C ASP G 110 27.34 25.60 61.41
N ALA G 111 27.89 26.18 62.47
CA ALA G 111 27.68 25.65 63.82
C ALA G 111 26.21 25.73 64.22
N MET G 112 25.58 26.89 64.00
CA MET G 112 24.17 27.06 64.36
C MET G 112 23.24 26.77 63.18
N ASN G 113 23.45 25.60 62.58
CA ASN G 113 22.61 25.12 61.48
C ASN G 113 22.12 23.72 61.83
N HIS G 114 20.84 23.47 61.54
CA HIS G 114 20.22 22.22 61.97
C HIS G 114 20.32 21.13 60.91
N TYR G 115 20.79 21.46 59.71
CA TYR G 115 20.98 20.47 58.65
C TYR G 115 22.33 20.70 58.00
N ASP G 116 22.82 19.66 57.32
CA ASP G 116 24.11 19.68 56.66
C ASP G 116 23.95 20.01 55.19
N VAL G 117 24.91 20.77 54.65
CA VAL G 117 24.84 21.25 53.27
C VAL G 117 26.09 20.94 52.47
N ARG G 118 27.12 20.38 53.10
CA ARG G 118 28.40 20.20 52.42
C ARG G 118 28.28 19.20 51.28
N SER G 119 27.54 18.11 51.49
CA SER G 119 27.42 17.09 50.46
C SER G 119 26.64 17.61 49.26
N GLU G 120 25.64 18.46 49.50
CA GLU G 120 24.84 19.00 48.39
C GLU G 120 25.64 20.01 47.59
N TYR G 121 26.49 20.80 48.26
CA TYR G 121 27.26 21.81 47.55
C TYR G 121 28.20 21.20 46.52
N THR G 122 28.93 20.15 46.90
CA THR G 122 29.84 19.52 45.95
C THR G 122 29.08 18.94 44.76
N SER G 123 27.87 18.43 45.01
CA SER G 123 27.02 17.98 43.91
C SER G 123 26.63 19.14 43.00
N GLN G 124 26.29 20.29 43.60
CA GLN G 124 25.87 21.43 42.80
C GLN G 124 27.06 22.11 42.13
N ILE G 125 28.21 22.11 42.80
CA ILE G 125 29.40 22.74 42.23
C ILE G 125 29.87 21.97 41.01
N GLY G 126 29.93 20.65 41.10
CA GLY G 126 30.31 19.84 39.96
C GLY G 126 29.30 19.88 38.84
N GLU G 127 28.01 19.85 39.20
CA GLU G 127 26.95 19.87 38.19
C GLU G 127 26.93 21.18 37.44
N SER G 128 27.26 22.28 38.11
CA SER G 128 27.32 23.58 37.44
C SER G 128 28.36 23.58 36.34
N LEU G 129 29.48 22.90 36.57
CA LEU G 129 30.51 22.80 35.54
C LEU G 129 30.02 22.02 34.33
N ALA G 130 29.27 20.94 34.57
CA ALA G 130 28.80 20.11 33.46
C ALA G 130 27.82 20.86 32.57
N MET G 131 26.93 21.65 33.17
CA MET G 131 25.92 22.34 32.38
C MET G 131 26.54 23.43 31.51
N ALA G 132 27.72 23.92 31.89
CA ALA G 132 28.41 24.88 31.03
C ALA G 132 28.93 24.23 29.77
N ALA G 133 29.37 22.97 29.87
CA ALA G 133 29.80 22.23 28.69
C ALA G 133 28.62 21.97 27.75
N ASP G 134 27.47 21.59 28.30
CA ASP G 134 26.30 21.36 27.46
C ASP G 134 25.87 22.64 26.76
N GLY G 135 25.85 23.76 27.48
CA GLY G 135 25.46 25.02 26.86
C GLY G 135 26.44 25.47 25.79
N ALA G 136 27.73 25.26 26.03
CA ALA G 136 28.74 25.69 25.07
C ALA G 136 28.70 24.86 23.80
N VAL G 137 28.48 23.56 23.94
CA VAL G 137 28.45 22.67 22.78
C VAL G 137 27.27 23.02 21.88
N LEU G 138 26.09 23.22 22.47
CA LEU G 138 24.91 23.55 21.68
C LEU G 138 25.01 24.94 21.09
N ALA G 139 25.63 25.88 21.82
CA ALA G 139 25.77 27.24 21.30
C ALA G 139 26.76 27.29 20.14
N GLU G 140 27.78 26.43 20.17
CA GLU G 140 28.70 26.35 19.04
C GLU G 140 28.03 25.74 17.83
N LEU G 141 27.13 24.77 18.05
CA LEU G 141 26.36 24.21 16.94
C LEU G 141 25.46 25.26 16.31
N ALA G 142 24.83 26.10 17.13
CA ALA G 142 24.04 27.20 16.59
C ALA G 142 24.92 28.24 15.94
N GLY G 143 26.18 28.35 16.37
CA GLY G 143 27.10 29.27 15.71
C GLY G 143 27.42 28.85 14.30
N LEU G 144 27.43 27.54 14.03
CA LEU G 144 27.67 27.06 12.68
C LEU G 144 26.56 27.51 11.74
N VAL G 145 25.31 27.46 12.20
CA VAL G 145 24.20 27.95 11.39
C VAL G 145 24.28 29.47 11.22
N ASN G 146 24.88 30.15 12.20
CA ASN G 146 24.91 31.61 12.21
C ASN G 146 26.07 32.18 11.41
N LEU G 147 26.89 31.35 10.77
CA LEU G 147 28.01 31.85 10.00
C LEU G 147 27.54 32.78 8.89
N ALA G 148 28.31 33.85 8.66
CA ALA G 148 27.95 34.85 7.67
C ALA G 148 27.96 34.26 6.27
N ASP G 149 27.39 35.03 5.33
CA ASP G 149 27.26 34.55 3.95
C ASP G 149 28.63 34.31 3.33
N SER G 150 29.66 34.98 3.84
CA SER G 150 31.01 34.81 3.28
C SER G 150 31.65 33.50 3.76
N VAL G 151 31.37 33.09 4.99
CA VAL G 151 32.11 32.03 5.65
C VAL G 151 31.22 30.87 6.10
N ASN G 152 30.17 30.53 5.33
CA ASN G 152 29.31 29.43 5.72
C ASN G 152 30.07 28.11 5.82
N GLU G 153 30.99 27.90 4.88
CA GLU G 153 31.59 26.58 4.65
C GLU G 153 33.10 26.68 4.61
N ASN G 154 33.77 25.59 5.00
CA ASN G 154 35.22 25.59 5.07
C ASN G 154 35.84 25.76 3.70
N ILE G 155 35.44 24.93 2.74
CA ILE G 155 35.91 24.98 1.36
C ILE G 155 34.70 25.24 0.47
N ALA G 156 34.86 26.12 -0.51
CA ALA G 156 33.75 26.45 -1.41
C ALA G 156 33.26 25.20 -2.11
N GLY G 157 32.02 24.80 -1.83
CA GLY G 157 31.41 23.66 -2.47
C GLY G 157 31.24 22.43 -1.60
N LEU G 158 31.58 22.50 -0.30
CA LEU G 158 31.45 21.32 0.55
C LEU G 158 30.03 21.14 1.05
N GLY G 159 29.45 22.19 1.63
CA GLY G 159 28.11 22.11 2.15
C GLY G 159 27.70 23.37 2.87
N LYS G 160 26.42 23.47 3.19
CA LYS G 160 25.85 24.66 3.79
C LYS G 160 25.14 24.30 5.09
N PRO G 161 25.12 25.21 6.08
CA PRO G 161 24.53 24.85 7.39
C PRO G 161 23.03 24.57 7.33
N SER G 162 22.30 25.16 6.37
CA SER G 162 20.86 25.00 6.20
C SER G 162 20.10 25.70 7.32
N LEU G 163 18.93 26.27 6.99
CA LEU G 163 18.21 27.09 7.96
C LEU G 163 16.84 26.52 8.32
N LEU G 164 16.03 26.23 7.29
CA LEU G 164 14.70 25.62 7.44
C LEU G 164 13.70 26.52 8.15
N GLU G 165 12.41 26.26 7.96
CA GLU G 165 11.33 27.05 8.55
C GLU G 165 10.21 26.12 8.96
N VAL G 166 9.42 26.53 9.95
CA VAL G 166 8.25 25.77 10.39
C VAL G 166 6.95 26.55 10.24
N GLY G 167 6.92 27.80 10.72
CA GLY G 167 5.69 28.56 10.67
C GLY G 167 5.85 29.93 11.29
N LEU G 168 4.76 30.68 11.26
CA LEU G 168 4.77 32.10 11.64
C LEU G 168 4.72 32.31 13.15
N LYS G 169 4.50 31.25 13.93
CA LYS G 169 4.53 31.27 15.40
C LYS G 169 3.29 31.97 15.94
N ALA G 170 2.49 32.56 15.05
CA ALA G 170 1.23 33.16 15.49
C ALA G 170 0.07 32.22 15.24
N ASP G 171 0.02 31.60 14.06
CA ASP G 171 -0.99 30.62 13.72
C ASP G 171 -0.56 29.18 14.02
N LEU G 172 0.62 29.00 14.63
CA LEU G 172 1.14 27.65 14.84
C LEU G 172 1.10 27.29 16.32
N THR G 173 0.26 27.97 17.09
CA THR G 173 0.18 27.82 18.54
C THR G 173 -0.27 26.42 18.96
N ASP G 174 -1.24 25.85 18.25
CA ASP G 174 -1.80 24.58 18.64
C ASP G 174 -0.72 23.49 18.67
N PRO G 175 -0.66 22.70 19.75
CA PRO G 175 0.38 21.64 19.79
C PRO G 175 0.28 20.64 18.66
N VAL G 176 -0.93 20.31 18.22
CA VAL G 176 -1.08 19.39 17.09
C VAL G 176 -0.62 20.05 15.80
N LYS G 177 -0.99 21.31 15.60
CA LYS G 177 -0.54 22.04 14.42
C LYS G 177 0.97 22.26 14.44
N LEU G 178 1.51 22.60 15.61
CA LEU G 178 2.96 22.78 15.72
C LEU G 178 3.70 21.47 15.52
N GLY G 179 3.16 20.38 16.07
CA GLY G 179 3.81 19.08 15.90
C GLY G 179 3.85 18.64 14.45
N GLN G 180 2.78 18.89 13.71
CA GLN G 180 2.75 18.52 12.29
C GLN G 180 3.79 19.28 11.49
N ALA G 181 3.99 20.56 11.82
CA ALA G 181 5.00 21.36 11.12
C ALA G 181 6.41 20.82 11.39
N VAL G 182 6.68 20.44 12.63
CA VAL G 182 8.02 19.94 12.97
C VAL G 182 8.29 18.62 12.28
N ILE G 183 7.30 17.72 12.28
CA ILE G 183 7.48 16.42 11.61
C ILE G 183 7.62 16.61 10.11
N ALA G 184 6.88 17.56 9.54
CA ALA G 184 6.97 17.81 8.11
C ALA G 184 8.36 18.30 7.72
N GLN G 185 9.00 19.09 8.58
CA GLN G 185 10.31 19.64 8.26
C GLN G 185 11.43 18.66 8.64
N LEU G 186 11.15 17.72 9.53
CA LEU G 186 12.14 16.71 9.85
C LEU G 186 12.37 15.78 8.67
N THR G 187 11.34 15.58 7.84
CA THR G 187 11.54 14.88 6.58
C THR G 187 12.43 15.68 5.64
N ILE G 188 12.23 17.00 5.60
CA ILE G 188 13.06 17.86 4.76
C ILE G 188 14.48 17.92 5.31
N ALA G 189 14.61 18.02 6.63
CA ALA G 189 15.94 18.06 7.24
C ALA G 189 16.72 16.78 6.97
N ARG G 190 16.02 15.65 6.82
CA ARG G 190 16.67 14.43 6.40
C ARG G 190 17.26 14.56 5.00
N ALA G 191 16.53 15.21 4.10
CA ALA G 191 17.04 15.41 2.75
C ALA G 191 18.13 16.47 2.72
N ALA G 192 18.06 17.44 3.64
CA ALA G 192 19.04 18.53 3.64
C ALA G 192 20.44 18.01 3.94
N LEU G 193 20.57 17.11 4.91
CA LEU G 193 21.89 16.55 5.23
C LEU G 193 22.33 15.56 4.17
N THR G 194 21.41 14.74 3.67
CA THR G 194 21.75 13.79 2.60
C THR G 194 22.21 14.53 1.35
N LYS G 195 21.62 15.69 1.07
CA LYS G 195 22.01 16.49 -0.08
C LYS G 195 23.47 16.92 -0.01
N ASN G 196 24.06 16.98 1.19
CA ASN G 196 25.45 17.35 1.38
C ASN G 196 26.34 16.13 1.61
N TYR G 197 25.84 14.94 1.30
CA TYR G 197 26.58 13.67 1.45
C TYR G 197 26.92 13.36 2.90
N VAL G 198 26.21 13.96 3.85
CA VAL G 198 26.38 13.59 5.26
C VAL G 198 25.89 12.17 5.47
N PRO G 199 26.65 11.30 6.12
CA PRO G 199 26.24 9.90 6.24
C PRO G 199 24.93 9.74 6.99
N ALA G 200 24.18 8.71 6.61
CA ALA G 200 22.99 8.34 7.36
C ALA G 200 23.39 7.80 8.74
N ASN G 201 22.43 7.81 9.66
CA ASN G 201 22.58 7.40 11.06
C ASN G 201 23.59 8.29 11.79
N ASP G 202 23.66 8.14 13.11
CA ASP G 202 24.45 9.04 13.96
C ASP G 202 23.97 10.49 13.81
N ARG G 203 22.67 10.65 13.57
CA ARG G 203 22.04 11.96 13.47
C ARG G 203 21.14 12.15 14.68
N THR G 204 21.12 13.37 15.22
CA THR G 204 20.31 13.66 16.38
C THR G 204 19.68 15.04 16.23
N PHE G 205 18.53 15.22 16.90
CA PHE G 205 17.78 16.47 16.86
C PHE G 205 17.62 16.98 18.27
N TYR G 206 18.17 18.16 18.54
CA TYR G 206 18.10 18.79 19.86
C TYR G 206 16.95 19.77 19.85
N THR G 207 16.05 19.66 20.82
CA THR G 207 14.88 20.51 20.88
C THR G 207 14.44 20.71 22.32
N THR G 208 13.69 21.80 22.53
CA THR G 208 13.14 22.09 23.85
C THR G 208 12.01 21.12 24.18
N PRO G 209 11.75 20.88 25.47
CA PRO G 209 10.71 19.89 25.83
C PRO G 209 9.33 20.22 25.30
N ASP G 210 8.96 21.50 25.19
CA ASP G 210 7.62 21.85 24.73
C ASP G 210 7.42 21.46 23.26
N VAL G 211 8.45 21.67 22.43
CA VAL G 211 8.38 21.24 21.04
C VAL G 211 8.41 19.72 20.96
N TYR G 212 9.14 19.08 21.88
CA TYR G 212 9.20 17.63 21.92
C TYR G 212 7.82 17.02 22.13
N SER G 213 7.02 17.61 23.02
CA SER G 213 5.68 17.09 23.27
C SER G 213 4.73 17.40 22.11
N ALA G 214 5.06 18.38 21.28
CA ALA G 214 4.22 18.68 20.12
C ALA G 214 4.26 17.53 19.12
N ILE G 215 5.43 16.90 18.97
CA ILE G 215 5.53 15.73 18.10
C ILE G 215 4.65 14.60 18.61
N LEU G 216 4.55 14.47 19.94
CA LEU G 216 3.68 13.46 20.52
C LEU G 216 2.22 13.71 20.16
N ALA G 217 1.79 14.97 20.20
CA ALA G 217 0.40 15.29 19.93
C ALA G 217 0.07 15.13 18.44
N ALA G 218 1.06 15.33 17.58
CA ALA G 218 0.81 15.25 16.14
C ALA G 218 0.62 13.81 15.69
N LEU G 219 1.01 12.84 16.53
CA LEU G 219 0.84 11.43 16.21
C LEU G 219 -0.20 10.76 17.09
N MET G 220 -1.14 11.52 17.64
CA MET G 220 -2.18 10.98 18.49
C MET G 220 -3.28 10.36 17.63
N PRO G 221 -4.12 9.50 18.22
CA PRO G 221 -5.18 8.85 17.43
C PRO G 221 -6.09 9.83 16.71
N ASN G 222 -6.35 11.00 17.28
CA ASN G 222 -7.18 11.98 16.60
C ASN G 222 -6.45 12.63 15.44
N ALA G 223 -5.12 12.57 15.45
CA ALA G 223 -4.34 13.23 14.41
C ALA G 223 -3.82 12.25 13.37
N ALA G 224 -3.34 11.09 13.82
CA ALA G 224 -2.66 10.13 12.95
C ALA G 224 -3.60 9.01 12.55
N ASN G 225 -3.48 8.55 11.29
CA ASN G 225 -4.34 7.49 10.80
C ASN G 225 -3.92 6.13 11.33
N TYR G 226 -2.63 5.96 11.63
CA TYR G 226 -2.13 4.70 12.18
C TYR G 226 -0.98 4.98 13.13
N ALA G 227 -0.73 4.01 14.01
CA ALA G 227 0.28 4.17 15.05
C ALA G 227 1.68 4.12 14.46
N ALA G 228 2.54 5.01 14.94
CA ALA G 228 3.94 5.04 14.50
C ALA G 228 4.77 5.73 15.57
N LEU G 229 6.09 5.60 15.43
CA LEU G 229 7.09 6.21 16.29
C LEU G 229 6.73 6.25 17.77
N ILE G 230 5.84 7.15 18.16
CA ILE G 230 5.61 7.42 19.57
C ILE G 230 4.84 6.29 20.23
N ASP G 231 4.87 6.27 21.56
CA ASP G 231 3.98 5.43 22.36
C ASP G 231 3.22 6.32 23.32
N PRO G 232 1.90 6.19 23.44
CA PRO G 232 1.14 7.17 24.25
C PRO G 232 1.28 6.96 25.74
N GLU G 233 1.51 5.73 26.19
CA GLU G 233 1.60 5.50 27.64
C GLU G 233 2.75 6.15 28.40
N ARG G 234 3.96 6.08 27.86
CA ARG G 234 5.12 6.66 28.55
C ARG G 234 5.46 8.08 28.13
N GLY G 235 4.95 8.49 26.96
CA GLY G 235 5.24 9.80 26.41
C GLY G 235 6.53 9.86 25.60
N SER G 236 7.20 8.72 25.46
CA SER G 236 8.43 8.60 24.72
C SER G 236 8.20 8.62 23.22
N ILE G 237 9.19 9.10 22.48
CA ILE G 237 9.10 9.12 21.03
C ILE G 237 10.23 8.27 20.49
N ARG G 238 9.91 7.30 19.64
CA ARG G 238 11.00 6.52 19.07
C ARG G 238 11.70 7.34 17.99
N ASN G 239 12.80 6.78 17.47
CA ASN G 239 13.63 7.48 16.51
C ASN G 239 12.81 7.93 15.30
N VAL G 240 12.87 9.24 15.01
CA VAL G 240 12.10 9.84 13.94
C VAL G 240 13.04 10.16 12.79
N MET G 241 12.84 9.49 11.66
CA MET G 241 13.76 9.59 10.52
C MET G 241 15.17 9.23 10.97
N GLY G 242 16.17 9.81 10.31
CA GLY G 242 17.53 9.63 10.78
C GLY G 242 17.76 10.26 12.14
N PHE G 243 17.10 11.38 12.40
CA PHE G 243 17.39 12.18 13.58
C PHE G 243 16.88 11.51 14.85
N GLU G 244 17.74 11.42 15.84
CA GLU G 244 17.36 10.96 17.18
C GLU G 244 16.87 12.18 17.96
N VAL G 245 15.59 12.16 18.35
CA VAL G 245 15.00 13.32 18.98
C VAL G 245 15.41 13.38 20.44
N VAL G 246 16.06 14.46 20.83
CA VAL G 246 16.55 14.66 22.19
C VAL G 246 15.95 15.95 22.74
N GLU G 247 15.39 15.86 23.94
CA GLU G 247 14.77 17.01 24.60
C GLU G 247 15.71 17.52 25.67
N VAL G 248 15.99 18.82 25.63
CA VAL G 248 16.91 19.46 26.57
C VAL G 248 16.27 20.74 27.11
N PRO G 249 16.01 20.83 28.42
CA PRO G 249 15.52 22.10 28.97
C PRO G 249 16.50 23.25 28.79
N HIS G 250 17.80 22.98 28.90
CA HIS G 250 18.82 24.02 28.86
C HIS G 250 19.36 24.24 27.43
N LEU G 251 18.42 24.44 26.51
CA LEU G 251 18.78 24.88 25.18
C LEU G 251 18.60 26.40 25.09
N THR G 252 19.30 27.02 24.14
CA THR G 252 19.49 28.48 24.10
C THR G 252 20.18 28.95 25.37
N ALA G 253 21.03 28.11 25.93
CA ALA G 253 21.88 28.45 27.06
C ALA G 253 23.32 28.42 26.61
N GLY G 254 24.06 29.48 26.90
CA GLY G 254 25.43 29.55 26.45
C GLY G 254 26.40 28.96 27.45
N GLY G 255 27.68 29.20 27.19
CA GLY G 255 28.70 28.82 28.13
C GLY G 255 28.86 29.82 29.26
N ALA G 256 29.89 29.62 30.08
CA ALA G 256 30.15 30.54 31.17
C ALA G 256 31.04 31.69 30.70
N GLY G 257 31.15 32.72 31.53
CA GLY G 257 31.98 33.87 31.25
C GLY G 257 32.60 34.43 32.51
N ASP G 258 33.26 35.57 32.35
CA ASP G 258 33.86 36.24 33.49
C ASP G 258 32.77 36.82 34.39
N ASP G 259 32.77 36.38 35.65
CA ASP G 259 31.85 36.62 36.76
C ASP G 259 30.68 35.63 36.71
N ARG G 260 29.85 35.63 37.74
CA ARG G 260 28.71 34.75 37.84
C ARG G 260 27.42 35.55 37.73
N PRO G 261 26.64 35.37 36.67
CA PRO G 261 25.46 36.23 36.45
C PRO G 261 24.34 35.89 37.42
N ASP G 262 23.38 36.81 37.49
CA ASP G 262 22.17 36.62 38.26
C ASP G 262 21.16 35.83 37.42
N GLU G 263 19.92 35.72 37.90
CA GLU G 263 18.89 35.01 37.13
C GLU G 263 18.50 35.78 35.89
N GLY G 264 18.37 37.10 36.00
CA GLY G 264 17.96 37.92 34.87
C GLY G 264 19.11 38.70 34.26
N ALA G 265 20.28 38.07 34.16
CA ALA G 265 21.45 38.72 33.61
C ALA G 265 22.32 37.68 32.93
N GLU G 266 23.27 38.16 32.12
CA GLU G 266 24.21 37.32 31.41
C GLU G 266 25.61 37.60 31.91
N ALA G 267 26.53 36.68 31.62
CA ALA G 267 27.92 36.85 31.99
C ALA G 267 28.52 38.05 31.26
N THR G 268 29.58 38.61 31.84
CA THR G 268 30.18 39.81 31.26
C THR G 268 30.74 39.54 29.87
N ASN G 269 31.54 38.48 29.71
CA ASN G 269 32.08 38.08 28.42
C ASN G 269 31.83 36.58 28.25
N GLN G 270 30.66 36.23 27.75
CA GLN G 270 30.32 34.84 27.52
C GLN G 270 31.11 34.29 26.33
N LYS G 271 31.80 33.17 26.55
CA LYS G 271 32.64 32.63 25.49
C LYS G 271 31.81 32.07 24.36
N HIS G 272 30.98 31.08 24.66
CA HIS G 272 30.09 30.47 23.68
C HIS G 272 28.66 30.83 24.05
N ALA G 273 28.03 31.65 23.22
CA ALA G 273 26.73 32.24 23.57
C ALA G 273 25.72 31.95 22.47
N PHE G 274 24.46 31.88 22.87
CA PHE G 274 23.34 31.71 21.95
C PHE G 274 22.77 33.08 21.63
N PRO G 275 22.80 33.52 20.37
CA PRO G 275 22.36 34.89 20.05
C PRO G 275 20.90 35.10 20.44
N ALA G 276 20.62 36.30 20.97
CA ALA G 276 19.26 36.61 21.41
C ALA G 276 18.42 37.16 20.26
N ALA G 277 19.02 38.02 19.44
CA ALA G 277 18.32 38.64 18.31
C ALA G 277 19.21 38.60 17.07
N GLY G 278 19.93 37.49 16.90
CA GLY G 278 20.80 37.34 15.76
C GLY G 278 20.04 37.10 14.48
N GLY G 279 20.77 37.09 13.36
CA GLY G 279 20.14 36.92 12.07
C GLY G 279 19.52 35.55 11.88
N LYS G 280 20.22 34.50 12.30
CA LYS G 280 19.80 33.13 12.08
C LYS G 280 19.74 32.38 13.41
N VAL G 281 18.70 31.56 13.56
CA VAL G 281 18.52 30.61 14.67
C VAL G 281 18.83 31.28 16.01
N ASN G 282 18.36 32.52 16.17
CA ASN G 282 18.57 33.22 17.44
C ASN G 282 17.63 32.68 18.51
N LYS G 283 17.75 33.22 19.72
CA LYS G 283 17.05 32.68 20.86
C LYS G 283 15.54 32.93 20.77
N GLU G 284 15.13 34.00 20.09
CA GLU G 284 13.73 34.39 20.14
C GLU G 284 12.83 33.40 19.40
N ASN G 285 13.25 32.94 18.22
CA ASN G 285 12.47 31.98 17.45
C ASN G 285 13.34 30.79 17.05
N VAL G 286 13.35 29.76 17.88
CA VAL G 286 14.08 28.54 17.60
C VAL G 286 13.23 27.35 18.02
N VAL G 287 13.23 26.32 17.18
CA VAL G 287 12.48 25.09 17.44
C VAL G 287 13.41 23.94 17.79
N GLY G 288 14.48 23.77 17.02
CA GLY G 288 15.43 22.72 17.31
C GLY G 288 16.67 22.81 16.45
N LEU G 289 17.71 22.11 16.88
CA LEU G 289 18.98 22.03 16.17
C LEU G 289 19.25 20.57 15.83
N PHE G 290 19.40 20.27 14.54
CA PHE G 290 19.75 18.94 14.09
C PHE G 290 21.18 18.94 13.56
N GLN G 291 21.91 17.88 13.84
CA GLN G 291 23.33 17.82 13.56
C GLN G 291 23.81 16.39 13.48
N HIS G 292 24.97 16.19 12.88
CA HIS G 292 25.60 14.89 12.74
C HIS G 292 26.85 14.89 13.61
N ARG G 293 27.30 13.69 14.00
CA ARG G 293 28.37 13.49 14.98
C ARG G 293 29.51 14.50 14.86
N SER G 294 29.96 14.76 13.63
CA SER G 294 31.14 15.58 13.38
C SER G 294 30.85 17.08 13.36
N ALA G 295 29.63 17.50 13.73
CA ALA G 295 29.29 18.92 13.61
C ALA G 295 29.94 19.75 14.71
N VAL G 296 30.19 19.16 15.87
CA VAL G 296 30.78 19.87 16.99
C VAL G 296 31.92 19.03 17.55
N GLY G 297 32.90 19.70 18.15
CA GLY G 297 34.03 19.02 18.73
C GLY G 297 34.47 19.69 20.02
N THR G 298 35.06 18.89 20.90
CA THR G 298 35.48 19.35 22.22
C THR G 298 36.88 18.85 22.51
N VAL G 299 37.72 19.76 23.01
CA VAL G 299 39.10 19.44 23.41
C VAL G 299 39.24 19.71 24.89
N LYS G 300 39.66 18.69 25.64
CA LYS G 300 39.72 18.75 27.10
C LYS G 300 41.17 18.61 27.56
N LEU G 301 41.55 19.43 28.55
CA LEU G 301 42.88 19.40 29.14
C LEU G 301 42.76 19.44 30.66
N LYS G 302 43.56 18.61 31.33
CA LYS G 302 43.73 18.54 32.79
C LYS G 302 42.50 17.94 33.48
N ASP G 303 41.45 17.59 32.73
CA ASP G 303 40.27 16.93 33.28
C ASP G 303 39.62 17.75 34.38
N LEU G 304 38.92 17.10 35.31
CA LEU G 304 38.16 17.77 36.36
C LEU G 304 38.61 17.24 37.71
N ALA G 305 38.66 18.13 38.71
CA ALA G 305 39.13 17.77 40.04
C ALA G 305 38.40 18.61 41.09
N LEU G 306 38.40 18.10 42.31
CA LEU G 306 37.82 18.77 43.47
C LEU G 306 38.93 19.11 44.45
N GLU G 307 38.92 20.34 44.95
CA GLU G 307 39.92 20.79 45.91
C GLU G 307 39.23 21.47 47.08
N ARG G 308 39.73 21.20 48.28
CA ARG G 308 39.20 21.79 49.51
C ARG G 308 40.31 22.49 50.26
N ALA G 309 40.05 23.73 50.66
CA ALA G 309 41.01 24.51 51.43
C ALA G 309 40.29 25.22 52.57
N ARG G 310 41.04 25.55 53.61
CA ARG G 310 40.51 26.23 54.78
C ARG G 310 41.12 27.62 54.88
N ARG G 311 40.27 28.62 55.11
CA ARG G 311 40.71 30.01 55.30
C ARG G 311 40.58 30.34 56.78
N THR G 312 41.70 30.20 57.51
CA THR G 312 41.67 30.42 58.95
C THR G 312 41.45 31.89 59.29
N GLU G 313 41.96 32.79 58.46
CA GLU G 313 41.81 34.22 58.73
C GLU G 313 40.36 34.66 58.63
N TYR G 314 39.56 33.95 57.84
CA TYR G 314 38.12 34.18 57.80
C TYR G 314 37.34 33.12 58.56
N GLN G 315 38.00 32.12 59.13
CA GLN G 315 37.35 31.02 59.85
C GLN G 315 36.30 30.33 58.99
N ALA G 316 36.64 30.03 57.74
CA ALA G 316 35.71 29.46 56.78
C ALA G 316 36.36 28.32 56.02
N ASP G 317 35.53 27.38 55.56
CA ASP G 317 36.01 26.31 54.70
C ASP G 317 35.58 26.56 53.27
N GLN G 318 36.40 26.13 52.31
CA GLN G 318 36.17 26.40 50.90
C GLN G 318 36.24 25.11 50.10
N ILE G 319 35.33 24.96 49.14
CA ILE G 319 35.30 23.83 48.22
C ILE G 319 35.25 24.40 46.81
N VAL G 320 36.10 23.90 45.92
CA VAL G 320 36.21 24.42 44.57
C VAL G 320 36.36 23.26 43.59
N ALA G 321 35.73 23.38 42.42
CA ALA G 321 35.88 22.44 41.32
C ALA G 321 36.33 23.23 40.10
N LYS G 322 37.05 22.56 39.20
CA LYS G 322 37.70 23.26 38.10
C LYS G 322 38.02 22.30 36.97
N TYR G 323 38.03 22.83 35.74
CA TYR G 323 38.55 22.12 34.58
C TYR G 323 38.93 23.13 33.52
N ALA G 324 39.55 22.62 32.45
CA ALA G 324 39.92 23.43 31.29
C ALA G 324 39.53 22.67 30.03
N MET G 325 38.57 23.21 29.28
CA MET G 325 38.07 22.56 28.08
C MET G 325 37.88 23.61 26.99
N GLY G 326 37.88 23.13 25.74
CA GLY G 326 37.68 24.00 24.61
C GLY G 326 36.65 23.45 23.65
N HIS G 327 35.76 24.32 23.16
CA HIS G 327 34.67 23.93 22.29
C HIS G 327 34.75 24.73 21.00
N GLY G 328 34.50 24.06 19.86
CA GLY G 328 34.59 24.72 18.58
C GLY G 328 33.68 24.05 17.56
N GLY G 329 33.47 24.76 16.47
CA GLY G 329 32.61 24.30 15.39
C GLY G 329 33.43 23.82 14.21
N LEU G 330 33.18 22.58 13.80
CA LEU G 330 33.83 21.96 12.66
C LEU G 330 32.80 21.19 11.86
N ARG G 331 33.05 21.07 10.55
CA ARG G 331 32.09 20.48 9.61
C ARG G 331 30.77 21.23 9.65
N PRO G 332 30.72 22.48 9.16
CA PRO G 332 29.45 23.21 9.18
C PRO G 332 28.36 22.58 8.33
N GLU G 333 28.73 21.73 7.37
CA GLU G 333 27.72 21.08 6.53
C GLU G 333 26.91 20.05 7.32
N SER G 334 27.49 19.51 8.40
CA SER G 334 26.76 18.57 9.23
C SER G 334 25.76 19.29 10.12
N ALA G 335 25.95 20.60 10.32
CA ALA G 335 25.07 21.35 11.21
C ALA G 335 23.74 21.63 10.55
N GLY G 336 22.77 22.07 11.35
CA GLY G 336 21.47 22.43 10.85
C GLY G 336 20.66 23.14 11.91
N ALA G 337 19.52 23.70 11.49
CA ALA G 337 18.64 24.43 12.38
C ALA G 337 17.21 24.30 11.90
N LEU G 338 16.28 24.62 12.79
CA LEU G 338 14.85 24.57 12.50
C LEU G 338 14.18 25.65 13.34
N VAL G 339 13.69 26.71 12.68
CA VAL G 339 13.28 27.92 13.37
C VAL G 339 11.91 28.38 12.87
N PHE G 340 11.28 29.24 13.68
CA PHE G 340 10.01 29.85 13.30
C PHE G 340 10.23 30.90 12.21
N THR G 341 9.18 31.16 11.44
CA THR G 341 9.25 32.19 10.41
C THR G 341 9.18 33.58 11.06
N ALA G 342 10.05 34.47 10.58
CA ALA G 342 10.04 35.84 11.08
C ALA G 342 8.71 36.51 10.76
N ALA G 343 8.20 37.27 11.73
CA ALA G 343 6.90 37.91 11.58
C ALA G 343 6.89 38.89 10.40
N SER G 344 7.86 39.81 10.39
CA SER G 344 7.95 40.78 9.29
C SER G 344 9.39 41.24 9.12
N ALA G 345 9.73 42.40 9.66
CA ALA G 345 11.07 42.95 9.54
C ALA G 345 11.49 43.64 10.83
#